data_1AL4
# 
_entry.id   1AL4 
# 
_audit_conform.dict_name       mmcif_pdbx.dic 
_audit_conform.dict_version    5.399 
_audit_conform.dict_location   http://mmcif.pdb.org/dictionaries/ascii/mmcif_pdbx.dic 
# 
loop_
_database_2.database_id 
_database_2.database_code 
_database_2.pdbx_database_accession 
_database_2.pdbx_DOI 
PDB   1AL4         pdb_00001al4 10.2210/pdb1al4/pdb 
WWPDB D_1000170951 ?            ?                   
# 
loop_
_pdbx_audit_revision_history.ordinal 
_pdbx_audit_revision_history.data_content_type 
_pdbx_audit_revision_history.major_revision 
_pdbx_audit_revision_history.minor_revision 
_pdbx_audit_revision_history.revision_date 
1 'Structure model' 1 0 1998-03-04 
2 'Structure model' 1 1 2011-06-14 
3 'Structure model' 1 2 2011-07-13 
4 'Structure model' 1 3 2011-07-27 
5 'Structure model' 1 4 2012-12-12 
6 'Structure model' 1 5 2023-08-02 
7 'Structure model' 2 0 2023-11-15 
8 'Structure model' 2 1 2024-11-20 
# 
_pdbx_audit_revision_details.ordinal             1 
_pdbx_audit_revision_details.revision_ordinal    1 
_pdbx_audit_revision_details.data_content_type   'Structure model' 
_pdbx_audit_revision_details.provider            repository 
_pdbx_audit_revision_details.type                'Initial release' 
_pdbx_audit_revision_details.description         ? 
_pdbx_audit_revision_details.details             ? 
# 
loop_
_pdbx_audit_revision_group.ordinal 
_pdbx_audit_revision_group.revision_ordinal 
_pdbx_audit_revision_group.data_content_type 
_pdbx_audit_revision_group.group 
1  2 'Structure model' 'Version format compliance' 
2  3 'Structure model' 'Version format compliance' 
3  4 'Structure model' 'Atomic model'              
4  4 'Structure model' 'Database references'       
5  4 'Structure model' 'Derived calculations'      
6  4 'Structure model' 'Non-polymer description'   
7  4 'Structure model' 'Structure summary'         
8  5 'Structure model' Other                       
9  6 'Structure model' 'Database references'       
10 6 'Structure model' 'Derived calculations'      
11 6 'Structure model' Other                       
12 6 'Structure model' 'Refinement description'    
13 7 'Structure model' 'Atomic model'              
14 7 'Structure model' 'Data collection'           
15 7 'Structure model' 'Derived calculations'      
16 8 'Structure model' 'Structure summary'         
# 
loop_
_pdbx_audit_revision_category.ordinal 
_pdbx_audit_revision_category.revision_ordinal 
_pdbx_audit_revision_category.data_content_type 
_pdbx_audit_revision_category.category 
1  6 'Structure model' database_2                    
2  6 'Structure model' pdbx_database_status          
3  6 'Structure model' pdbx_initial_refinement_model 
4  6 'Structure model' struct_conn                   
5  6 'Structure model' struct_ref_seq_dif            
6  6 'Structure model' struct_site                   
7  7 'Structure model' atom_site                     
8  7 'Structure model' atom_site_anisotrop           
9  7 'Structure model' chem_comp_atom                
10 7 'Structure model' chem_comp_bond                
11 7 'Structure model' struct_conn                   
12 8 'Structure model' pdbx_entry_details            
13 8 'Structure model' pdbx_modification_feature     
# 
loop_
_pdbx_audit_revision_item.ordinal 
_pdbx_audit_revision_item.revision_ordinal 
_pdbx_audit_revision_item.data_content_type 
_pdbx_audit_revision_item.item 
1  6 'Structure model' '_database_2.pdbx_DOI'                         
2  6 'Structure model' '_database_2.pdbx_database_accession'          
3  6 'Structure model' '_pdbx_database_status.process_site'           
4  6 'Structure model' '_struct_conn.pdbx_leaving_atom_flag'          
5  6 'Structure model' '_struct_ref_seq_dif.details'                  
6  6 'Structure model' '_struct_site.pdbx_auth_asym_id'               
7  6 'Structure model' '_struct_site.pdbx_auth_comp_id'               
8  6 'Structure model' '_struct_site.pdbx_auth_seq_id'                
9  7 'Structure model' '_atom_site.auth_atom_id'                      
10 7 'Structure model' '_atom_site.label_atom_id'                     
11 7 'Structure model' '_atom_site_anisotrop.pdbx_auth_atom_id'       
12 7 'Structure model' '_atom_site_anisotrop.pdbx_label_atom_id'      
13 7 'Structure model' '_struct_conn.pdbx_leaving_atom_flag'          
14 8 'Structure model' '_pdbx_entry_details.has_protein_modification' 
# 
_pdbx_database_status.status_code                     REL 
_pdbx_database_status.entry_id                        1AL4 
_pdbx_database_status.recvd_initial_deposition_date   1997-06-11 
_pdbx_database_status.deposit_site                    ? 
_pdbx_database_status.process_site                    BNL 
_pdbx_database_status.SG_entry                        . 
_pdbx_database_status.status_code_sf                  REL 
_pdbx_database_status.status_code_mr                  ? 
_pdbx_database_status.pdb_format_compatible           Y 
_pdbx_database_status.status_code_cs                  ? 
_pdbx_database_status.status_code_nmr_data            ? 
_pdbx_database_status.methods_development_category    ? 
# 
loop_
_pdbx_database_related.db_name 
_pdbx_database_related.db_id 
_pdbx_database_related.content_type 
_pdbx_database_related.details 
PDB 1TK2 unspecified 'CRYSTAL STRUCTURE OF GRAMICIDIN S COMPLEXED WITH ALKALINE PROTEINASE SAVINASE' 
PDB 2XDC unspecified 'CRYSTAL STRUCTURE OF GRAMICIDIN A FROM CRYSTALS GROWN IN A LIPID CUBIC PHASE.' 
PDB 1AV2 unspecified 'CRYSTAL STRUCTURE OF GRAMICIDIN A COMPLEXED WITH CESIUM CHLORIDE' 
PDB 1BDW unspecified 'CRYSTAL STRUCTURE OF GRAMICIDIN A FROM BACILLUS BREVIS' 
PDB 1C4D unspecified 'CRYSTAL STRUCTURE OF GRAMICIDIN A COMPLEXED WITH CESIUM CHLORIDE' 
PDB 1GMK unspecified 'CRYSTAL STRUCTURE OF GRAMICIDIN A COMPLRXED WITH POTASSIUM THIOCYANATE' 
PDB 1GRM unspecified 'SOLUTION STRUCTURE OF THE GRAMICIDIN A' 
PDB 1JNO unspecified 'SOLUTION STRUCTURE OF GRAMICIDIN A IN SODIUM DODECYL SULFATE MICELLES' 
PDB 1KQE unspecified 'SOLUTION STRUCTURE OF A LINKED SHORTENED GRAMICIDIN A IN BENZENE/ACETONE 10:1' 
PDB 1MAG unspecified 'SOLID STATE NMR STRUCTURE OF GRAMICIDIN A IN HYDRATED DMPC BILAYERS,' 
PDB 1MIC unspecified 'SOLUTION STRUCTURE OF GRAMICIDIN A IN METHANOL IN THE PRESENCE OF CACL' 
PDB 1NG8 unspecified 'SOLUTION STRUCTURE OF GRAMICIDIN A (W15G) IN SODIUM DODECYL SULFATE MICELLES' 
PDB 1NRM unspecified 'SOLUTION STRUCTURE OF GRAMICIDIN A IN DODECYL PHOSPHOCHOLINE MICELLES' 
PDB 1NRU unspecified 'SOLUTION STRUCTURE OF GRAMICIDIN A IN DODECYL PHOSPHOCHOLINE MICELLES IN THE PRESENCE OF EXCESS NA+' 
PDB 1NT5 unspecified 'SOLUTION STRUCTURE OF GRAMICIDIN A (V1F) IN SODIUM DODECYL SULFATE MICELLES' 
PDB 1JO3 unspecified 'SOLUTION STRUCTURE OF GRAMICIDIN B IN SODIUM DODECYL SULFATE MICELLES' 
PDB 1JO4 unspecified 'SOLUTION STRUCTURE OF GRAMICIDIN C IN SODIUM DODECYL SULFATE MICELLES' 
PDB 1NT6 unspecified 'SOLUTION STRUCTURE OF F1-GRAMICIDIN C IN SODIUM DODECYL SULFATE MICELLES' 
PDB 1TKQ unspecified 
'SOLUTION STRUCTURE OF A LINKED UNSYMMETRIC GRAMICIDIN A IN A MEMBRANE-ISOELECTRICAL SOLVENTS MIXTURE, IN THE PRESENCE OF CSCL' 
PDB 1W5U unspecified 'CRYSTAL STRUCTURE OF GRAMICIDIN D IN ETHANOL' 
PDB 2IZQ unspecified 'CRYSTAL STRUCTURE OF GRAMICIDIN D COMPLEX WITH KI IN METHANOL' 
PDB 3L8L unspecified 'CRYSTAL STRUCTURE OF GRAMICIDIN D COMPLEX WITH NAI' 
PDB 1ALX unspecified 'CRYSTAL STRUCTURE OF GRAMICIDIN D IN METHANOL' 
PDB 1ALZ unspecified 'CRYSTAL STRUCTURE OF GRAMICIDIN D IN ETHANOL' 
# 
loop_
_audit_author.name 
_audit_author.pdbx_ordinal 
'Burkhart, B.M.' 1 
'Gassman, R.M.'  2 
'Pangborn, W.A.' 3 
'Duax, W.L.'     4 
# 
_citation.id                        primary 
_citation.title                     'Heterodimer Formation and Crystal Nucleation of Gramicidin D' 
_citation.journal_abbrev            Biophys.J. 
_citation.journal_volume            75 
_citation.page_first                2135 
_citation.page_last                 ? 
_citation.year                      1998 
_citation.journal_id_ASTM           BIOJAU 
_citation.country                   US 
_citation.journal_id_ISSN           0006-3495 
_citation.journal_id_CSD            0030 
_citation.book_publisher            ? 
_citation.pdbx_database_id_PubMed   9788907 
_citation.pdbx_database_id_DOI      '10.1016/S0006-3495(98)77656-8' 
# 
loop_
_citation_author.citation_id 
_citation_author.name 
_citation_author.ordinal 
_citation_author.identifier_ORCID 
primary 'Burkhart, B.M.' 1 ? 
primary 'Gassman, R.M.'  2 ? 
primary 'Langs, D.A.'    3 ? 
primary 'Pangborn, W.A.' 4 ? 
primary 'Duax, W.L.'     5 ? 
# 
loop_
_entity.id 
_entity.type 
_entity.src_method 
_entity.pdbx_description 
_entity.formula_weight 
_entity.pdbx_number_of_molecules 
_entity.pdbx_ec 
_entity.pdbx_mutation 
_entity.pdbx_fragment 
_entity.details 
1 polymer     nat 'GRAMICIDIN D' 1882.294 2  ? ? ? ? 
2 non-polymer syn N-PROPANOL     60.095   10 ? ? ? ? 
# 
_entity_poly.entity_id                      1 
_entity_poly.type                           'polypeptide(L)' 
_entity_poly.nstd_linkage                   no 
_entity_poly.nstd_monomer                   yes 
_entity_poly.pdbx_seq_one_letter_code       '(FVA)GA(DLE)A(DVA)V(DVA)W(DLE)W(DLE)W(DLE)W(ETA)' 
_entity_poly.pdbx_seq_one_letter_code_can   VGALAVVVWLWLWLWX 
_entity_poly.pdbx_strand_id                 A,B 
_entity_poly.pdbx_target_identifier         ? 
# 
_pdbx_entity_nonpoly.entity_id   2 
_pdbx_entity_nonpoly.name        N-PROPANOL 
_pdbx_entity_nonpoly.comp_id     POL 
# 
loop_
_entity_poly_seq.entity_id 
_entity_poly_seq.num 
_entity_poly_seq.mon_id 
_entity_poly_seq.hetero 
1 1  FVA y 
1 1  QIL y 
1 2  GLY n 
1 3  ALA n 
1 4  DLE n 
1 5  ALA n 
1 6  DVA n 
1 7  VAL n 
1 8  DVA n 
1 9  TRP n 
1 10 DLE n 
1 11 TRP n 
1 12 DLE n 
1 13 TRP n 
1 14 DLE n 
1 15 TRP n 
1 16 ETA n 
# 
_entity_src_nat.entity_id                  1 
_entity_src_nat.pdbx_src_id                1 
_entity_src_nat.pdbx_alt_source_flag       sample 
_entity_src_nat.pdbx_beg_seq_num           ? 
_entity_src_nat.pdbx_end_seq_num           ? 
_entity_src_nat.common_name                ? 
_entity_src_nat.pdbx_organism_scientific   'BREVIBACILLUS BREVIS' 
_entity_src_nat.pdbx_ncbi_taxonomy_id      1393 
_entity_src_nat.genus                      ? 
_entity_src_nat.species                    ? 
_entity_src_nat.strain                     ? 
_entity_src_nat.tissue                     ? 
_entity_src_nat.tissue_fraction            ? 
_entity_src_nat.pdbx_secretion             ? 
_entity_src_nat.pdbx_fragment              ? 
_entity_src_nat.pdbx_variant               ? 
_entity_src_nat.pdbx_cell_line             ? 
_entity_src_nat.pdbx_atcc                  ? 
_entity_src_nat.pdbx_cellular_location     ? 
_entity_src_nat.pdbx_organ                 ? 
_entity_src_nat.pdbx_organelle             ? 
_entity_src_nat.pdbx_cell                  ? 
_entity_src_nat.pdbx_plasmid_name          ? 
_entity_src_nat.pdbx_plasmid_details       ? 
_entity_src_nat.details                    ? 
# 
loop_
_chem_comp.id 
_chem_comp.type 
_chem_comp.mon_nstd_flag 
_chem_comp.name 
_chem_comp.pdbx_synonyms 
_chem_comp.formula 
_chem_comp.formula_weight 
ALA 'L-peptide linking'               y ALANINE               ?          'C3 H7 N O2'    89.093  
DLE 'D-peptide linking'               . D-LEUCINE             ?          'C6 H13 N O2'   131.173 
DVA 'D-peptide linking'               . D-VALINE              ?          'C5 H11 N O2'   117.146 
ETA 'L-peptide COOH carboxy terminus' . ETHANOLAMINE          ?          'C2 H7 N O'     61.083  
FVA 'L-peptide linking'               n N-formyl-L-valine     ?          'C6 H11 N O3'   145.156 
GLY 'peptide linking'                 y GLYCINE               ?          'C2 H5 N O2'    75.067  
POL non-polymer                       . N-PROPANOL            1-PROPONOL 'C3 H8 O'       60.095  
QIL 'L-peptide linking'               n N-formyl-L-isoleucine ?          'C7 H13 N O3'   159.183 
TRP 'L-peptide linking'               y TRYPTOPHAN            ?          'C11 H12 N2 O2' 204.225 
VAL 'L-peptide linking'               y VALINE                ?          'C5 H11 N O2'   117.146 
# 
loop_
_pdbx_poly_seq_scheme.asym_id 
_pdbx_poly_seq_scheme.entity_id 
_pdbx_poly_seq_scheme.seq_id 
_pdbx_poly_seq_scheme.mon_id 
_pdbx_poly_seq_scheme.ndb_seq_num 
_pdbx_poly_seq_scheme.pdb_seq_num 
_pdbx_poly_seq_scheme.auth_seq_num 
_pdbx_poly_seq_scheme.pdb_mon_id 
_pdbx_poly_seq_scheme.auth_mon_id 
_pdbx_poly_seq_scheme.pdb_strand_id 
_pdbx_poly_seq_scheme.pdb_ins_code 
_pdbx_poly_seq_scheme.hetero 
A 1 1  FVA 1  1  1  FVA FVA A . y 
A 1 1  QIL 1  1  1  QIL QIL A . y 
A 1 2  GLY 2  2  2  GLY GLY A . n 
A 1 3  ALA 3  3  3  ALA ALA A . n 
A 1 4  DLE 4  4  4  DLE DLE A . n 
A 1 5  ALA 5  5  5  ALA ALA A . n 
A 1 6  DVA 6  6  6  DVA DVA A . n 
A 1 7  VAL 7  7  7  VAL VAL A . n 
A 1 8  DVA 8  8  8  DVA DVA A . n 
A 1 9  TRP 9  9  9  TRP TRP A . n 
A 1 10 DLE 10 10 10 DLE DLE A . n 
A 1 11 TRP 11 11 11 TRP TRP A . n 
A 1 12 DLE 12 12 12 DLE DLE A . n 
A 1 13 TRP 13 13 13 TRP TRP A . n 
A 1 14 DLE 14 14 14 DLE DLE A . n 
A 1 15 TRP 15 15 15 TRP TRP A . n 
A 1 16 ETA 16 16 16 ETA ETA A . n 
B 1 1  FVA 1  1  1  FVA FVA B . y 
B 1 1  QIL 1  1  1  QIL QIL B . y 
B 1 2  GLY 2  2  2  GLY GLY B . n 
B 1 3  ALA 3  3  3  ALA ALA B . n 
B 1 4  DLE 4  4  4  DLE DLE B . n 
B 1 5  ALA 5  5  5  ALA ALA B . n 
B 1 6  DVA 6  6  6  DVA DVA B . n 
B 1 7  VAL 7  7  7  VAL VAL B . n 
B 1 8  DVA 8  8  8  DVA DVA B . n 
B 1 9  TRP 9  9  9  TRP TRP B . n 
B 1 10 DLE 10 10 10 DLE DLE B . n 
B 1 11 TRP 11 11 11 TRP TRP B . n 
B 1 12 DLE 12 12 12 DLE DLE B . n 
B 1 13 TRP 13 13 13 TRP TRP B . n 
B 1 14 DLE 14 14 14 DLE DLE B . n 
B 1 15 TRP 15 15 15 TRP TRP B . n 
B 1 16 ETA 16 16 16 ETA ETA B . n 
# 
loop_
_pdbx_nonpoly_scheme.asym_id 
_pdbx_nonpoly_scheme.entity_id 
_pdbx_nonpoly_scheme.mon_id 
_pdbx_nonpoly_scheme.ndb_seq_num 
_pdbx_nonpoly_scheme.pdb_seq_num 
_pdbx_nonpoly_scheme.auth_seq_num 
_pdbx_nonpoly_scheme.pdb_mon_id 
_pdbx_nonpoly_scheme.auth_mon_id 
_pdbx_nonpoly_scheme.pdb_strand_id 
_pdbx_nonpoly_scheme.pdb_ins_code 
C 2 POL 1 502 502 POL POL A . 
D 2 POL 1 503 503 POL POL A . 
E 2 POL 1 506 506 POL POL A . 
F 2 POL 1 507 507 POL POL A . 
G 2 POL 1 508 508 POL POL A . 
H 2 POL 1 509 509 POL POL A . 
I 2 POL 1 501 501 POL POL B . 
J 2 POL 1 504 504 POL POL B . 
K 2 POL 1 505 505 POL POL B . 
L 2 POL 1 510 510 POL POL B . 
# 
loop_
_software.name 
_software.classification 
_software.version 
_software.citation_id 
_software.pdbx_ordinal 
SHELXL-97 'model building' . ? 1 
SHELXL-97 refinement       . ? 2 
DENZO     'data reduction' . ? 3 
SCALEPACK 'data scaling'   . ? 4 
SHELXL-97 phasing          . ? 5 
# 
_cell.entry_id           1AL4 
_cell.length_a           32.434 
_cell.length_b           32.461 
_cell.length_c           24.148 
_cell.angle_alpha        90.00 
_cell.angle_beta         90.00 
_cell.angle_gamma        90.00 
_cell.Z_PDB              8 
_cell.pdbx_unique_axis   ? 
# 
_symmetry.entry_id                         1AL4 
_symmetry.space_group_name_H-M             'P 21 21 21' 
_symmetry.pdbx_full_space_group_name_H-M   ? 
_symmetry.cell_setting                     ? 
_symmetry.Int_Tables_number                19 
# 
_exptl.entry_id          1AL4 
_exptl.method            'X-RAY DIFFRACTION' 
_exptl.crystals_number   1 
# 
_exptl_crystal.id                    1 
_exptl_crystal.density_meas          ? 
_exptl_crystal.density_Matthews      1.69 
_exptl_crystal.density_percent_sol   27.15 
_exptl_crystal.description           'ISOMORPHOUS TO 1ALZ' 
# 
_exptl_crystal_grow.crystal_id      1 
_exptl_crystal_grow.method          ? 
_exptl_crystal_grow.temp            ? 
_exptl_crystal_grow.temp_details    ? 
_exptl_crystal_grow.pH              7.0 
_exptl_crystal_grow.pdbx_pH_range   ? 
_exptl_crystal_grow.pdbx_details    
'CRYSTALLIZED BY BATCH METHODS FROM A SATURATED SOLUTION OF GRAMICIDIN D IN N-PROPANOL, PH 7.0, BATCH METHOD' 
# 
_diffrn.id                     1 
_diffrn.ambient_temp           120 
_diffrn.ambient_temp_details   ? 
_diffrn.crystal_id             1 
# 
_diffrn_detector.diffrn_id              1 
_diffrn_detector.detector               'IMAGE PLATE' 
_diffrn_detector.type                   'RIGAKU RAXIS II' 
_diffrn_detector.pdbx_collection_date   1996-09 
_diffrn_detector.details                COLLIMATOR 
# 
_diffrn_radiation.diffrn_id                        1 
_diffrn_radiation.wavelength_id                    1 
_diffrn_radiation.pdbx_monochromatic_or_laue_m_l   M 
_diffrn_radiation.monochromator                    'GRAPHITE(002)' 
_diffrn_radiation.pdbx_diffrn_protocol             ? 
_diffrn_radiation.pdbx_scattering_type             x-ray 
# 
_diffrn_radiation_wavelength.id           1 
_diffrn_radiation_wavelength.wavelength   1.5418 
_diffrn_radiation_wavelength.wt           1.0 
# 
_diffrn_source.diffrn_id                   1 
_diffrn_source.source                      'ROTATING ANODE' 
_diffrn_source.type                        'RIGAKU RUH2R' 
_diffrn_source.pdbx_synchrotron_site       ? 
_diffrn_source.pdbx_synchrotron_beamline   ? 
_diffrn_source.pdbx_wavelength             1.5418 
_diffrn_source.pdbx_wavelength_list        ? 
# 
_reflns.pdbx_diffrn_id               1 
_reflns.pdbx_ordinal                 1 
_reflns.entry_id                     1AL4 
_reflns.observed_criterion_sigma_I   -3.000 
_reflns.observed_criterion_sigma_F   ? 
_reflns.d_resolution_low             100.000 
_reflns.d_resolution_high            1.130 
_reflns.number_obs                   67561 
_reflns.number_all                   ? 
_reflns.percent_possible_obs         95.5 
_reflns.pdbx_Rmerge_I_obs            0.04100 
_reflns.pdbx_Rsym_value              0.04100 
_reflns.pdbx_netI_over_sigmaI        47.6000 
_reflns.B_iso_Wilson_estimate        ? 
_reflns.pdbx_redundancy              7.000 
# 
_reflns_shell.pdbx_diffrn_id         1 
_reflns_shell.pdbx_ordinal           1 
_reflns_shell.d_res_high             1.13 
_reflns_shell.d_res_low              1.16 
_reflns_shell.percent_possible_all   82.4 
_reflns_shell.Rmerge_I_obs           0.06500 
_reflns_shell.pdbx_Rsym_value        0.06500 
_reflns_shell.meanI_over_sigI_obs    13.700 
_reflns_shell.pdbx_redundancy        2.30 
# 
_refine.pdbx_refine_id                           'X-RAY DIFFRACTION' 
_refine.entry_id                                 1AL4 
_refine.pdbx_diffrn_id                           1 
_refine.pdbx_TLS_residual_ADP_flag               ? 
_refine.ls_number_reflns_obs                     ? 
_refine.ls_number_reflns_all                     9571 
_refine.pdbx_ls_sigma_I                          ? 
_refine.pdbx_ls_sigma_F                          0.000 
_refine.pdbx_data_cutoff_high_absF               ? 
_refine.pdbx_data_cutoff_low_absF                ? 
_refine.pdbx_data_cutoff_high_rms_absF           ? 
_refine.ls_d_res_low                             100.00 
_refine.ls_d_res_high                            1.13 
_refine.ls_percent_reflns_obs                    95.5 
_refine.ls_R_factor_obs                          0.085 
_refine.ls_R_factor_all                          0.087 
_refine.ls_R_factor_R_work                       ? 
_refine.ls_R_factor_R_free                       0.121 
_refine.ls_R_factor_R_free_error                 ? 
_refine.ls_R_factor_R_free_error_details         ? 
_refine.ls_percent_reflns_R_free                 5.000 
_refine.ls_number_reflns_R_free                  563 
_refine.ls_number_parameters                     3746 
_refine.ls_number_restraints                     7423 
_refine.occupancy_min                            ? 
_refine.occupancy_max                            ? 
_refine.correlation_coeff_Fo_to_Fc               ? 
_refine.correlation_coeff_Fo_to_Fc_free          ? 
_refine.B_iso_mean                               ? 
_refine.aniso_B[1][1]                            ? 
_refine.aniso_B[2][2]                            ? 
_refine.aniso_B[3][3]                            ? 
_refine.aniso_B[1][2]                            ? 
_refine.aniso_B[1][3]                            ? 
_refine.aniso_B[2][3]                            ? 
_refine.solvent_model_details                    'MOEWS & KRETSINGER (G = 0.5373 U = 0.7755)' 
_refine.solvent_model_param_ksol                 ? 
_refine.solvent_model_param_bsol                 ? 
_refine.pdbx_solvent_vdw_probe_radii             ? 
_refine.pdbx_solvent_ion_probe_radii             ? 
_refine.pdbx_solvent_shrinkage_radii             ? 
_refine.pdbx_ls_cross_valid_method               'FREE R-VALUE' 
_refine.details                                  ? 
_refine.pdbx_starting_model                      'PDB ENTRY 1ALZ' 
_refine.pdbx_method_to_determine_struct          'MOLECULAR PLACEMENT; DIFFERENCE MAPS' 
_refine.pdbx_isotropic_thermal_model             ? 
_refine.pdbx_stereochemistry_target_values       'ENGH AND HUBER' 
_refine.pdbx_stereochem_target_val_spec_case     'MODIFIED ENGH AND HUBER FOR ETHANOLAMINE BASED ON SERINE' 
_refine.pdbx_R_Free_selection_details            '5% OF REFLECTIONS IN THIN RESOLUTION SHELLS.' 
_refine.pdbx_overall_ESU_R                       ? 
_refine.pdbx_overall_ESU_R_Free                  ? 
_refine.overall_SU_ML                            ? 
_refine.pdbx_overall_phase_error                 ? 
_refine.overall_SU_B                             ? 
_refine.overall_SU_R_Cruickshank_DPI             ? 
_refine.pdbx_overall_SU_R_free_Cruickshank_DPI   ? 
_refine.pdbx_overall_SU_R_Blow_DPI               ? 
_refine.pdbx_overall_SU_R_free_Blow_DPI          ? 
# 
_refine_analyze.pdbx_refine_id                  'X-RAY DIFFRACTION' 
_refine_analyze.entry_id                        1AL4 
_refine_analyze.Luzzati_coordinate_error_obs    ? 
_refine_analyze.Luzzati_sigma_a_obs             ? 
_refine_analyze.Luzzati_d_res_low_obs           ? 
_refine_analyze.Luzzati_coordinate_error_free   ? 
_refine_analyze.Luzzati_sigma_a_free            ? 
_refine_analyze.Luzzati_d_res_low_free          ? 
_refine_analyze.number_disordered_residues      8 
_refine_analyze.occupancy_sum_hydrogen          369.47 
_refine_analyze.occupancy_sum_non_hydrogen      316.72 
# 
_refine_hist.pdbx_refine_id                   'X-RAY DIFFRACTION' 
_refine_hist.cycle_id                         LAST 
_refine_hist.pdbx_number_atoms_protein        292 
_refine_hist.pdbx_number_atoms_nucleic_acid   0 
_refine_hist.pdbx_number_atoms_ligand         40 
_refine_hist.number_atoms_solvent             0 
_refine_hist.number_atoms_total               332 
_refine_hist.d_res_high                       1.13 
_refine_hist.d_res_low                        100.00 
# 
loop_
_refine_ls_restr.type 
_refine_ls_restr.dev_ideal 
_refine_ls_restr.dev_ideal_target 
_refine_ls_restr.weight 
_refine_ls_restr.number 
_refine_ls_restr.pdbx_refine_id 
_refine_ls_restr.pdbx_restraint_function 
s_bond_d               0.016 ? ? ? 'X-RAY DIFFRACTION' ? 
s_angle_d              0.033 ? ? ? 'X-RAY DIFFRACTION' ? 
s_similar_dist         ?     ? ? ? 'X-RAY DIFFRACTION' ? 
s_from_restr_planes    0.411 ? ? ? 'X-RAY DIFFRACTION' ? 
s_zero_chiral_vol      0.166 ? ? ? 'X-RAY DIFFRACTION' ? 
s_non_zero_chiral_vol  0.105 ? ? ? 'X-RAY DIFFRACTION' ? 
s_anti_bump_dis_restr  ?     ? ? ? 'X-RAY DIFFRACTION' ? 
s_rigid_bond_adp_cmpnt 0.005 ? ? ? 'X-RAY DIFFRACTION' ? 
s_similar_adp_cmpnt    0.028 ? ? ? 'X-RAY DIFFRACTION' ? 
s_approx_iso_adps      0.029 ? ? ? 'X-RAY DIFFRACTION' ? 
# 
_pdbx_refine.pdbx_refine_id                              'X-RAY DIFFRACTION' 
_pdbx_refine.entry_id                                    1AL4 
_pdbx_refine.R_factor_all_no_cutoff                      0.087 
_pdbx_refine.R_factor_obs_no_cutoff                      0.085 
_pdbx_refine.free_R_factor_no_cutoff                     0.121 
_pdbx_refine.free_R_error_no_cutoff                      ? 
_pdbx_refine.free_R_val_test_set_size_perc_no_cutoff     5.000 
_pdbx_refine.free_R_val_test_set_ct_no_cutoff            563 
_pdbx_refine.R_factor_all_4sig_cutoff                    0.086 
_pdbx_refine.R_factor_obs_4sig_cutoff                    0.084 
_pdbx_refine.free_R_factor_4sig_cutoff                   0.120 
_pdbx_refine.free_R_val_test_set_size_perc_4sig_cutoff   5.000 
_pdbx_refine.free_R_val_test_set_ct_4sig_cutoff          545 
_pdbx_refine.number_reflns_obs_4sig_cutoff               9165 
# 
_struct_ncs_oper.id             1 
_struct_ncs_oper.code           given 
_struct_ncs_oper.details        ? 
_struct_ncs_oper.matrix[1][1]   -0.93382876 
_struct_ncs_oper.matrix[1][2]   -0.16425938 
_struct_ncs_oper.matrix[1][3]   0.31777642 
_struct_ncs_oper.matrix[2][1]   -0.16095182 
_struct_ncs_oper.matrix[2][2]   -0.60039803 
_struct_ncs_oper.matrix[2][3]   -0.78333505 
_struct_ncs_oper.matrix[3][1]   0.31946692 
_struct_ncs_oper.matrix[3][2]   -0.78265011 
_struct_ncs_oper.matrix[3][3]   0.53422679 
_struct_ncs_oper.vector[1]      0.72079 
_struct_ncs_oper.vector[2]      1.27991 
_struct_ncs_oper.vector[3]      0.44917 
# 
_struct.entry_id                  1AL4 
_struct.title                     'GRAMICIDIN D FROM BACILLUS BREVIS (N-PROPANOL SOLVATE)' 
_struct.pdbx_model_details        ? 
_struct.pdbx_CASP_flag            ? 
_struct.pdbx_model_type_details   ? 
# 
_struct_keywords.entry_id        1AL4 
_struct_keywords.pdbx_keywords   ANTIBIOTIC 
_struct_keywords.text            'ANTIBIOTIC, ANTIFUNGAL, ANTIBACTERIAL, LINEAR GRAMICIDIN, MEMBRANE ION CHANNEL' 
# 
loop_
_struct_asym.id 
_struct_asym.pdbx_blank_PDB_chainid_flag 
_struct_asym.pdbx_modified 
_struct_asym.entity_id 
_struct_asym.details 
A N N 1 ? 
B N N 1 ? 
C N N 2 ? 
D N N 2 ? 
E N N 2 ? 
F N N 2 ? 
G N N 2 ? 
H N N 2 ? 
I N N 2 ? 
J N N 2 ? 
K N N 2 ? 
L N N 2 ? 
# 
_struct_ref.id                         1 
_struct_ref.db_name                    NOR 
_struct_ref.db_code                    NOR00243 
_struct_ref.entity_id                  1 
_struct_ref.pdbx_seq_one_letter_code   ? 
_struct_ref.pdbx_align_begin           ? 
_struct_ref.pdbx_db_accession          NOR00243 
_struct_ref.pdbx_db_isoform            ? 
# 
loop_
_struct_ref_seq.align_id 
_struct_ref_seq.ref_id 
_struct_ref_seq.pdbx_PDB_id_code 
_struct_ref_seq.pdbx_strand_id 
_struct_ref_seq.seq_align_beg 
_struct_ref_seq.pdbx_seq_align_beg_ins_code 
_struct_ref_seq.seq_align_end 
_struct_ref_seq.pdbx_seq_align_end_ins_code 
_struct_ref_seq.pdbx_db_accession 
_struct_ref_seq.db_align_beg 
_struct_ref_seq.pdbx_db_align_beg_ins_code 
_struct_ref_seq.db_align_end 
_struct_ref_seq.pdbx_db_align_end_ins_code 
_struct_ref_seq.pdbx_auth_seq_align_beg 
_struct_ref_seq.pdbx_auth_seq_align_end 
1 1 1AL4 A 1 ? 16 ? NOR00243 1 ? 16 ? 1 16 
2 1 1AL4 B 1 ? 16 ? NOR00243 1 ? 16 ? 1 16 
# 
loop_
_struct_ref_seq_dif.align_id 
_struct_ref_seq_dif.pdbx_pdb_id_code 
_struct_ref_seq_dif.mon_id 
_struct_ref_seq_dif.pdbx_pdb_strand_id 
_struct_ref_seq_dif.seq_num 
_struct_ref_seq_dif.pdbx_pdb_ins_code 
_struct_ref_seq_dif.pdbx_seq_db_name 
_struct_ref_seq_dif.pdbx_seq_db_accession_code 
_struct_ref_seq_dif.db_mon_id 
_struct_ref_seq_dif.pdbx_seq_db_seq_num 
_struct_ref_seq_dif.details 
_struct_ref_seq_dif.pdbx_auth_seq_num 
_struct_ref_seq_dif.pdbx_ordinal 
1 1AL4 QIL A 1 ? NOR NOR00243 FVA 1 microheterogeneity 1 1 
2 1AL4 QIL B 1 ? NOR NOR00243 FVA 1 microheterogeneity 1 2 
# 
_pdbx_struct_assembly.id                   1 
_pdbx_struct_assembly.details              author_and_software_defined_assembly 
_pdbx_struct_assembly.method_details       PISA 
_pdbx_struct_assembly.oligomeric_details   dimeric 
_pdbx_struct_assembly.oligomeric_count     2 
# 
loop_
_pdbx_struct_assembly_prop.biol_id 
_pdbx_struct_assembly_prop.type 
_pdbx_struct_assembly_prop.value 
_pdbx_struct_assembly_prop.details 
1 'ABSA (A^2)' 2690 ? 
1 MORE         -5.0 ? 
1 'SSA (A^2)'  4840 ? 
# 
_pdbx_struct_assembly_gen.assembly_id       1 
_pdbx_struct_assembly_gen.oper_expression   1 
_pdbx_struct_assembly_gen.asym_id_list      A,B,C,D,E,F,G,H,I,J,K,L 
# 
_pdbx_struct_oper_list.id                   1 
_pdbx_struct_oper_list.type                 'identity operation' 
_pdbx_struct_oper_list.name                 1_555 
_pdbx_struct_oper_list.symmetry_operation   x,y,z 
_pdbx_struct_oper_list.matrix[1][1]         1.0000000000 
_pdbx_struct_oper_list.matrix[1][2]         0.0000000000 
_pdbx_struct_oper_list.matrix[1][3]         0.0000000000 
_pdbx_struct_oper_list.vector[1]            0.0000000000 
_pdbx_struct_oper_list.matrix[2][1]         0.0000000000 
_pdbx_struct_oper_list.matrix[2][2]         1.0000000000 
_pdbx_struct_oper_list.matrix[2][3]         0.0000000000 
_pdbx_struct_oper_list.vector[2]            0.0000000000 
_pdbx_struct_oper_list.matrix[3][1]         0.0000000000 
_pdbx_struct_oper_list.matrix[3][2]         0.0000000000 
_pdbx_struct_oper_list.matrix[3][3]         1.0000000000 
_pdbx_struct_oper_list.vector[3]            0.0000000000 
# 
_struct_biol.id   1 
# 
loop_
_struct_conn.id 
_struct_conn.conn_type_id 
_struct_conn.pdbx_leaving_atom_flag 
_struct_conn.pdbx_PDB_id 
_struct_conn.ptnr1_label_asym_id 
_struct_conn.ptnr1_label_comp_id 
_struct_conn.ptnr1_label_seq_id 
_struct_conn.ptnr1_label_atom_id 
_struct_conn.pdbx_ptnr1_label_alt_id 
_struct_conn.pdbx_ptnr1_PDB_ins_code 
_struct_conn.pdbx_ptnr1_standard_comp_id 
_struct_conn.ptnr1_symmetry 
_struct_conn.ptnr2_label_asym_id 
_struct_conn.ptnr2_label_comp_id 
_struct_conn.ptnr2_label_seq_id 
_struct_conn.ptnr2_label_atom_id 
_struct_conn.pdbx_ptnr2_label_alt_id 
_struct_conn.pdbx_ptnr2_PDB_ins_code 
_struct_conn.ptnr1_auth_asym_id 
_struct_conn.ptnr1_auth_comp_id 
_struct_conn.ptnr1_auth_seq_id 
_struct_conn.ptnr2_auth_asym_id 
_struct_conn.ptnr2_auth_comp_id 
_struct_conn.ptnr2_auth_seq_id 
_struct_conn.ptnr2_symmetry 
_struct_conn.pdbx_ptnr3_label_atom_id 
_struct_conn.pdbx_ptnr3_label_seq_id 
_struct_conn.pdbx_ptnr3_label_comp_id 
_struct_conn.pdbx_ptnr3_label_asym_id 
_struct_conn.pdbx_ptnr3_label_alt_id 
_struct_conn.pdbx_ptnr3_PDB_ins_code 
_struct_conn.details 
_struct_conn.pdbx_dist_value 
_struct_conn.pdbx_value_order 
_struct_conn.pdbx_role 
covale1  covale both ? A FVA 1  C A ? ? 1_555 A GLY 2  N ? ? A FVA 1  A GLY 2  1_555 ? ? ? ? ? ? ? 1.305 ? ? 
covale2  covale both ? A QIL 1  C B ? ? 1_555 A GLY 2  N ? ? A QIL 1  A GLY 2  1_555 ? ? ? ? ? ? ? 1.305 ? ? 
covale3  covale both ? A ALA 3  C ? ? ? 1_555 A DLE 4  N ? ? A ALA 3  A DLE 4  1_555 ? ? ? ? ? ? ? 1.316 ? ? 
covale4  covale both ? A DLE 4  C ? ? ? 1_555 A ALA 5  N ? ? A DLE 4  A ALA 5  1_555 ? ? ? ? ? ? ? 1.316 ? ? 
covale5  covale both ? A ALA 5  C ? ? ? 1_555 A DVA 6  N ? ? A ALA 5  A DVA 6  1_555 ? ? ? ? ? ? ? 1.329 ? ? 
covale6  covale both ? A DVA 6  C ? ? ? 1_555 A VAL 7  N ? ? A DVA 6  A VAL 7  1_555 ? ? ? ? ? ? ? 1.339 ? ? 
covale7  covale both ? A VAL 7  C ? ? ? 1_555 A DVA 8  N ? ? A VAL 7  A DVA 8  1_555 ? ? ? ? ? ? ? 1.312 ? ? 
covale8  covale both ? A DVA 8  C ? ? ? 1_555 A TRP 9  N ? ? A DVA 8  A TRP 9  1_555 ? ? ? ? ? ? ? 1.331 ? ? 
covale9  covale both ? A TRP 9  C ? ? ? 1_555 A DLE 10 N ? ? A TRP 9  A DLE 10 1_555 ? ? ? ? ? ? ? 1.323 ? ? 
covale10 covale both ? A DLE 10 C ? ? ? 1_555 A TRP 11 N ? ? A DLE 10 A TRP 11 1_555 ? ? ? ? ? ? ? 1.337 ? ? 
covale11 covale both ? A TRP 11 C ? ? ? 1_555 A DLE 12 N ? ? A TRP 11 A DLE 12 1_555 ? ? ? ? ? ? ? 1.327 ? ? 
covale12 covale both ? A DLE 12 C ? ? ? 1_555 A TRP 13 N ? ? A DLE 12 A TRP 13 1_555 ? ? ? ? ? ? ? 1.340 ? ? 
covale13 covale both ? A TRP 13 C ? ? ? 1_555 A DLE 14 N ? ? A TRP 13 A DLE 14 1_555 ? ? ? ? ? ? ? 1.346 ? ? 
covale14 covale both ? A DLE 14 C ? ? ? 1_555 A TRP 15 N ? ? A DLE 14 A TRP 15 1_555 ? ? ? ? ? ? ? 1.317 ? ? 
covale15 covale both ? A TRP 15 C ? ? ? 1_555 A ETA 16 N B ? A TRP 15 A ETA 16 1_555 ? ? ? ? ? ? ? 1.357 ? ? 
covale16 covale both ? A TRP 15 C ? ? ? 1_555 A ETA 16 N C ? A TRP 15 A ETA 16 1_555 ? ? ? ? ? ? ? 1.324 ? ? 
covale17 covale both ? A TRP 15 C ? ? ? 1_555 A ETA 16 N A ? A TRP 15 A ETA 16 1_555 ? ? ? ? ? ? ? 1.331 ? ? 
covale18 covale both ? B FVA 1  C A ? ? 1_555 B GLY 2  N ? ? B FVA 1  B GLY 2  1_555 ? ? ? ? ? ? ? 1.341 ? ? 
covale19 covale both ? B QIL 1  C B ? ? 1_555 B GLY 2  N ? ? B QIL 1  B GLY 2  1_555 ? ? ? ? ? ? ? 1.341 ? ? 
covale20 covale both ? B ALA 3  C ? ? ? 1_555 B DLE 4  N ? ? B ALA 3  B DLE 4  1_555 ? ? ? ? ? ? ? 1.308 ? ? 
covale21 covale both ? B DLE 4  C ? ? ? 1_555 B ALA 5  N ? ? B DLE 4  B ALA 5  1_555 ? ? ? ? ? ? ? 1.332 ? ? 
covale22 covale both ? B ALA 5  C ? ? ? 1_555 B DVA 6  N ? ? B ALA 5  B DVA 6  1_555 ? ? ? ? ? ? ? 1.312 ? ? 
covale23 covale both ? B DVA 6  C ? ? ? 1_555 B VAL 7  N ? ? B DVA 6  B VAL 7  1_555 ? ? ? ? ? ? ? 1.353 ? ? 
covale24 covale both ? B VAL 7  C ? ? ? 1_555 B DVA 8  N ? ? B VAL 7  B DVA 8  1_555 ? ? ? ? ? ? ? 1.318 ? ? 
covale25 covale both ? B DVA 8  C ? ? ? 1_555 B TRP 9  N ? ? B DVA 8  B TRP 9  1_555 ? ? ? ? ? ? ? 1.348 ? ? 
covale26 covale both ? B TRP 9  C ? ? ? 1_555 B DLE 10 N ? ? B TRP 9  B DLE 10 1_555 ? ? ? ? ? ? ? 1.331 ? ? 
covale27 covale both ? B DLE 10 C ? ? ? 1_555 B TRP 11 N B ? B DLE 10 B TRP 11 1_555 ? ? ? ? ? ? ? 1.332 ? ? 
covale28 covale both ? B DLE 10 C ? ? ? 1_555 B TRP 11 N A ? B DLE 10 B TRP 11 1_555 ? ? ? ? ? ? ? 1.327 ? ? 
covale29 covale both ? B TRP 11 C B ? ? 1_555 B DLE 12 N ? ? B TRP 11 B DLE 12 1_555 ? ? ? ? ? ? ? 1.317 ? ? 
covale30 covale both ? B TRP 11 C A ? ? 1_555 B DLE 12 N ? ? B TRP 11 B DLE 12 1_555 ? ? ? ? ? ? ? 1.328 ? ? 
covale31 covale both ? B DLE 12 C ? ? ? 1_555 B TRP 13 N ? ? B DLE 12 B TRP 13 1_555 ? ? ? ? ? ? ? 1.319 ? ? 
covale32 covale both ? B TRP 13 C ? ? ? 1_555 B DLE 14 N ? ? B TRP 13 B DLE 14 1_555 ? ? ? ? ? ? ? 1.319 ? ? 
covale33 covale both ? B DLE 14 C ? ? ? 1_555 B TRP 15 N ? ? B DLE 14 B TRP 15 1_555 ? ? ? ? ? ? ? 1.320 ? ? 
covale34 covale both ? B TRP 15 C ? ? ? 1_555 B ETA 16 N ? ? B TRP 15 B ETA 16 1_555 ? ? ? ? ? ? ? 1.307 ? ? 
# 
_struct_conn_type.id          covale 
_struct_conn_type.criteria    ? 
_struct_conn_type.reference   ? 
# 
loop_
_pdbx_modification_feature.ordinal 
_pdbx_modification_feature.label_comp_id 
_pdbx_modification_feature.label_asym_id 
_pdbx_modification_feature.label_seq_id 
_pdbx_modification_feature.label_alt_id 
_pdbx_modification_feature.modified_residue_label_comp_id 
_pdbx_modification_feature.modified_residue_label_asym_id 
_pdbx_modification_feature.modified_residue_label_seq_id 
_pdbx_modification_feature.modified_residue_label_alt_id 
_pdbx_modification_feature.auth_comp_id 
_pdbx_modification_feature.auth_asym_id 
_pdbx_modification_feature.auth_seq_id 
_pdbx_modification_feature.PDB_ins_code 
_pdbx_modification_feature.symmetry 
_pdbx_modification_feature.modified_residue_auth_comp_id 
_pdbx_modification_feature.modified_residue_auth_asym_id 
_pdbx_modification_feature.modified_residue_auth_seq_id 
_pdbx_modification_feature.modified_residue_PDB_ins_code 
_pdbx_modification_feature.modified_residue_symmetry 
_pdbx_modification_feature.comp_id_linking_atom 
_pdbx_modification_feature.modified_residue_id_linking_atom 
_pdbx_modification_feature.modified_residue_id 
_pdbx_modification_feature.ref_pcm_id 
_pdbx_modification_feature.ref_comp_id 
_pdbx_modification_feature.type 
_pdbx_modification_feature.category 
1 FVA A 1  A . . . . FVA A 1  ? 1_555 . . . . . . . VAL 1 FVA Formylation 'Named protein modification' 
2 QIL A 1  B . . . . QIL A 1  ? 1_555 . . . . . . . ILE 1 QIL Formylation 'Named protein modification' 
3 FVA B 1  A . . . . FVA B 1  ? 1_555 . . . . . . . VAL 1 FVA Formylation 'Named protein modification' 
4 QIL B 1  B . . . . QIL B 1  ? 1_555 . . . . . . . ILE 1 QIL Formylation 'Named protein modification' 
5 ETA A 16 A . . . . ETA A 16 ? 1_555 . . . . . . . ?   1 ETA None        'Non-standard residue'       
6 ETA A 16 B . . . . ETA A 16 ? 1_555 . . . . . . . ?   1 ETA None        'Non-standard residue'       
7 ETA A 16 C . . . . ETA A 16 ? 1_555 . . . . . . . ?   1 ETA None        'Non-standard residue'       
8 ETA B 16 ? . . . . ETA B 16 ? 1_555 . . . . . . . ?   1 ETA None        'Non-standard residue'       
# 
_struct_sheet.id               AA 
_struct_sheet.type             ? 
_struct_sheet.number_strands   2 
_struct_sheet.details          ? 
# 
_struct_sheet_order.sheet_id     AA 
_struct_sheet_order.range_id_1   1 
_struct_sheet_order.range_id_2   2 
_struct_sheet_order.offset       ? 
_struct_sheet_order.sense        anti-parallel 
# 
loop_
_struct_sheet_range.sheet_id 
_struct_sheet_range.id 
_struct_sheet_range.beg_label_comp_id 
_struct_sheet_range.beg_label_asym_id 
_struct_sheet_range.beg_label_seq_id 
_struct_sheet_range.pdbx_beg_PDB_ins_code 
_struct_sheet_range.end_label_comp_id 
_struct_sheet_range.end_label_asym_id 
_struct_sheet_range.end_label_seq_id 
_struct_sheet_range.pdbx_end_PDB_ins_code 
_struct_sheet_range.beg_auth_comp_id 
_struct_sheet_range.beg_auth_asym_id 
_struct_sheet_range.beg_auth_seq_id 
_struct_sheet_range.end_auth_comp_id 
_struct_sheet_range.end_auth_asym_id 
_struct_sheet_range.end_auth_seq_id 
AA 1 GLY A 2 ? DLE A 14 ? GLY A 2 DLE A 14 
AA 2 GLY B 2 ? DLE B 14 ? GLY B 2 DLE B 14 
# 
_pdbx_struct_sheet_hbond.sheet_id                AA 
_pdbx_struct_sheet_hbond.range_id_1              1 
_pdbx_struct_sheet_hbond.range_id_2              2 
_pdbx_struct_sheet_hbond.range_1_label_atom_id   N 
_pdbx_struct_sheet_hbond.range_1_label_comp_id   TRP 
_pdbx_struct_sheet_hbond.range_1_label_asym_id   A 
_pdbx_struct_sheet_hbond.range_1_label_seq_id    13 
_pdbx_struct_sheet_hbond.range_1_PDB_ins_code    ? 
_pdbx_struct_sheet_hbond.range_1_auth_atom_id    N 
_pdbx_struct_sheet_hbond.range_1_auth_comp_id    TRP 
_pdbx_struct_sheet_hbond.range_1_auth_asym_id    A 
_pdbx_struct_sheet_hbond.range_1_auth_seq_id     13 
_pdbx_struct_sheet_hbond.range_2_label_atom_id   O 
_pdbx_struct_sheet_hbond.range_2_label_comp_id   ALA 
_pdbx_struct_sheet_hbond.range_2_label_asym_id   B 
_pdbx_struct_sheet_hbond.range_2_label_seq_id    3 
_pdbx_struct_sheet_hbond.range_2_PDB_ins_code    ? 
_pdbx_struct_sheet_hbond.range_2_auth_atom_id    O 
_pdbx_struct_sheet_hbond.range_2_auth_comp_id    ALA 
_pdbx_struct_sheet_hbond.range_2_auth_asym_id    B 
_pdbx_struct_sheet_hbond.range_2_auth_seq_id     3 
# 
loop_
_struct_site.id 
_struct_site.pdbx_evidence_code 
_struct_site.pdbx_auth_asym_id 
_struct_site.pdbx_auth_comp_id 
_struct_site.pdbx_auth_seq_id 
_struct_site.pdbx_auth_ins_code 
_struct_site.pdbx_num_residues 
_struct_site.details 
AC1 Software A POL 502 ? 8  'BINDING SITE FOR RESIDUE POL A 502'       
AC2 Software A POL 503 ? 7  'BINDING SITE FOR RESIDUE POL A 503'       
AC3 Software A POL 506 ? 10 'BINDING SITE FOR RESIDUE POL A 506'       
AC4 Software A POL 507 ? 5  'BINDING SITE FOR RESIDUE POL A 507'       
AC5 Software A POL 508 ? 5  'BINDING SITE FOR RESIDUE POL A 508'       
AC6 Software A POL 509 ? 4  'BINDING SITE FOR RESIDUE POL A 509'       
AC7 Software B POL 501 ? 6  'BINDING SITE FOR RESIDUE POL B 501'       
AC8 Software B POL 504 ? 5  'BINDING SITE FOR RESIDUE POL B 504'       
AC9 Software B POL 505 ? 8  'BINDING SITE FOR RESIDUE POL B 505'       
BC1 Software B POL 510 ? 5  'BINDING SITE FOR RESIDUE POL B 510'       
BC2 Software ? ?   ?   ? 45 'BINDING SITE FOR CHAIN A OF GRAMICIDIN D' 
BC3 Software ? ?   ?   ? 43 'BINDING SITE FOR CHAIN B OF GRAMICIDIN D' 
# 
loop_
_struct_site_gen.id 
_struct_site_gen.site_id 
_struct_site_gen.pdbx_num_res 
_struct_site_gen.label_comp_id 
_struct_site_gen.label_asym_id 
_struct_site_gen.label_seq_id 
_struct_site_gen.pdbx_auth_ins_code 
_struct_site_gen.auth_comp_id 
_struct_site_gen.auth_asym_id 
_struct_site_gen.auth_seq_id 
_struct_site_gen.label_atom_id 
_struct_site_gen.label_alt_id 
_struct_site_gen.symmetry 
_struct_site_gen.details 
1   AC1 8  VAL A 7  ? VAL A 7   . ? 4_476 ? 
2   AC1 8  DVA A 8  ? DVA A 8   . ? 3_656 ? 
3   AC1 8  TRP A 9  ? TRP A 9   . ? 3_656 ? 
4   AC1 8  TRP A 15 ? TRP A 15  . ? 1_555 ? 
5   AC1 8  POL E .  ? POL A 506 . ? 1_565 ? 
6   AC1 8  DVA B 8  ? DVA B 8   . ? 4_476 ? 
7   AC1 8  DLE B 12 ? DLE B 12  . ? 3_656 ? 
8   AC1 8  POL I .  ? POL B 501 . ? 1_555 ? 
9   AC2 7  TRP A 9  ? TRP A 9   . ? 4_566 ? 
10  AC2 7  DLE A 10 ? DLE A 10  . ? 4_566 ? 
11  AC2 7  TRP A 13 ? TRP A 13  . ? 1_545 ? 
12  AC2 7  POL F .  ? POL A 507 . ? 4_566 ? 
13  AC2 7  POL G .  ? POL A 508 . ? 1_555 ? 
14  AC2 7  POL H .  ? POL A 509 . ? 1_555 ? 
15  AC2 7  GLY B 2  ? GLY B 2   . ? 1_545 ? 
16  AC3 10 DLE A 4  ? DLE A 4   . ? 1_555 ? 
17  AC3 10 TRP A 9  ? TRP A 9   . ? 3_646 ? 
18  AC3 10 TRP A 15 ? TRP A 15  . ? 1_545 ? 
19  AC3 10 ETA A 16 ? ETA A 16  . ? 1_545 ? 
20  AC3 10 POL C .  ? POL A 502 . ? 1_545 ? 
21  AC3 10 TRP B 13 ? TRP B 13  . ? 4_466 ? 
22  AC3 10 DLE B 14 ? DLE B 14  . ? 4_466 ? 
23  AC3 10 ETA B 16 ? ETA B 16  . ? 1_555 ? 
24  AC3 10 POL I .  ? POL B 501 . ? 1_545 ? 
25  AC3 10 POL K .  ? POL B 505 . ? 4_466 ? 
26  AC4 5  DLE A 4  ? DLE A 4   . ? 3_656 ? 
27  AC4 5  TRP A 9  ? TRP A 9   . ? 1_555 ? 
28  AC4 5  DLE A 10 ? DLE A 10  . ? 1_555 ? 
29  AC4 5  TRP A 13 ? TRP A 13  . ? 4_476 ? 
30  AC4 5  POL D .  ? POL A 503 . ? 4_466 ? 
31  AC5 5  GLY A 2  ? GLY A 2   . ? 1_555 ? 
32  AC5 5  TRP A 9  ? TRP A 9   . ? 4_566 ? 
33  AC5 5  POL D .  ? POL A 503 . ? 1_555 ? 
34  AC5 5  POL H .  ? POL A 509 . ? 1_555 ? 
35  AC5 5  TRP B 11 ? TRP B 11  . ? 4_566 ? 
36  AC6 4  GLY A 2  ? GLY A 2   . ? 1_555 ? 
37  AC6 4  POL D .  ? POL A 503 . ? 1_555 ? 
38  AC6 4  POL G .  ? POL A 508 . ? 1_555 ? 
39  AC6 4  GLY B 2  ? GLY B 2   . ? 1_545 ? 
40  AC7 6  ETA A 16 ? ETA A 16  . ? 1_555 ? 
41  AC7 6  POL C .  ? POL A 502 . ? 1_555 ? 
42  AC7 6  POL E .  ? POL A 506 . ? 1_565 ? 
43  AC7 6  DLE B 4  ? DLE B 4   . ? 1_555 ? 
44  AC7 6  TRP B 13 ? TRP B 13  . ? 4_476 ? 
45  AC7 6  POL L .  ? POL B 510 . ? 3_655 ? 
46  AC8 5  ETA A 16 ? ETA A 16  . ? 1_555 ? 
47  AC8 5  ALA B 3  ? ALA B 3   . ? 1_555 ? 
48  AC8 5  DLE B 4  ? DLE B 4   . ? 1_555 ? 
49  AC8 5  TRP B 15 ? TRP B 15  . ? 1_565 ? 
50  AC8 5  POL L .  ? POL B 510 . ? 3_655 ? 
51  AC9 8  DLE A 4  ? DLE A 4   . ? 4_566 ? 
52  AC9 8  ALA A 5  ? ALA A 5   . ? 4_566 ? 
53  AC9 8  TRP A 11 ? TRP A 11  . ? 2_675 ? 
54  AC9 8  ETA A 16 ? ETA A 16  . ? 4_576 ? 
55  AC9 8  POL E .  ? POL A 506 . ? 4_566 ? 
56  AC9 8  TRP B 9  ? TRP B 9   . ? 2_675 ? 
57  AC9 8  TRP B 13 ? TRP B 13  . ? 1_555 ? 
58  AC9 8  TRP B 15 ? TRP B 15  . ? 4_566 ? 
59  BC1 5  ETA A 16 ? ETA A 16  . ? 3_645 ? 
60  BC1 5  TRP B 9  ? TRP B 9   . ? 1_555 ? 
61  BC1 5  TRP B 13 ? TRP B 13  . ? 2_674 ? 
62  BC1 5  POL I .  ? POL B 501 . ? 3_645 ? 
63  BC1 5  POL J .  ? POL B 504 . ? 3_645 ? 
64  BC2 45 POL C .  ? POL A 502 . ? 4_576 ? 
65  BC2 45 POL C .  ? POL A 502 . ? 3_646 ? 
66  BC2 45 POL C .  ? POL A 502 . ? 1_555 ? 
67  BC2 45 POL D .  ? POL A 503 . ? 4_466 ? 
68  BC2 45 POL D .  ? POL A 503 . ? 1_565 ? 
69  BC2 45 POL D .  ? POL A 503 . ? 1_555 ? 
70  BC2 45 POL E .  ? POL A 506 . ? 1_555 ? 
71  BC2 45 POL E .  ? POL A 506 . ? 3_656 ? 
72  BC2 45 POL E .  ? POL A 506 . ? 1_565 ? 
73  BC2 45 POL F .  ? POL A 507 . ? 3_646 ? 
74  BC2 45 POL F .  ? POL A 507 . ? 1_555 ? 
75  BC2 45 POL F .  ? POL A 507 . ? 4_576 ? 
76  BC2 45 POL G .  ? POL A 508 . ? 4_466 ? 
77  BC2 45 POL G .  ? POL A 508 . ? 1_555 ? 
78  BC2 45 POL H .  ? POL A 509 . ? 1_555 ? 
79  BC2 45 GLY B 2  ? GLY B 2   . ? 1_545 ? 
80  BC2 45 GLY B 2  ? GLY B 2   . ? 1_555 ? 
81  BC2 45 ALA B 3  ? ALA B 3   . ? 1_555 ? 
82  BC2 45 ALA B 3  ? ALA B 3   . ? 1_545 ? 
83  BC2 45 DLE B 4  ? DLE B 4   . ? 1_555 ? 
84  BC2 45 ALA B 5  ? ALA B 5   . ? 4_576 ? 
85  BC2 45 ALA B 5  ? ALA B 5   . ? 1_555 ? 
86  BC2 45 DVA B 6  ? DVA B 6   . ? 1_555 ? 
87  BC2 45 VAL B 7  ? VAL B 7   . ? 1_555 ? 
88  BC2 45 DVA B 8  ? DVA B 8   . ? 1_555 ? 
89  BC2 45 TRP B 9  ? TRP B 9   . ? 1_555 ? 
90  BC2 45 DLE B 10 ? DLE B 10  . ? 1_555 ? 
91  BC2 45 TRP B 11 ? TRP B 11  . ? 1_555 ? 
92  BC2 45 TRP B 11 ? TRP B 11  . ? 3_656 ? 
93  BC2 45 TRP B 11 ? TRP B 11  . ? 4_566 ? 
94  BC2 45 DLE B 12 ? DLE B 12  . ? 1_555 ? 
95  BC2 45 TRP B 13 ? TRP B 13  . ? 1_555 ? 
96  BC2 45 TRP B 13 ? TRP B 13  . ? 4_476 ? 
97  BC2 45 DLE B 14 ? DLE B 14  . ? 1_555 ? 
98  BC2 45 TRP B 15 ? TRP B 15  . ? 2_675 ? 
99  BC2 45 TRP B 15 ? TRP B 15  . ? 3_655 ? 
100 BC2 45 TRP B 15 ? TRP B 15  . ? 1_555 ? 
101 BC2 45 ETA B 16 ? ETA B 16  . ? 1_565 ? 
102 BC2 45 ETA B 16 ? ETA B 16  . ? 1_555 ? 
103 BC2 45 POL I .  ? POL B 501 . ? 1_555 ? 
104 BC2 45 POL J .  ? POL B 504 . ? 1_555 ? 
105 BC2 45 POL K .  ? POL B 505 . ? 4_476 ? 
106 BC2 45 POL K .  ? POL B 505 . ? 2_674 ? 
107 BC2 45 POL K .  ? POL B 505 . ? 4_466 ? 
108 BC2 45 POL L .  ? POL B 510 . ? 3_655 ? 
109 BC3 43 GLY A 2  ? GLY A 2   . ? 1_555 ? 
110 BC3 43 GLY A 2  ? GLY A 2   . ? 1_565 ? 
111 BC3 43 ALA A 3  ? ALA A 3   . ? 1_565 ? 
112 BC3 43 ALA A 3  ? ALA A 3   . ? 1_555 ? 
113 BC3 43 DLE A 4  ? DLE A 4   . ? 1_555 ? 
114 BC3 43 ALA A 5  ? ALA A 5   . ? 1_555 ? 
115 BC3 43 DVA A 6  ? DVA A 6   . ? 1_555 ? 
116 BC3 43 VAL A 7  ? VAL A 7   . ? 1_555 ? 
117 BC3 43 DVA A 8  ? DVA A 8   . ? 1_555 ? 
118 BC3 43 TRP A 9  ? TRP A 9   . ? 1_555 ? 
119 BC3 43 DLE A 10 ? DLE A 10  . ? 1_555 ? 
120 BC3 43 TRP A 11 ? TRP A 11  . ? 1_555 ? 
121 BC3 43 TRP A 11 ? TRP A 11  . ? 3_645 ? 
122 BC3 43 DLE A 12 ? DLE A 12  . ? 1_555 ? 
123 BC3 43 TRP A 13 ? TRP A 13  . ? 4_476 ? 
124 BC3 43 TRP A 13 ? TRP A 13  . ? 1_555 ? 
125 BC3 43 TRP A 13 ? TRP A 13  . ? 2_674 ? 
126 BC3 43 DLE A 14 ? DLE A 14  . ? 2_674 ? 
127 BC3 43 DLE A 14 ? DLE A 14  . ? 1_555 ? 
128 BC3 43 TRP A 15 ? TRP A 15  . ? 1_555 ? 
129 BC3 43 TRP A 15 ? TRP A 15  . ? 3_646 ? 
130 BC3 43 ETA A 16 ? ETA A 16  . ? 1_555 ? 
131 BC3 43 ETA A 16 ? ETA A 16  . ? 4_576 ? 
132 BC3 43 ETA A 16 ? ETA A 16  . ? 1_545 ? 
133 BC3 43 POL C .  ? POL A 502 . ? 3_646 ? 
134 BC3 43 POL C .  ? POL A 502 . ? 4_576 ? 
135 BC3 43 POL D .  ? POL A 503 . ? 1_565 ? 
136 BC3 43 POL D .  ? POL A 503 . ? 2_675 ? 
137 BC3 43 POL E .  ? POL A 506 . ? 1_565 ? 
138 BC3 43 POL E .  ? POL A 506 . ? 4_566 ? 
139 BC3 43 POL E .  ? POL A 506 . ? 1_555 ? 
140 BC3 43 POL F .  ? POL A 507 . ? 3_656 ? 
141 BC3 43 POL G .  ? POL A 508 . ? 4_466 ? 
142 BC3 43 POL H .  ? POL A 509 . ? 1_565 ? 
143 BC3 43 POL I .  ? POL B 501 . ? 4_576 ? 
144 BC3 43 POL I .  ? POL B 501 . ? 1_555 ? 
145 BC3 43 POL J .  ? POL B 504 . ? 1_545 ? 
146 BC3 43 POL J .  ? POL B 504 . ? 1_555 ? 
147 BC3 43 POL K .  ? POL B 505 . ? 1_555 ? 
148 BC3 43 POL K .  ? POL B 505 . ? 4_466 ? 
149 BC3 43 POL K .  ? POL B 505 . ? 2_674 ? 
150 BC3 43 POL L .  ? POL B 510 . ? 2_675 ? 
151 BC3 43 POL L .  ? POL B 510 . ? 1_555 ? 
# 
_pdbx_entry_details.entry_id                   1AL4 
_pdbx_entry_details.compound_details           
;GRAMICIDIN IS A HETEROGENEOUS MIXTURE OF SEVERAL COMPOUNDS
 INCLUDING GRAMICIDIN A, B AND C WHICH ARE OBTAINED FROM
 BACILLUS BREVIS AND CALLED COLLECTIVELY GRAMICIDIN D.
 HERE, GRAMICIDIN D IS REPRESENTED BY THE SEQUENCE (SEQRES)
;
_pdbx_entry_details.source_details             ? 
_pdbx_entry_details.nonpolymer_details         ? 
_pdbx_entry_details.sequence_details           ? 
_pdbx_entry_details.has_ligand_of_interest     ? 
_pdbx_entry_details.has_protein_modification   Y 
# 
loop_
_pdbx_validate_close_contact.id 
_pdbx_validate_close_contact.PDB_model_num 
_pdbx_validate_close_contact.auth_atom_id_1 
_pdbx_validate_close_contact.auth_asym_id_1 
_pdbx_validate_close_contact.auth_comp_id_1 
_pdbx_validate_close_contact.auth_seq_id_1 
_pdbx_validate_close_contact.PDB_ins_code_1 
_pdbx_validate_close_contact.label_alt_id_1 
_pdbx_validate_close_contact.auth_atom_id_2 
_pdbx_validate_close_contact.auth_asym_id_2 
_pdbx_validate_close_contact.auth_comp_id_2 
_pdbx_validate_close_contact.auth_seq_id_2 
_pdbx_validate_close_contact.PDB_ins_code_2 
_pdbx_validate_close_contact.label_alt_id_2 
_pdbx_validate_close_contact.dist 
1 1 HE1 A TRP 15 ? ? HO  A POL 502 ? B 1.10 
2 1 H   B DLE 4  ? ? H12 B POL 504 ? A 1.28 
3 1 HE1 A TRP 9  ? ? HO  A POL 507 ? B 1.31 
# 
loop_
_pdbx_validate_torsion.id 
_pdbx_validate_torsion.PDB_model_num 
_pdbx_validate_torsion.auth_comp_id 
_pdbx_validate_torsion.auth_asym_id 
_pdbx_validate_torsion.auth_seq_id 
_pdbx_validate_torsion.PDB_ins_code 
_pdbx_validate_torsion.label_alt_id 
_pdbx_validate_torsion.phi 
_pdbx_validate_torsion.psi 
1 1 ALA A 5  ? ? -160.27 86.90  
2 1 TRP A 9  ? ? -160.82 106.14 
3 1 TRP A 13 ? ? -157.75 86.25  
4 1 TRP A 15 ? ? -157.44 64.13  
5 1 TRP A 15 ? ? -157.44 77.52  
6 1 TRP B 13 ? ? -161.14 88.62  
# 
_pdbx_molecule_features.prd_id    PRD_000152 
_pdbx_molecule_features.name      'GRAMICIDIN D' 
_pdbx_molecule_features.type      Polypeptide 
_pdbx_molecule_features.class     Antibiotic 
_pdbx_molecule_features.details   
;GRAMICIDIN D IS A HEXADECAMERIC HELICAL PEPTIDE
 WITH ALTERNATING D,L CHARACTERISTICS.
 THE N-TERM IS FORMYLATED (RESIDUE 1).
 THE C-TERM IS CAPPED WITH ETHANOLAMINE (RESIDUE 16).
;
# 
loop_
_pdbx_molecule.instance_id 
_pdbx_molecule.prd_id 
_pdbx_molecule.asym_id 
1 PRD_000152 A 
2 PRD_000152 B 
# 
loop_
_chem_comp_atom.comp_id 
_chem_comp_atom.atom_id 
_chem_comp_atom.type_symbol 
_chem_comp_atom.pdbx_aromatic_flag 
_chem_comp_atom.pdbx_stereo_config 
_chem_comp_atom.pdbx_ordinal 
ALA N    N N N 1   
ALA CA   C N S 2   
ALA C    C N N 3   
ALA O    O N N 4   
ALA CB   C N N 5   
ALA OXT  O N N 6   
ALA H    H N N 7   
ALA H2   H N N 8   
ALA HA   H N N 9   
ALA HB1  H N N 10  
ALA HB2  H N N 11  
ALA HB3  H N N 12  
ALA HXT  H N N 13  
DLE N    N N N 14  
DLE CA   C N R 15  
DLE CB   C N N 16  
DLE CG   C N N 17  
DLE CD1  C N N 18  
DLE CD2  C N N 19  
DLE C    C N N 20  
DLE O    O N N 21  
DLE OXT  O N N 22  
DLE H    H N N 23  
DLE H2   H N N 24  
DLE HA   H N N 25  
DLE HB2  H N N 26  
DLE HB3  H N N 27  
DLE HG   H N N 28  
DLE HD11 H N N 29  
DLE HD12 H N N 30  
DLE HD13 H N N 31  
DLE HD21 H N N 32  
DLE HD22 H N N 33  
DLE HD23 H N N 34  
DLE HXT  H N N 35  
DVA N    N N N 36  
DVA CA   C N R 37  
DVA CB   C N N 38  
DVA CG1  C N N 39  
DVA CG2  C N N 40  
DVA C    C N N 41  
DVA O    O N N 42  
DVA OXT  O N N 43  
DVA H    H N N 44  
DVA H2   H N N 45  
DVA HA   H N N 46  
DVA HB   H N N 47  
DVA HG11 H N N 48  
DVA HG12 H N N 49  
DVA HG13 H N N 50  
DVA HG21 H N N 51  
DVA HG22 H N N 52  
DVA HG23 H N N 53  
DVA HXT  H N N 54  
ETA CA   C N N 55  
ETA N    N N N 56  
ETA C    C N N 57  
ETA O    O N N 58  
ETA HA1  H N N 59  
ETA HA2  H N N 60  
ETA H    H N N 61  
ETA H2   H N N 62  
ETA HB1  H N N 63  
ETA HB2  H N N 64  
ETA HO   H N N 65  
FVA C    C N N 66  
FVA N    N N N 67  
FVA O    O N N 68  
FVA CA   C N S 69  
FVA CB   C N N 70  
FVA CG1  C N N 71  
FVA CG2  C N N 72  
FVA H    H N N 73  
FVA HA   H N N 74  
FVA HB   H N N 75  
FVA HG11 H N N 76  
FVA HG12 H N N 77  
FVA HG13 H N N 78  
FVA HG21 H N N 79  
FVA HG22 H N N 80  
FVA HG23 H N N 81  
FVA O1   O N N 82  
FVA CN   C N N 83  
FVA HN   H N N 84  
FVA OXT  O N N 85  
FVA HXT  H N N 86  
GLY N    N N N 87  
GLY CA   C N N 88  
GLY C    C N N 89  
GLY O    O N N 90  
GLY OXT  O N N 91  
GLY H    H N N 92  
GLY H2   H N N 93  
GLY HA2  H N N 94  
GLY HA3  H N N 95  
GLY HXT  H N N 96  
POL O    O N N 97  
POL C1   C N N 98  
POL C2   C N N 99  
POL C3   C N N 100 
POL HO   H N N 101 
POL H11  H N N 102 
POL H12  H N N 103 
POL H21  H N N 104 
POL H22  H N N 105 
POL H31  H N N 106 
POL H32  H N N 107 
POL H33  H N N 108 
QIL C    C N N 109 
QIL N    N N N 110 
QIL O    O N N 111 
QIL CA   C N S 112 
QIL CB   C N S 113 
QIL CD1  C N N 114 
QIL CG1  C N N 115 
QIL CG2  C N N 116 
QIL CN   C N N 117 
QIL O1   O N N 118 
QIL OXT  O N N 119 
QIL HXT  H N N 120 
QIL H    H N N 121 
QIL HA   H N N 122 
QIL HB   H N N 123 
QIL HD11 H N N 124 
QIL HD12 H N N 125 
QIL HD13 H N N 126 
QIL HG12 H N N 127 
QIL HG13 H N N 128 
QIL HG21 H N N 129 
QIL HG22 H N N 130 
QIL HG23 H N N 131 
QIL HN   H N N 132 
TRP N    N N N 133 
TRP CA   C N S 134 
TRP C    C N N 135 
TRP O    O N N 136 
TRP CB   C N N 137 
TRP CG   C Y N 138 
TRP CD1  C Y N 139 
TRP CD2  C Y N 140 
TRP NE1  N Y N 141 
TRP CE2  C Y N 142 
TRP CE3  C Y N 143 
TRP CZ2  C Y N 144 
TRP CZ3  C Y N 145 
TRP CH2  C Y N 146 
TRP OXT  O N N 147 
TRP H    H N N 148 
TRP H2   H N N 149 
TRP HA   H N N 150 
TRP HB2  H N N 151 
TRP HB3  H N N 152 
TRP HD1  H N N 153 
TRP HE1  H N N 154 
TRP HE3  H N N 155 
TRP HZ2  H N N 156 
TRP HZ3  H N N 157 
TRP HH2  H N N 158 
TRP HXT  H N N 159 
VAL N    N N N 160 
VAL CA   C N S 161 
VAL C    C N N 162 
VAL O    O N N 163 
VAL CB   C N N 164 
VAL CG1  C N N 165 
VAL CG2  C N N 166 
VAL OXT  O N N 167 
VAL H    H N N 168 
VAL H2   H N N 169 
VAL HA   H N N 170 
VAL HB   H N N 171 
VAL HG11 H N N 172 
VAL HG12 H N N 173 
VAL HG13 H N N 174 
VAL HG21 H N N 175 
VAL HG22 H N N 176 
VAL HG23 H N N 177 
VAL HXT  H N N 178 
# 
loop_
_chem_comp_bond.comp_id 
_chem_comp_bond.atom_id_1 
_chem_comp_bond.atom_id_2 
_chem_comp_bond.value_order 
_chem_comp_bond.pdbx_aromatic_flag 
_chem_comp_bond.pdbx_stereo_config 
_chem_comp_bond.pdbx_ordinal 
ALA N    CA   sing N N 1   
ALA N    H    sing N N 2   
ALA N    H2   sing N N 3   
ALA CA   C    sing N N 4   
ALA CA   CB   sing N N 5   
ALA CA   HA   sing N N 6   
ALA C    O    doub N N 7   
ALA C    OXT  sing N N 8   
ALA CB   HB1  sing N N 9   
ALA CB   HB2  sing N N 10  
ALA CB   HB3  sing N N 11  
ALA OXT  HXT  sing N N 12  
DLE N    CA   sing N N 13  
DLE N    H    sing N N 14  
DLE N    H2   sing N N 15  
DLE CA   CB   sing N N 16  
DLE CA   C    sing N N 17  
DLE CA   HA   sing N N 18  
DLE CB   CG   sing N N 19  
DLE CB   HB2  sing N N 20  
DLE CB   HB3  sing N N 21  
DLE CG   CD1  sing N N 22  
DLE CG   CD2  sing N N 23  
DLE CG   HG   sing N N 24  
DLE CD1  HD11 sing N N 25  
DLE CD1  HD12 sing N N 26  
DLE CD1  HD13 sing N N 27  
DLE CD2  HD21 sing N N 28  
DLE CD2  HD22 sing N N 29  
DLE CD2  HD23 sing N N 30  
DLE C    O    doub N N 31  
DLE C    OXT  sing N N 32  
DLE OXT  HXT  sing N N 33  
DVA N    CA   sing N N 34  
DVA N    H    sing N N 35  
DVA N    H2   sing N N 36  
DVA CA   CB   sing N N 37  
DVA CA   C    sing N N 38  
DVA CA   HA   sing N N 39  
DVA CB   CG1  sing N N 40  
DVA CB   CG2  sing N N 41  
DVA CB   HB   sing N N 42  
DVA CG1  HG11 sing N N 43  
DVA CG1  HG12 sing N N 44  
DVA CG1  HG13 sing N N 45  
DVA CG2  HG21 sing N N 46  
DVA CG2  HG22 sing N N 47  
DVA CG2  HG23 sing N N 48  
DVA C    O    doub N N 49  
DVA C    OXT  sing N N 50  
DVA OXT  HXT  sing N N 51  
ETA CA   N    sing N N 52  
ETA CA   C    sing N N 53  
ETA CA   HA1  sing N N 54  
ETA CA   HA2  sing N N 55  
ETA N    H    sing N N 56  
ETA N    H2   sing N N 57  
ETA C    O    sing N N 58  
ETA C    HB1  sing N N 59  
ETA C    HB2  sing N N 60  
ETA O    HO   sing N N 61  
FVA O    C    doub N N 62  
FVA C    CA   sing N N 63  
FVA H    N    sing N N 64  
FVA N    CN   sing N N 65  
FVA N    CA   sing N N 66  
FVA CB   CA   sing N N 67  
FVA CA   HA   sing N N 68  
FVA HB   CB   sing N N 69  
FVA CB   CG2  sing N N 70  
FVA CB   CG1  sing N N 71  
FVA HG13 CG1  sing N N 72  
FVA HG12 CG1  sing N N 73  
FVA CG1  HG11 sing N N 74  
FVA HG22 CG2  sing N N 75  
FVA HG23 CG2  sing N N 76  
FVA CG2  HG21 sing N N 77  
FVA CN   O1   doub N N 78  
FVA HN   CN   sing N N 79  
FVA C    OXT  sing N N 80  
FVA OXT  HXT  sing N N 81  
GLY N    CA   sing N N 82  
GLY N    H    sing N N 83  
GLY N    H2   sing N N 84  
GLY CA   C    sing N N 85  
GLY CA   HA2  sing N N 86  
GLY CA   HA3  sing N N 87  
GLY C    O    doub N N 88  
GLY C    OXT  sing N N 89  
GLY OXT  HXT  sing N N 90  
POL O    C1   sing N N 91  
POL O    HO   sing N N 92  
POL C1   C2   sing N N 93  
POL C1   H11  sing N N 94  
POL C1   H12  sing N N 95  
POL C2   C3   sing N N 96  
POL C2   H21  sing N N 97  
POL C2   H22  sing N N 98  
POL C3   H31  sing N N 99  
POL C3   H32  sing N N 100 
POL C3   H33  sing N N 101 
QIL C    OXT  sing N N 102 
QIL N    CA   sing N N 103 
QIL O    C    doub N N 104 
QIL CA   C    sing N N 105 
QIL CA   HA   sing N N 106 
QIL CB   CA   sing N N 107 
QIL CB   CG2  sing N N 108 
QIL CD1  HD12 sing N N 109 
QIL CD1  CG1  sing N N 110 
QIL CG1  CB   sing N N 111 
QIL CG1  HG13 sing N N 112 
QIL CG2  HG21 sing N N 113 
QIL CG2  HG22 sing N N 114 
QIL H    N    sing N N 115 
QIL HB   CB   sing N N 116 
QIL HD11 CD1  sing N N 117 
QIL HG12 CG1  sing N N 118 
QIL HD13 CD1  sing N N 119 
QIL HG23 CG2  sing N N 120 
QIL CN   N    sing N N 121 
QIL CN   O1   doub N N 122 
QIL HN   CN   sing N N 123 
QIL OXT  HXT  sing N N 124 
TRP N    CA   sing N N 125 
TRP N    H    sing N N 126 
TRP N    H2   sing N N 127 
TRP CA   C    sing N N 128 
TRP CA   CB   sing N N 129 
TRP CA   HA   sing N N 130 
TRP C    O    doub N N 131 
TRP C    OXT  sing N N 132 
TRP CB   CG   sing N N 133 
TRP CB   HB2  sing N N 134 
TRP CB   HB3  sing N N 135 
TRP CG   CD1  doub Y N 136 
TRP CG   CD2  sing Y N 137 
TRP CD1  NE1  sing Y N 138 
TRP CD1  HD1  sing N N 139 
TRP CD2  CE2  doub Y N 140 
TRP CD2  CE3  sing Y N 141 
TRP NE1  CE2  sing Y N 142 
TRP NE1  HE1  sing N N 143 
TRP CE2  CZ2  sing Y N 144 
TRP CE3  CZ3  doub Y N 145 
TRP CE3  HE3  sing N N 146 
TRP CZ2  CH2  doub Y N 147 
TRP CZ2  HZ2  sing N N 148 
TRP CZ3  CH2  sing Y N 149 
TRP CZ3  HZ3  sing N N 150 
TRP CH2  HH2  sing N N 151 
TRP OXT  HXT  sing N N 152 
VAL N    CA   sing N N 153 
VAL N    H    sing N N 154 
VAL N    H2   sing N N 155 
VAL CA   C    sing N N 156 
VAL CA   CB   sing N N 157 
VAL CA   HA   sing N N 158 
VAL C    O    doub N N 159 
VAL C    OXT  sing N N 160 
VAL CB   CG1  sing N N 161 
VAL CB   CG2  sing N N 162 
VAL CB   HB   sing N N 163 
VAL CG1  HG11 sing N N 164 
VAL CG1  HG12 sing N N 165 
VAL CG1  HG13 sing N N 166 
VAL CG2  HG21 sing N N 167 
VAL CG2  HG22 sing N N 168 
VAL CG2  HG23 sing N N 169 
VAL OXT  HXT  sing N N 170 
# 
_pdbx_initial_refinement_model.id               1 
_pdbx_initial_refinement_model.entity_id_list   ? 
_pdbx_initial_refinement_model.type             'experimental model' 
_pdbx_initial_refinement_model.source_name      PDB 
_pdbx_initial_refinement_model.accession_code   1ALZ 
_pdbx_initial_refinement_model.details          'PDB ENTRY 1ALZ' 
# 
_atom_sites.entry_id                    1AL4 
_atom_sites.fract_transf_matrix[1][1]   -0.00035100 
_atom_sites.fract_transf_matrix[1][2]   -0.00819918 
_atom_sites.fract_transf_matrix[1][3]   0.02971973 
_atom_sites.fract_transf_matrix[2][1]   -0.01503730 
_atom_sites.fract_transf_matrix[2][2]   -0.02587228 
_atom_sites.fract_transf_matrix[2][3]   -0.00731533 
_atom_sites.fract_transf_matrix[3][1]   0.03613927 
_atom_sites.fract_transf_matrix[3][2]   -0.01959664 
_atom_sites.fract_transf_matrix[3][3]   -0.00497958 
_atom_sites.fract_transf_vector[1]      0.657734 
_atom_sites.fract_transf_vector[2]      1.091323 
_atom_sites.fract_transf_vector[3]      0.503751 
# 
loop_
_atom_type.symbol 
C 
H 
N 
O 
# 
loop_
_atom_site.group_PDB 
_atom_site.id 
_atom_site.type_symbol 
_atom_site.label_atom_id 
_atom_site.label_alt_id 
_atom_site.label_comp_id 
_atom_site.label_asym_id 
_atom_site.label_entity_id 
_atom_site.label_seq_id 
_atom_site.pdbx_PDB_ins_code 
_atom_site.Cartn_x 
_atom_site.Cartn_y 
_atom_site.Cartn_z 
_atom_site.occupancy 
_atom_site.B_iso_or_equiv 
_atom_site.pdbx_formal_charge 
_atom_site.auth_seq_id 
_atom_site.auth_comp_id 
_atom_site.auth_asym_id 
_atom_site.auth_atom_id 
_atom_site.pdbx_PDB_model_num 
HETATM 1   C C    A FVA A 1 1  ? 6.167   12.084  7.858   0.70 7.76  ? 1   FVA A C    1 
HETATM 2   N N    A FVA A 1 1  ? 5.383   14.322  7.529   0.70 7.96  ? 1   FVA A N    1 
HETATM 3   O O    A FVA A 1 1  ? 5.501   11.665  6.938   0.70 10.13 ? 1   FVA A O    1 
HETATM 4   C CA   A FVA A 1 1  ? 5.793   13.394  8.544   0.70 8.39  ? 1   FVA A CA   1 
HETATM 5   C CB   A FVA A 1 1  ? 4.639   13.185  9.588   0.70 8.82  ? 1   FVA A CB   1 
HETATM 6   C CG1  A FVA A 1 1  ? 4.356   14.478  10.350  0.70 11.25 ? 1   FVA A CG1  1 
HETATM 7   C CG2  A FVA A 1 1  ? 3.350   12.575  9.078   0.70 10.92 ? 1   FVA A CG2  1 
HETATM 8   H H    A FVA A 1 1  ? 4.806   14.038  6.927   0.70 9.55  ? 1   FVA A H    1 
HETATM 9   H HA   A FVA A 1 1  ? 6.597   13.758  9.014   0.70 10.07 ? 1   FVA A HA   1 
HETATM 10  H HB   A FVA A 1 1  ? 4.997   12.542  10.265  0.70 10.58 ? 1   FVA A HB   1 
HETATM 11  H HG11 A FVA A 1 1  ? 4.868   15.212  9.951   0.70 16.88 ? 1   FVA A HG11 1 
HETATM 12  H HG12 A FVA A 1 1  ? 3.399   14.683  10.302  0.70 16.88 ? 1   FVA A HG12 1 
HETATM 13  H HG13 A FVA A 1 1  ? 4.620   14.369  11.288  0.70 16.88 ? 1   FVA A HG13 1 
HETATM 14  O O1   A FVA A 1 1  ? 6.497   16.149  8.236   0.70 11.13 ? 1   FVA A O1   1 
HETATM 15  H HG21 A FVA A 1 1  ? 3.403   12.464  8.106   0.70 16.37 ? 1   FVA A HG21 1 
HETATM 16  C CN   A FVA A 1 1  ? 5.809   15.579  7.428   0.70 9.32  ? 1   FVA A CN   1 
HETATM 17  H HG22 A FVA A 1 1  ? 3.213   11.701  9.499   0.70 16.37 ? 1   FVA A HG22 1 
HETATM 18  H HG23 A FVA A 1 1  ? 2.599   13.165  9.298   0.70 16.37 ? 1   FVA A HG23 1 
HETATM 19  H HN   A FVA A 1 1  ? 5.550   16.066  6.655   0.70 11.19 ? 1   FVA A HN   1 
HETATM 20  C C    B QIL A 1 1  ? 6.167   12.084  7.858   0.30 7.76  ? 1   QIL A C    1 
HETATM 21  N N    B QIL A 1 1  ? 5.383   14.322  7.529   0.30 7.96  ? 1   QIL A N    1 
HETATM 22  O O    B QIL A 1 1  ? 5.501   11.665  6.938   0.30 10.13 ? 1   QIL A O    1 
HETATM 23  C CA   B QIL A 1 1  ? 5.793   13.394  8.544   0.30 8.39  ? 1   QIL A CA   1 
HETATM 24  C CB   B QIL A 1 1  ? 4.865   12.918  9.693   0.30 9.99  ? 1   QIL A CB   1 
HETATM 25  C CD1  B QIL A 1 1  ? 3.407   14.061  11.322  0.30 12.62 ? 1   QIL A CD1  1 
HETATM 26  C CG1  B QIL A 1 1  ? 4.604   14.249  10.424  0.30 10.84 ? 1   QIL A CG1  1 
HETATM 27  C CG2  B QIL A 1 1  ? 5.308   11.856  10.696  0.30 11.54 ? 1   QIL A CG2  1 
HETATM 28  C CN   B QIL A 1 1  ? 5.809   15.579  7.428   0.30 9.32  ? 1   QIL A CN   1 
HETATM 29  O O1   B QIL A 1 1  ? 6.497   16.149  8.236   0.30 11.13 ? 1   QIL A O1   1 
HETATM 30  H H    B QIL A 1 1  ? 4.806   14.038  6.927   0.30 9.55  ? 1   QIL A H    1 
HETATM 31  H HA   B QIL A 1 1  ? 6.597   13.758  9.014   0.30 10.07 ? 1   QIL A HA   1 
HETATM 32  H HB   B QIL A 1 1  ? 4.003   12.616  9.288   0.30 11.99 ? 1   QIL A HB   1 
HETATM 33  H HD11 B QIL A 1 1  ? 2.631   13.802  10.781  0.30 18.93 ? 1   QIL A HD11 1 
HETATM 34  H HD12 B QIL A 1 1  ? 3.598   13.358  11.976  0.30 18.93 ? 1   QIL A HD12 1 
HETATM 35  H HD13 B QIL A 1 1  ? 3.214   14.900  11.789  0.30 18.93 ? 1   QIL A HD13 1 
HETATM 36  H HG12 B QIL A 1 1  ? 4.426   14.968  9.767   0.30 13.01 ? 1   QIL A HG12 1 
HETATM 37  H HG13 B QIL A 1 1  ? 5.394   14.503  10.962  0.30 13.01 ? 1   QIL A HG13 1 
HETATM 38  H HG21 B QIL A 1 1  ? 6.154   12.128  11.109  0.30 17.30 ? 1   QIL A HG21 1 
HETATM 39  H HG22 B QIL A 1 1  ? 4.623   11.756  11.390  0.30 17.30 ? 1   QIL A HG22 1 
HETATM 40  H HG23 B QIL A 1 1  ? 5.430   11.001  10.234  0.30 17.30 ? 1   QIL A HG23 1 
HETATM 41  H HN   B QIL A 1 1  ? 5.550   16.066  6.655   0.30 11.19 ? 1   QIL A HN   1 
ATOM   42  N N    . GLY A 1 2  ? 7.189   11.426  8.332   1.00 8.84  ? 2   GLY A N    1 
ATOM   43  C CA   . GLY A 1 2  ? 7.589   10.165  7.703   1.00 9.13  ? 2   GLY A CA   1 
ATOM   44  C C    . GLY A 1 2  ? 8.163   10.424  6.308   1.00 8.38  ? 2   GLY A C    1 
ATOM   45  O O    . GLY A 1 2  ? 8.867   11.413  6.076   1.00 9.42  ? 2   GLY A O    1 
ATOM   46  H H    . GLY A 1 2  ? 7.635   11.738  9.024   1.00 10.61 ? 2   GLY A H    1 
ATOM   47  H HA2  . GLY A 1 2  ? 8.271   9.716   8.263   1.00 10.96 ? 2   GLY A HA2  1 
ATOM   48  H HA3  . GLY A 1 2  ? 6.805   9.565   7.633   1.00 10.96 ? 2   GLY A HA3  1 
ATOM   49  N N    . ALA A 1 3  ? 7.893   9.524   5.375   1.00 8.53  ? 3   ALA A N    1 
ATOM   50  C CA   . ALA A 1 3  ? 8.445   9.593   4.020   1.00 8.62  ? 3   ALA A CA   1 
ATOM   51  C C    . ALA A 1 3  ? 7.417   8.963   3.078   1.00 8.70  ? 3   ALA A C    1 
ATOM   52  O O    . ALA A 1 3  ? 7.064   7.795   3.249   1.00 12.31 ? 3   ALA A O    1 
ATOM   53  C CB   . ALA A 1 3  ? 9.779   8.888   3.878   1.00 10.50 ? 3   ALA A CB   1 
ATOM   54  H H    . ALA A 1 3  ? 7.358   8.855   5.577   1.00 10.24 ? 3   ALA A H    1 
ATOM   55  H HA   . ALA A 1 3  ? 8.562   10.554  3.770   1.00 10.35 ? 3   ALA A HA   1 
ATOM   56  H HB1  . ALA A 1 3  ? 9.672   7.939   4.098   1.00 15.74 ? 3   ALA A HB1  1 
ATOM   57  H HB2  . ALA A 1 3  ? 10.098  8.974   2.955   1.00 15.74 ? 3   ALA A HB2  1 
ATOM   58  H HB3  . ALA A 1 3  ? 10.430  9.293   4.488   1.00 15.74 ? 3   ALA A HB3  1 
HETATM 59  N N    . DLE A 1 4  ? 7.063   9.664   2.023   1.00 8.33  ? 4   DLE A N    1 
HETATM 60  C CA   . DLE A 1 4  ? 6.256   9.133   0.956   1.00 8.01  ? 4   DLE A CA   1 
HETATM 61  C CB   . DLE A 1 4  ? 6.833   9.477   -0.423  1.00 9.67  ? 4   DLE A CB   1 
HETATM 62  C CG   . DLE A 1 4  ? 8.269   8.938   -0.647  1.00 13.58 ? 4   DLE A CG   1 
HETATM 63  C CD1  . DLE A 1 4  ? 8.246   7.446   -0.598  1.00 15.56 ? 4   DLE A CD1  1 
HETATM 64  C CD2  . DLE A 1 4  ? 8.711   9.476   -2.020  1.00 19.56 ? 4   DLE A CD2  1 
HETATM 65  C C    . DLE A 1 4  ? 4.818   9.672   1.025   1.00 7.32  ? 4   DLE A C    1 
HETATM 66  O O    . DLE A 1 4  ? 4.606   10.855  1.244   1.00 8.09  ? 4   DLE A O    1 
HETATM 67  H H    . DLE A 1 4  ? 7.335   10.499  1.966   1.00 10.00 ? 4   DLE A H    1 
HETATM 68  H HA   . DLE A 1 4  ? 6.225   8.138   1.047   1.00 9.61  ? 4   DLE A HA   1 
HETATM 69  H HB2  . DLE A 1 4  ? 6.239   9.102   -1.122  1.00 11.60 ? 4   DLE A HB2  1 
HETATM 70  H HB3  . DLE A 1 4  ? 6.840   10.460  -0.531  1.00 11.60 ? 4   DLE A HB3  1 
HETATM 71  H HG   . DLE A 1 4  ? 8.877   9.290   0.065   1.00 16.29 ? 4   DLE A HG   1 
HETATM 72  H HD11 . DLE A 1 4  ? 7.343   7.141   -0.372  1.00 23.35 ? 4   DLE A HD11 1 
HETATM 73  H HD12 . DLE A 1 4  ? 8.502   7.087   -1.473  1.00 23.35 ? 4   DLE A HD12 1 
HETATM 74  H HD13 . DLE A 1 4  ? 8.877   7.132   0.082   1.00 23.35 ? 4   DLE A HD13 1 
HETATM 75  H HD21 . DLE A 1 4  ? 7.919   9.703   -2.551  1.00 29.34 ? 4   DLE A HD21 1 
HETATM 76  H HD22 . DLE A 1 4  ? 9.261   10.277  -1.895  1.00 29.34 ? 4   DLE A HD22 1 
HETATM 77  H HD23 . DLE A 1 4  ? 9.232   8.790   -2.486  1.00 29.34 ? 4   DLE A HD23 1 
ATOM   78  N N    . ALA A 1 5  ? 3.875   8.790   0.766   1.00 7.34  ? 5   ALA A N    1 
ATOM   79  C CA   . ALA A 1 5  ? 2.452   9.170   0.572   1.00 7.54  ? 5   ALA A CA   1 
ATOM   80  C C    . ALA A 1 5  ? 1.629   7.904   0.793   1.00 7.20  ? 5   ALA A C    1 
ATOM   81  O O    . ALA A 1 5  ? 1.288   7.200   -0.160  1.00 7.40  ? 5   ALA A O    1 
ATOM   82  C CB   . ALA A 1 5  ? 2.219   9.753   -0.792  1.00 8.80  ? 5   ALA A CB   1 
ATOM   83  H H    . ALA A 1 5  ? 4.097   7.940   0.707   1.00 8.81  ? 5   ALA A H    1 
ATOM   84  H HA   . ALA A 1 5  ? 2.198   9.847   1.263   1.00 9.05  ? 5   ALA A HA   1 
ATOM   85  H HB1  . ALA A 1 5  ? 2.463   9.093   -1.475  1.00 13.20 ? 5   ALA A HB1  1 
ATOM   86  H HB2  . ALA A 1 5  ? 1.273   9.989   -0.889  1.00 13.20 ? 5   ALA A HB2  1 
ATOM   87  H HB3  . ALA A 1 5  ? 2.770   10.555  -0.902  1.00 13.20 ? 5   ALA A HB3  1 
HETATM 88  N N    . DVA A 1 6  ? 1.279   7.645   2.049   1.00 7.81  ? 6   DVA A N    1 
HETATM 89  C CA   . DVA A 1 6  ? 0.525   6.435   2.429   1.00 7.36  ? 6   DVA A CA   1 
HETATM 90  C CB   . DVA A 1 6  ? -0.738  6.761   3.226   1.00 7.53  ? 6   DVA A CB   1 
HETATM 91  C CG1  . DVA A 1 6  ? -0.446  7.464   4.547   1.00 8.51  ? 6   DVA A CG1  1 
HETATM 92  C CG2  . DVA A 1 6  ? -1.758  7.558   2.367   1.00 8.23  ? 6   DVA A CG2  1 
HETATM 93  C C    . DVA A 1 6  ? 1.431   5.477   3.177   1.00 7.33  ? 6   DVA A C    1 
HETATM 94  O O    . DVA A 1 6  ? 2.378   5.858   3.865   1.00 8.29  ? 6   DVA A O    1 
HETATM 95  H H    . DVA A 1 6  ? 1.505   8.217   2.678   1.00 9.38  ? 6   DVA A H    1 
HETATM 96  H HA   . DVA A 1 6  ? 0.240   5.981   1.585   1.00 8.83  ? 6   DVA A HA   1 
HETATM 97  H HB   . DVA A 1 6  ? -1.171  5.889   3.452   1.00 9.03  ? 6   DVA A HB   1 
HETATM 98  H HG11 . DVA A 1 6  ? 0.505   7.694   4.593   1.00 12.77 ? 6   DVA A HG11 1 
HETATM 99  H HG12 . DVA A 1 6  ? -0.983  8.283   4.608   1.00 12.77 ? 6   DVA A HG12 1 
HETATM 100 H HG13 . DVA A 1 6  ? -0.674  6.869   5.292   1.00 12.77 ? 6   DVA A HG13 1 
HETATM 101 H HG21 . DVA A 1 6  ? -1.346  7.798   1.511   1.00 12.34 ? 6   DVA A HG21 1 
HETATM 102 H HG22 . DVA A 1 6  ? -2.550  7.005   2.205   1.00 12.34 ? 6   DVA A HG22 1 
HETATM 103 H HG23 . DVA A 1 6  ? -2.020  8.372   2.844   1.00 12.34 ? 6   DVA A HG23 1 
ATOM   104 N N    . VAL A 1 7  ? 1.096   4.188   3.033   1.00 7.69  ? 7   VAL A N    1 
ATOM   105 C CA   . VAL A 1 7  ? 1.841   3.137   3.736   1.00 8.20  ? 7   VAL A CA   1 
ATOM   106 C C    . VAL A 1 7  ? 2.045   1.970   2.813   1.00 7.74  ? 7   VAL A C    1 
ATOM   107 O O    . VAL A 1 7  ? 1.067   1.452   2.221   1.00 9.59  ? 7   VAL A O    1 
ATOM   108 C CB   A VAL A 1 7  ? 1.065   2.640   5.011   0.89 10.05 ? 7   VAL A CB   1 
ATOM   109 C CB   B VAL A 1 7  ? 1.213   2.692   5.068   0.11 10.04 ? 7   VAL A CB   1 
ATOM   110 C CG1  A VAL A 1 7  ? 1.658   1.388   5.560   0.89 13.52 ? 7   VAL A CG1  1 
ATOM   111 C CG1  B VAL A 1 7  ? 0.276   1.515   4.859   0.11 11.82 ? 7   VAL A CG1  1 
ATOM   112 C CG2  A VAL A 1 7  ? 0.982   3.766   6.060   0.89 10.75 ? 7   VAL A CG2  1 
ATOM   113 C CG2  B VAL A 1 7  ? 2.294   2.371   6.096   0.11 11.65 ? 7   VAL A CG2  1 
ATOM   114 H H    . VAL A 1 7  ? 0.422   3.969   2.512   1.00 9.23  ? 7   VAL A H    1 
ATOM   115 H HA   . VAL A 1 7  ? 2.733   3.497   4.014   1.00 9.84  ? 7   VAL A HA   1 
ATOM   116 H HB   A VAL A 1 7  ? 0.130   2.428   4.727   0.89 12.07 ? 7   VAL A HB   1 
ATOM   117 H HB   B VAL A 1 7  ? 0.673   3.455   5.421   0.11 12.04 ? 7   VAL A HB   1 
ATOM   118 H HG11 A VAL A 1 7  ? 2.453   1.148   5.039   0.89 20.28 ? 7   VAL A HG11 1 
ATOM   119 H HG11 B VAL A 1 7  ? 0.132   1.377   3.900   0.11 17.73 ? 7   VAL A HG11 1 
ATOM   120 H HG12 A VAL A 1 7  ? 1.909   1.528   6.496   0.89 20.28 ? 7   VAL A HG12 1 
ATOM   121 H HG12 B VAL A 1 7  ? 0.671   0.708   5.249   0.11 17.73 ? 7   VAL A HG12 1 
ATOM   122 H HG13 A VAL A 1 7  ? 1.000   0.663   5.503   0.89 20.28 ? 7   VAL A HG13 1 
ATOM   123 H HG13 B VAL A 1 7  ? -0.584  1.701   5.295   0.11 17.73 ? 7   VAL A HG13 1 
ATOM   124 H HG21 A VAL A 1 7  ? 1.489   4.544   5.743   0.89 16.13 ? 7   VAL A HG21 1 
ATOM   125 H HG21 B VAL A 1 7  ? 3.004   1.846   5.670   0.11 17.47 ? 7   VAL A HG21 1 
ATOM   126 H HG22 A VAL A 1 7  ? 0.046   4.019   6.195   0.89 16.13 ? 7   VAL A HG22 1 
ATOM   127 H HG22 B VAL A 1 7  ? 2.671   3.205   6.446   0.11 17.47 ? 7   VAL A HG22 1 
ATOM   128 H HG23 A VAL A 1 7  ? 1.362   3.453   6.907   0.89 16.13 ? 7   VAL A HG23 1 
ATOM   129 H HG23 B VAL A 1 7  ? 1.903   1.855   6.831   0.11 17.47 ? 7   VAL A HG23 1 
HETATM 130 N N    . DVA A 1 8  ? 3.259   1.486   2.698   1.00 7.15  ? 8   DVA A N    1 
HETATM 131 C CA   . DVA A 1 8  ? 3.528   0.198   2.030   1.00 7.46  ? 8   DVA A CA   1 
HETATM 132 C CB   . DVA A 1 8  ? 4.749   -0.487  2.666   1.00 8.29  ? 8   DVA A CB   1 
HETATM 133 C CG1  . DVA A 1 8  ? 4.573   -0.628  4.195   1.00 11.86 ? 8   DVA A CG1  1 
HETATM 134 C CG2  . DVA A 1 8  ? 4.933   -1.898  2.072   1.00 9.21  ? 8   DVA A CG2  1 
HETATM 135 C C    . DVA A 1 8  ? 3.746   0.411   0.535   1.00 6.50  ? 8   DVA A C    1 
HETATM 136 O O    . DVA A 1 8  ? 4.618   1.203   0.110   1.00 7.22  ? 8   DVA A O    1 
HETATM 137 H H    . DVA A 1 8  ? 3.933   1.944   3.029   1.00 8.58  ? 8   DVA A H    1 
HETATM 138 H HA   . DVA A 1 8  ? 2.732   -0.395  2.153   1.00 8.96  ? 8   DVA A HA   1 
HETATM 139 H HB   . DVA A 1 8  ? 5.566   0.057   2.478   1.00 9.94  ? 8   DVA A HB   1 
HETATM 140 H HG11 . DVA A 1 8  ? 3.698   -0.273  4.458   1.00 17.79 ? 8   DVA A HG11 1 
HETATM 141 H HG12 . DVA A 1 8  ? 4.629   -1.574  4.444   1.00 17.79 ? 8   DVA A HG12 1 
HETATM 142 H HG13 . DVA A 1 8  ? 5.280   -0.127  4.652   1.00 17.79 ? 8   DVA A HG13 1 
HETATM 143 H HG21 . DVA A 1 8  ? 4.196   -2.093  1.456   1.00 13.82 ? 8   DVA A HG21 1 
HETATM 144 H HG22 . DVA A 1 8  ? 5.784   -1.939  1.588   1.00 13.82 ? 8   DVA A HG22 1 
HETATM 145 H HG23 . DVA A 1 8  ? 4.937   -2.559  2.796   1.00 13.82 ? 8   DVA A HG23 1 
ATOM   146 N N    . TRP A 1 9  ? 2.991   -0.344  -0.260  1.00 6.51  ? 9   TRP A N    1 
ATOM   147 C CA   . TRP A 1 9  ? 3.087   -0.278  -1.742  1.00 6.45  ? 9   TRP A CA   1 
ATOM   148 C C    . TRP A 1 9  ? 1.807   -0.875  -2.307  1.00 6.13  ? 9   TRP A C    1 
ATOM   149 O O    . TRP A 1 9  ? 1.640   -2.098  -2.304  1.00 6.69  ? 9   TRP A O    1 
ATOM   150 C CB   . TRP A 1 9  ? 4.274   -1.052  -2.276  1.00 7.31  ? 9   TRP A CB   1 
ATOM   151 C CG   . TRP A 1 9  ? 4.392   -0.990  -3.758  1.00 7.39  ? 9   TRP A CG   1 
ATOM   152 C CD1  . TRP A 1 9  ? 4.178   -2.004  -4.646  1.00 7.95  ? 9   TRP A CD1  1 
ATOM   153 C CD2  . TRP A 1 9  ? 4.710   0.135   -4.593  1.00 7.51  ? 9   TRP A CD2  1 
ATOM   154 N NE1  . TRP A 1 9  ? 4.360   -1.622  -5.951  1.00 8.32  ? 9   TRP A NE1  1 
ATOM   155 C CE2  . TRP A 1 9  ? 4.662   -0.301  -5.917  1.00 7.67  ? 9   TRP A CE2  1 
ATOM   156 C CE3  . TRP A 1 9  ? 4.984   1.510   -4.297  1.00 8.02  ? 9   TRP A CE3  1 
ATOM   157 C CZ2  . TRP A 1 9  ? 4.952   0.560   -6.982  1.00 8.99  ? 9   TRP A CZ2  1 
ATOM   158 C CZ3  . TRP A 1 9  ? 5.252   2.344   -5.340  1.00 9.26  ? 9   TRP A CZ3  1 
ATOM   159 C CH2  . TRP A 1 9  ? 5.209   1.881   -6.662  1.00 9.13  ? 9   TRP A CH2  1 
ATOM   160 H H    . TRP A 1 9  ? 2.415   -0.900  0.105   1.00 7.81  ? 9   TRP A H    1 
ATOM   161 H HA   . TRP A 1 9  ? 3.159   0.677   -2.027  1.00 7.74  ? 9   TRP A HA   1 
ATOM   162 H HB2  . TRP A 1 9  ? 5.102   -0.690  -1.873  1.00 8.77  ? 9   TRP A HB2  1 
ATOM   163 H HB3  . TRP A 1 9  ? 4.193   -1.999  -1.999  1.00 8.77  ? 9   TRP A HB3  1 
ATOM   164 H HD1  . TRP A 1 9  ? 3.930   -2.883  -4.387  1.00 9.54  ? 9   TRP A HD1  1 
ATOM   165 H HE1  . TRP A 1 9  ? 4.294   -2.132  -6.665  1.00 9.98  ? 9   TRP A HE1  1 
ATOM   166 H HE3  . TRP A 1 9  ? 4.977   1.829   -3.402  1.00 9.63  ? 9   TRP A HE3  1 
ATOM   167 H HZ2  . TRP A 1 9  ? 4.972   0.253   -7.881  1.00 10.78 ? 9   TRP A HZ2  1 
ATOM   168 H HZ3  . TRP A 1 9  ? 5.472   3.253   -5.169  1.00 11.11 ? 9   TRP A HZ3  1 
ATOM   169 H HH2  . TRP A 1 9  ? 5.362   2.499   -7.366  1.00 10.95 ? 9   TRP A HH2  1 
HETATM 170 N N    . DLE A 1 10 ? 0.941   -0.014  -2.815  1.00 6.46  ? 10  DLE A N    1 
HETATM 171 C CA   . DLE A 1 10 ? -0.225  -0.429  -3.601  1.00 6.88  ? 10  DLE A CA   1 
HETATM 172 C CB   . DLE A 1 10 ? -0.222  0.226   -4.955  1.00 8.97  ? 10  DLE A CB   1 
HETATM 173 C CG   . DLE A 1 10 ? 0.902   -0.328  -5.902  1.00 11.18 ? 10  DLE A CG   1 
HETATM 174 C CD1  . DLE A 1 10 ? 0.683   -1.813  -6.245  1.00 15.08 ? 10  DLE A CD1  1 
HETATM 175 C CD2  . DLE A 1 10 ? 1.007   0.522   -7.125  1.00 15.96 ? 10  DLE A CD2  1 
HETATM 176 C C    . DLE A 1 10 ? -1.517  -0.097  -2.882  1.00 6.82  ? 10  DLE A C    1 
HETATM 177 O O    . DLE A 1 10 ? -1.693  0.958   -2.300  1.00 8.83  ? 10  DLE A O    1 
HETATM 178 H H    . DLE A 1 10 ? 1.070   0.845   -2.676  1.00 7.75  ? 10  DLE A H    1 
HETATM 179 H HA   . DLE A 1 10 ? -0.181  -1.419  -3.731  1.00 8.25  ? 10  DLE A HA   1 
HETATM 180 H HB2  . DLE A 1 10 ? -1.102  0.084   -5.384  1.00 10.76 ? 10  DLE A HB2  1 
HETATM 181 H HB3  . DLE A 1 10 ? -0.095  1.201   -4.841  1.00 10.76 ? 10  DLE A HB3  1 
HETATM 182 H HG   . DLE A 1 10 ? 1.771   -0.257  -5.411  1.00 13.42 ? 10  DLE A HG   1 
HETATM 183 H HD11 . DLE A 1 10 ? -0.172  -2.112  -5.872  1.00 22.62 ? 10  DLE A HD11 1 
HETATM 184 H HD12 . DLE A 1 10 ? 0.674   -1.926  -7.218  1.00 22.62 ? 10  DLE A HD12 1 
HETATM 185 H HD13 . DLE A 1 10 ? 1.410   -2.348  -5.862  1.00 22.62 ? 10  DLE A HD13 1 
HETATM 186 H HD21 . DLE A 1 10 ? 0.280   1.179   -7.128  1.00 23.94 ? 10  DLE A HD21 1 
HETATM 187 H HD22 . DLE A 1 10 ? 1.868   0.989   -7.126  1.00 23.94 ? 10  DLE A HD22 1 
HETATM 188 H HD23 . DLE A 1 10 ? 0.941   -0.043  -7.922  1.00 23.94 ? 10  DLE A HD23 1 
ATOM   189 N N    . TRP A 1 11 ? -2.473  -1.026  -2.977  1.00 7.41  ? 11  TRP A N    1 
ATOM   190 C CA   A TRP A 1 11 ? -3.852  -0.831  -2.595  0.60 7.22  ? 11  TRP A CA   1 
ATOM   191 C CA   B TRP A 1 11 ? -3.793  -0.812  -2.414  0.40 7.45  ? 11  TRP A CA   1 
ATOM   192 C C    . TRP A 1 11 ? -4.389  -2.185  -2.119  1.00 7.30  ? 11  TRP A C    1 
ATOM   193 O O    . TRP A 1 11 ? -4.936  -2.921  -2.964  1.00 8.94  ? 11  TRP A O    1 
ATOM   194 C CB   A TRP A 1 11 ? -4.775  -0.350  -3.742  0.60 8.45  ? 11  TRP A CB   1 
ATOM   195 C CB   B TRP A 1 11 ? -4.634  0.060   -3.342  0.40 8.38  ? 11  TRP A CB   1 
ATOM   196 C CG   A TRP A 1 11 ? -4.375  1.014   -4.284  0.60 8.74  ? 11  TRP A CG   1 
ATOM   197 C CG   B TRP A 1 11 ? -4.192  0.006   -4.775  0.40 7.76  ? 11  TRP A CG   1 
ATOM   198 C CD1  A TRP A 1 11 ? -4.519  2.201   -3.658  0.60 9.83  ? 11  TRP A CD1  1 
ATOM   199 C CD1  B TRP A 1 11 ? -4.079  -1.126  -5.528  0.40 8.96  ? 11  TRP A CD1  1 
ATOM   200 C CD2  A TRP A 1 11 ? -3.759  1.281   -5.517  0.60 8.85  ? 11  TRP A CD2  1 
ATOM   201 C CD2  B TRP A 1 11 ? -3.776  1.069   -5.621  0.40 8.57  ? 11  TRP A CD2  1 
ATOM   202 N NE1  A TRP A 1 11 ? -4.042  3.213   -4.444  0.60 10.02 ? 11  TRP A NE1  1 
ATOM   203 N NE1  B TRP A 1 11 ? -3.657  -0.852  -6.788  0.40 9.13  ? 11  TRP A NE1  1 
ATOM   204 C CE2  A TRP A 1 11 ? -3.562  2.678   -5.601  0.60 9.38  ? 11  TRP A CE2  1 
ATOM   205 C CE2  B TRP A 1 11 ? -3.450  0.509   -6.871  0.40 8.74  ? 11  TRP A CE2  1 
ATOM   206 C CE3  A TRP A 1 11 ? -3.344  0.512   -6.587  0.60 9.58  ? 11  TRP A CE3  1 
ATOM   207 C CE3  B TRP A 1 11 ? -3.633  2.462   -5.502  0.40 9.02  ? 11  TRP A CE3  1 
ATOM   208 C CZ2  A TRP A 1 11 ? -3.007  3.373   -6.654  0.60 10.44 ? 11  TRP A CZ2  1 
ATOM   209 C CZ2  B TRP A 1 11 ? -3.012  1.227   -7.973  0.40 10.32 ? 11  TRP A CZ2  1 
ATOM   210 C CZ3  A TRP A 1 11 ? -2.771  1.195   -7.644  0.60 9.85  ? 11  TRP A CZ3  1 
ATOM   211 C CZ3  B TRP A 1 11 ? -3.189  3.160   -6.598  0.40 10.33 ? 11  TRP A CZ3  1 
ATOM   212 C CH2  A TRP A 1 11 ? -2.578  2.586   -7.665  0.60 11.06 ? 11  TRP A CH2  1 
ATOM   213 C CH2  B TRP A 1 11 ? -2.878  2.586   -7.808  0.40 10.81 ? 11  TRP A CH2  1 
ATOM   214 H H    . TRP A 1 11 ? -2.247  -1.814  -3.297  1.00 8.89  ? 11  TRP A H    1 
ATOM   215 H HA   A TRP A 1 11 ? -3.895  -0.175  -1.841  0.60 8.67  ? 11  TRP A HA   1 
ATOM   216 H HA   B TRP A 1 11 ? -3.684  -0.327  -1.546  0.40 8.94  ? 11  TRP A HA   1 
ATOM   217 H HB2  A TRP A 1 11 ? -4.747  -1.011  -4.479  0.60 10.14 ? 11  TRP A HB2  1 
ATOM   218 H HB2  B TRP A 1 11 ? -5.578  -0.232  -3.287  0.40 10.06 ? 11  TRP A HB2  1 
ATOM   219 H HB3  A TRP A 1 11 ? -5.707  -0.306  -3.411  0.60 10.14 ? 11  TRP A HB3  1 
ATOM   220 H HB3  B TRP A 1 11 ? -4.590  0.998   -3.028  0.40 10.06 ? 11  TRP A HB3  1 
ATOM   221 H HD1  A TRP A 1 11 ? -4.899  2.317   -2.794  0.60 11.79 ? 11  TRP A HD1  1 
ATOM   222 H HD1  B TRP A 1 11 ? -4.273  -1.999  -5.210  0.40 10.76 ? 11  TRP A HD1  1 
ATOM   223 H HE1  A TRP A 1 11 ? -4.044  4.068   -4.236  0.60 12.02 ? 11  TRP A HE1  1 
ATOM   224 H HE1  B TRP A 1 11 ? -3.538  -1.436  -7.435  0.40 10.95 ? 11  TRP A HE1  1 
ATOM   225 H HE3  A TRP A 1 11 ? -3.447  -0.433  -6.596  0.60 11.50 ? 11  TRP A HE3  1 
ATOM   226 H HE3  B TRP A 1 11 ? -3.836  2.907   -4.688  0.40 10.82 ? 11  TRP A HE3  1 
ATOM   227 H HZ2  A TRP A 1 11 ? -2.931  4.320   -6.668  0.60 12.52 ? 11  TRP A HZ2  1 
ATOM   228 H HZ2  B TRP A 1 11 ? -2.815  0.802   -8.800  0.40 12.39 ? 11  TRP A HZ2  1 
ATOM   229 H HZ3  A TRP A 1 11 ? -2.491  0.693   -8.401  0.60 11.82 ? 11  TRP A HZ3  1 
ATOM   230 H HZ3  B TRP A 1 11 ? -3.090  4.101   -6.516  0.40 12.40 ? 11  TRP A HZ3  1 
ATOM   231 H HH2  A TRP A 1 11 ? -2.136  2.982   -8.406  0.60 13.27 ? 11  TRP A HH2  1 
ATOM   232 H HH2  B TRP A 1 11 ? -2.572  3.126   -8.527  0.40 12.97 ? 11  TRP A HH2  1 
HETATM 233 N N    . DLE A 1 12 ? -4.360  -2.511  -0.833  1.00 7.02  ? 12  DLE A N    1 
HETATM 234 C CA   . DLE A 1 12 ? -4.944  -3.720  -0.293  1.00 7.06  ? 12  DLE A CA   1 
HETATM 235 C CB   . DLE A 1 12 ? -6.007  -3.343  0.764   1.00 8.13  ? 12  DLE A CB   1 
HETATM 236 C CG   . DLE A 1 12 ? -7.344  -2.876  0.169   1.00 10.17 ? 12  DLE A CG   1 
HETATM 237 C CD1  . DLE A 1 12 ? -8.154  -4.111  -0.267  1.00 12.89 ? 12  DLE A CD1  1 
HETATM 238 C CD2  . DLE A 1 12 ? -8.106  -2.016  1.163   1.00 12.49 ? 12  DLE A CD2  1 
HETATM 239 C C    . DLE A 1 12 ? -3.903  -4.636  0.326   1.00 6.83  ? 12  DLE A C    1 
HETATM 240 O O    . DLE A 1 12 ? -2.995  -4.213  1.051   1.00 7.72  ? 12  DLE A O    1 
HETATM 241 H H    . DLE A 1 12 ? -3.962  -1.960  -0.275  1.00 8.42  ? 12  DLE A H    1 
HETATM 242 H HA   . DLE A 1 12 ? -5.398  -4.213  -1.037  1.00 8.47  ? 12  DLE A HA   1 
HETATM 243 H HB2  . DLE A 1 12 ? -6.174  -4.130  1.342   1.00 9.76  ? 12  DLE A HB2  1 
HETATM 244 H HB3  . DLE A 1 12 ? -5.643  -2.622  1.336   1.00 9.76  ? 12  DLE A HB3  1 
HETATM 245 H HG   . DLE A 1 12 ? -7.152  -2.324  -0.642  1.00 12.21 ? 12  DLE A HG   1 
HETATM 246 H HD11 . DLE A 1 12 ? -7.676  -4.925  -0.003  1.00 19.34 ? 12  DLE A HD11 1 
HETATM 247 H HD12 . DLE A 1 12 ? -9.034  -4.095  0.166   1.00 19.34 ? 12  DLE A HD12 1 
HETATM 248 H HD13 . DLE A 1 12 ? -8.269  -4.101  -1.239  1.00 19.34 ? 12  DLE A HD13 1 
HETATM 249 H HD21 . DLE A 1 12 ? -7.616  -1.986  2.012   1.00 18.73 ? 12  DLE A HD21 1 
HETATM 250 H HD22 . DLE A 1 12 ? -8.197  -1.108  0.806   1.00 18.73 ? 12  DLE A HD22 1 
HETATM 251 H HD23 . DLE A 1 12 ? -8.995  -2.400  1.313   1.00 18.73 ? 12  DLE A HD23 1 
ATOM   252 N N    . TRP A 1 13 ? -4.108  -5.946  0.128   1.00 7.44  ? 13  TRP A N    1 
ATOM   253 C CA   . TRP A 1 13 ? -3.250  -6.946  0.769   1.00 7.23  ? 13  TRP A CA   1 
ATOM   254 C C    . TRP A 1 13 ? -3.361  -8.220  -0.053  1.00 6.99  ? 13  TRP A C    1 
ATOM   255 O O    . TRP A 1 13 ? -4.196  -9.089  0.246   1.00 8.27  ? 13  TRP A O    1 
ATOM   256 C CB   . TRP A 1 13 ? -3.584  -7.128  2.262   1.00 7.60  ? 13  TRP A CB   1 
ATOM   257 C CG   . TRP A 1 13 ? -2.353  -7.347  3.101   1.00 7.93  ? 13  TRP A CG   1 
ATOM   258 C CD1  . TRP A 1 13 ? -1.317  -8.215  2.902   1.00 9.33  ? 13  TRP A CD1  1 
ATOM   259 C CD2  . TRP A 1 13 ? -2.024  -6.604  4.291   1.00 7.98  ? 13  TRP A CD2  1 
ATOM   260 N NE1  . TRP A 1 13 ? -0.370  -8.069  3.876   1.00 10.47 ? 13  TRP A NE1  1 
ATOM   261 C CE2  . TRP A 1 13 ? -0.765  -7.096  4.739   1.00 8.58  ? 13  TRP A CE2  1 
ATOM   262 C CE3  . TRP A 1 13 ? -2.634  -5.625  5.011   1.00 9.35  ? 13  TRP A CE3  1 
ATOM   263 C CZ2  . TRP A 1 13 ? -0.135  -6.593  5.872   1.00 9.90  ? 13  TRP A CZ2  1 
ATOM   264 C CZ3  . TRP A 1 13 ? -2.023  -5.112  6.145   1.00 11.27 ? 13  TRP A CZ3  1 
ATOM   265 C CH2  . TRP A 1 13 ? -0.799  -5.595  6.563   1.00 9.81  ? 13  TRP A CH2  1 
ATOM   266 H H    . TRP A 1 13 ? -4.766  -6.209  -0.393  1.00 8.93  ? 13  TRP A H    1 
ATOM   267 H HA   . TRP A 1 13 ? -2.306  -6.623  0.705   1.00 8.67  ? 13  TRP A HA   1 
ATOM   268 H HB2  . TRP A 1 13 ? -4.060  -6.324  2.589   1.00 9.12  ? 13  TRP A HB2  1 
ATOM   269 H HB3  . TRP A 1 13 ? -4.189  -7.904  2.368   1.00 9.12  ? 13  TRP A HB3  1 
ATOM   270 H HD1  . TRP A 1 13 ? -1.261  -8.834  2.184   1.00 11.19 ? 13  TRP A HD1  1 
ATOM   271 H HE1  . TRP A 1 13 ? 0.375   -8.533  3.935   1.00 12.57 ? 13  TRP A HE1  1 
ATOM   272 H HE3  . TRP A 1 13 ? -3.481  -5.293  4.737   1.00 11.22 ? 13  TRP A HE3  1 
ATOM   273 H HZ2  . TRP A 1 13 ? 0.710   -6.919  6.158   1.00 11.88 ? 13  TRP A HZ2  1 
ATOM   274 H HZ3  . TRP A 1 13 ? -2.449  -4.421  6.639   1.00 13.53 ? 13  TRP A HZ3  1 
ATOM   275 H HH2  . TRP A 1 13 ? -0.401  -5.232  7.345   1.00 11.77 ? 13  TRP A HH2  1 
HETATM 276 N N    . DLE A 1 14 ? -2.522  -8.311  -1.101  1.00 7.20  ? 14  DLE A N    1 
HETATM 277 C CA   . DLE A 1 14 ? -2.459  -9.495  -1.957  1.00 7.19  ? 14  DLE A CA   1 
HETATM 278 C CB   . DLE A 1 14 ? -1.231  -10.319 -1.625  1.00 8.53  ? 14  DLE A CB   1 
HETATM 279 C CG   . DLE A 1 14 ? -1.226  -10.919 -0.197  1.00 10.29 ? 14  DLE A CG   1 
HETATM 280 C CD1  . DLE A 1 14 ? -2.083  -12.137 -0.082  1.00 12.62 ? 14  DLE A CD1  1 
HETATM 281 C CD2  . DLE A 1 14 ? 0.195   -11.282 0.184   1.00 15.92 ? 14  DLE A CD2  1 
HETATM 282 C C    . DLE A 1 14 ? -2.462  -9.084  -3.427  1.00 6.96  ? 14  DLE A C    1 
HETATM 283 O O    . DLE A 1 14 ? -1.850  -8.113  -3.847  1.00 8.52  ? 14  DLE A O    1 
HETATM 284 H H    . DLE A 1 14 ? -1.992  -7.632  -1.279  1.00 8.64  ? 14  DLE A H    1 
HETATM 285 H HA   . DLE A 1 14 ? -3.270  -10.052 -1.785  1.00 8.62  ? 14  DLE A HA   1 
HETATM 286 H HB2  . DLE A 1 14 ? -1.161  -11.060 -2.278  1.00 10.24 ? 14  DLE A HB2  1 
HETATM 287 H HB3  . DLE A 1 14 ? -0.429  -9.749  -1.732  1.00 10.24 ? 14  DLE A HB3  1 
HETATM 288 H HG   . DLE A 1 14 ? -1.561  -10.227 0.443   1.00 12.35 ? 14  DLE A HG   1 
HETATM 289 H HD11 . DLE A 1 14 ? -2.404  -12.395 -0.971  1.00 18.93 ? 14  DLE A HD11 1 
HETATM 290 H HD12 . DLE A 1 14 ? -1.559  -12.870 0.303   1.00 18.93 ? 14  DLE A HD12 1 
HETATM 291 H HD13 . DLE A 1 14 ? -2.849  -11.943 0.499   1.00 18.93 ? 14  DLE A HD13 1 
HETATM 292 H HD21 . DLE A 1 14 ? 0.774   -11.209 -0.605  1.00 23.88 ? 14  DLE A HD21 1 
HETATM 293 H HD22 . DLE A 1 14 ? 0.514   -10.671 0.881   1.00 23.88 ? 14  DLE A HD22 1 
HETATM 294 H HD23 . DLE A 1 14 ? 0.218   -12.202 0.519   1.00 23.88 ? 14  DLE A HD23 1 
ATOM   295 N N    . TRP A 1 15 ? -3.139  -9.899  -4.208  1.00 7.59  ? 15  TRP A N    1 
ATOM   296 C CA   . TRP A 1 15 ? -3.095  -9.788  -5.692  1.00 7.65  ? 15  TRP A CA   1 
ATOM   297 C C    . TRP A 1 15 ? -4.380  -10.464 -6.208  1.00 8.08  ? 15  TRP A C    1 
ATOM   298 O O    . TRP A 1 15 ? -4.342  -11.614 -6.679  1.00 8.98  ? 15  TRP A O    1 
ATOM   299 C CB   . TRP A 1 15 ? -1.816  -10.390 -6.238  1.00 8.52  ? 15  TRP A CB   1 
ATOM   300 C CG   . TRP A 1 15 ? -1.577  -10.003 -7.666  1.00 8.58  ? 15  TRP A CG   1 
ATOM   301 C CD1  . TRP A 1 15 ? -1.739  -10.800 -8.782  1.00 9.25  ? 15  TRP A CD1  1 
ATOM   302 C CD2  . TRP A 1 15 ? -1.134  -8.729  -8.131  1.00 8.54  ? 15  TRP A CD2  1 
ATOM   303 N NE1  . TRP A 1 15 ? -1.391  -10.080 -9.922  1.00 10.06 ? 15  TRP A NE1  1 
ATOM   304 C CE2  . TRP A 1 15 ? -1.004  -8.821  -9.533  1.00 9.21  ? 15  TRP A CE2  1 
ATOM   305 C CE3  . TRP A 1 15 ? -0.749  -7.564  -7.490  1.00 9.93  ? 15  TRP A CE3  1 
ATOM   306 C CZ2  . TRP A 1 15 ? -0.597  -7.767  -10.318 1.00 10.40 ? 15  TRP A CZ2  1 
ATOM   307 C CZ3  . TRP A 1 15 ? -0.289  -6.513  -8.251  1.00 10.60 ? 15  TRP A CZ3  1 
ATOM   308 C CH2  . TRP A 1 15 ? -0.193  -6.613  -9.679  1.00 11.34 ? 15  TRP A CH2  1 
ATOM   309 H H    . TRP A 1 15 ? -3.632  -10.530 -3.841  1.00 9.10  ? 15  TRP A H    1 
ATOM   310 H HA   . TRP A 1 15 ? -3.123  -8.819  -5.940  1.00 9.18  ? 15  TRP A HA   1 
ATOM   311 H HB2  . TRP A 1 15 ? -1.051  -10.085 -5.687  1.00 10.22 ? 15  TRP A HB2  1 
ATOM   312 H HB3  . TRP A 1 15 ? -1.865  -11.376 -6.172  1.00 10.22 ? 15  TRP A HB3  1 
ATOM   313 H HD1  . TRP A 1 15 ? -2.040  -11.701 -8.774  1.00 11.10 ? 15  TRP A HD1  1 
ATOM   314 H HE1  . TRP A 1 15 ? -1.415  -10.379 -10.749 1.00 12.08 ? 15  TRP A HE1  1 
ATOM   315 H HE3  . TRP A 1 15 ? -0.799  -7.491  -6.544  1.00 11.92 ? 15  TRP A HE3  1 
ATOM   316 H HZ2  . TRP A 1 15 ? -0.594  -7.831  -11.267 1.00 12.48 ? 15  TRP A HZ2  1 
ATOM   317 H HZ3  . TRP A 1 15 ? -0.030  -5.706  -7.823  1.00 12.72 ? 15  TRP A HZ3  1 
ATOM   318 H HH2  . TRP A 1 15 ? 0.149   -5.885  -10.185 1.00 13.60 ? 15  TRP A HH2  1 
HETATM 319 C CA   A ETA A 1 16 ? -6.880  -10.424 -6.015  0.45 8.61  ? 16  ETA A CA   1 
HETATM 320 C CA   B ETA A 1 16 ? -6.590  -10.058 -7.124  0.36 9.62  ? 16  ETA A CA   1 
HETATM 321 C CA   C ETA A 1 16 ? -6.796  -10.365 -6.187  0.19 9.45  ? 16  ETA A CA   1 
HETATM 322 N N    A ETA A 1 16 ? -5.522  -9.878  -5.853  0.45 8.48  ? 16  ETA A N    1 
HETATM 323 N N    B ETA A 1 16 ? -5.445  -9.639  -6.375  0.36 8.89  ? 16  ETA A N    1 
HETATM 324 N N    C ETA A 1 16 ? -5.479  -9.734  -6.089  0.19 9.04  ? 16  ETA A N    1 
HETATM 325 C C    A ETA A 1 16 ? -7.413  -10.084 -7.382  0.45 9.83  ? 16  ETA A C    1 
HETATM 326 C C    B ETA A 1 16 ? -7.455  -10.716 -6.120  0.36 10.59 ? 16  ETA A C    1 
HETATM 327 C C    C ETA A 1 16 ? -7.541  -9.861  -7.418  0.19 10.10 ? 16  ETA A C    1 
HETATM 328 O O    A ETA A 1 16 ? -7.755  -8.722  -7.574  0.45 7.46  ? 16  ETA A O    1 
HETATM 329 O O    B ETA A 1 16 ? -7.885  -9.846  -5.110  0.36 14.65 ? 16  ETA A O    1 
HETATM 330 O O    C ETA A 1 16 ? -8.813  -10.486 -7.381  0.19 13.78 ? 16  ETA A O    1 
HETATM 331 H HA1  A ETA A 1 16 ? -7.476  -10.045 -5.321  0.45 10.33 ? 16  ETA A HA1  1 
HETATM 332 H HA1  B ETA A 1 16 ? -6.332  -10.691 -7.839  0.36 11.55 ? 16  ETA A HA1  1 
HETATM 333 H HA1  C ETA A 1 16 ? -7.322  -10.159 -5.375  0.19 11.34 ? 16  ETA A HA1  1 
HETATM 334 H HA2  A ETA A 1 16 ? -6.859  -11.407 -5.900  0.45 10.33 ? 16  ETA A HA2  1 
HETATM 335 H HA2  B ETA A 1 16 ? -7.048  -9.281  -7.531  0.36 11.55 ? 16  ETA A HA2  1 
HETATM 336 H HA2  C ETA A 1 16 ? -6.689  -11.347 -6.244  0.19 11.34 ? 16  ETA A HA2  1 
HETATM 337 H H    A ETA A 1 16 ? -5.458  -9.083  -5.482  0.45 10.18 ? 16  ETA A H    1 
HETATM 338 H H    B ETA A 1 16 ? -5.431  -8.836  -6.017  0.36 10.67 ? 16  ETA A H    1 
HETATM 339 H H    C ETA A 1 16 ? -5.416  -8.867  -5.951  0.19 10.85 ? 16  ETA A H    1 
HETATM 340 H HB1  A ETA A 1 16 ? -6.732  -10.335 -8.055  0.45 11.79 ? 16  ETA A HB1  1 
HETATM 341 H HB1  B ETA A 1 16 ? -8.247  -11.095 -6.577  0.36 12.71 ? 16  ETA A HB1  1 
HETATM 342 H HB1  C ETA A 1 16 ? -7.636  -8.876  -7.389  0.19 12.12 ? 16  ETA A HB1  1 
HETATM 343 H HB2  A ETA A 1 16 ? -8.217  -10.637 -7.551  0.45 11.79 ? 16  ETA A HB2  1 
HETATM 344 H HB2  B ETA A 1 16 ? -6.956  -11.466 -5.708  0.36 12.71 ? 16  ETA A HB2  1 
HETATM 345 H HB2  C ETA A 1 16 ? -7.055  -10.109 -8.244  0.19 12.12 ? 16  ETA A HB2  1 
HETATM 346 H HO   A ETA A 1 16 ? -8.317  -8.490  -6.995  0.45 11.19 ? 16  ETA A HO   1 
HETATM 347 H HO   B ETA A 1 16 ? -8.503  -9.359  -5.405  0.36 21.97 ? 16  ETA A HO   1 
HETATM 348 H HO   C ETA A 1 16 ? -9.404  -9.909  -7.225  0.19 20.66 ? 16  ETA A HO   1 
HETATM 349 C C    A FVA B 1 1  ? -5.041  -13.152 -2.911  0.65 8.32  ? 1   FVA B C    1 
HETATM 350 N N    A FVA B 1 1  ? -4.752  -14.068 -5.128  0.65 9.93  ? 1   FVA B N    1 
HETATM 351 O O    A FVA B 1 1  ? -4.574  -12.069 -3.291  0.65 9.59  ? 1   FVA B O    1 
HETATM 352 C CA   A FVA B 1 1  ? -4.753  -14.401 -3.696  0.65 8.59  ? 1   FVA B CA   1 
HETATM 353 C CB   A FVA B 1 1  ? -3.420  -15.091 -3.350  0.65 9.93  ? 1   FVA B CB   1 
HETATM 354 C CG1  A FVA B 1 1  ? -2.197  -14.208 -3.635  0.65 9.86  ? 1   FVA B CG1  1 
HETATM 355 C CG2  A FVA B 1 1  ? -3.360  -15.601 -1.922  0.65 10.99 ? 1   FVA B CG2  1 
HETATM 356 H H    A FVA B 1 1  ? -4.715  -13.219 -5.355  0.65 11.91 ? 1   FVA B H    1 
HETATM 357 H HA   A FVA B 1 1  ? -5.493  -15.052 -3.527  0.65 10.31 ? 1   FVA B HA   1 
HETATM 358 H HB   A FVA B 1 1  ? -3.345  -15.891 -3.946  0.65 11.91 ? 1   FVA B HB   1 
HETATM 359 H HG11 A FVA B 1 1  ? -2.438  -13.518 -4.288  0.65 14.79 ? 1   FVA B HG11 1 
HETATM 360 H HG12 A FVA B 1 1  ? -1.900  -13.782 -2.805  0.65 14.79 ? 1   FVA B HG12 1 
HETATM 361 H HG13 A FVA B 1 1  ? -1.472  -14.761 -3.997  0.65 14.79 ? 1   FVA B HG13 1 
HETATM 362 O O1   A FVA B 1 1  ? -4.960  -16.189 -5.892  0.65 11.89 ? 1   FVA B O1   1 
HETATM 363 H HG21 A FVA B 1 1  ? -4.269  -15.697 -1.571  0.65 16.49 ? 1   FVA B HG21 1 
HETATM 364 C CN   A FVA B 1 1  ? -4.803  -14.966 -6.092  0.65 10.44 ? 1   FVA B CN   1 
HETATM 365 H HG22 A FVA B 1 1  ? -2.909  -16.471 -1.905  0.65 16.49 ? 1   FVA B HG22 1 
HETATM 366 H HG23 A FVA B 1 1  ? -2.862  -14.964 -1.369  0.65 16.49 ? 1   FVA B HG23 1 
HETATM 367 H HN   A FVA B 1 1  ? -4.715  -14.666 -6.989  0.65 12.53 ? 1   FVA B HN   1 
HETATM 368 C C    B QIL B 1 1  ? -5.041  -13.152 -2.911  0.35 8.32  ? 1   QIL B C    1 
HETATM 369 N N    B QIL B 1 1  ? -4.752  -14.068 -5.128  0.35 9.93  ? 1   QIL B N    1 
HETATM 370 O O    B QIL B 1 1  ? -4.574  -12.069 -3.291  0.35 9.59  ? 1   QIL B O    1 
HETATM 371 C CA   B QIL B 1 1  ? -4.753  -14.401 -3.696  0.35 8.59  ? 1   QIL B CA   1 
HETATM 372 C CB   B QIL B 1 1  ? -3.429  -14.933 -3.229  0.35 9.78  ? 1   QIL B CB   1 
HETATM 373 C CD1  B QIL B 1 1  ? -2.410  -16.359 -1.406  0.35 11.78 ? 1   QIL B CD1  1 
HETATM 374 C CG1  B QIL B 1 1  ? -3.537  -15.436 -1.789  0.35 10.20 ? 1   QIL B CG1  1 
HETATM 375 C CG2  B QIL B 1 1  ? -2.328  -13.878 -3.339  0.35 11.50 ? 1   QIL B CG2  1 
HETATM 376 C CN   B QIL B 1 1  ? -4.803  -14.966 -6.092  0.35 10.44 ? 1   QIL B CN   1 
HETATM 377 O O1   B QIL B 1 1  ? -4.960  -16.189 -5.892  0.35 11.89 ? 1   QIL B O1   1 
HETATM 378 H H    B QIL B 1 1  ? -4.715  -13.219 -5.355  0.35 11.91 ? 1   QIL B H    1 
HETATM 379 H HA   B QIL B 1 1  ? -5.493  -15.052 -3.527  0.35 10.31 ? 1   QIL B HA   1 
HETATM 380 H HB   B QIL B 1 1  ? -3.181  -15.707 -3.812  0.35 11.74 ? 1   QIL B HB   1 
HETATM 381 H HD11 B QIL B 1 1  ? -1.553  -15.916 -1.578  0.35 17.66 ? 1   QIL B HD11 1 
HETATM 382 H HD12 B QIL B 1 1  ? -2.478  -16.582 -0.455  0.35 17.66 ? 1   QIL B HD12 1 
HETATM 383 H HD13 B QIL B 1 1  ? -2.465  -17.180 -1.939  0.35 17.66 ? 1   QIL B HD13 1 
HETATM 384 H HG12 B QIL B 1 1  ? -4.397  -15.914 -1.676  0.35 12.24 ? 1   QIL B HG12 1 
HETATM 385 H HG13 B QIL B 1 1  ? -3.540  -14.659 -1.175  0.35 12.24 ? 1   QIL B HG13 1 
HETATM 386 H HG21 B QIL B 1 1  ? -2.248  -13.586 -4.271  0.35 17.25 ? 1   QIL B HG21 1 
HETATM 387 H HG22 B QIL B 1 1  ? -2.553  -13.110 -2.775  0.35 17.25 ? 1   QIL B HG22 1 
HETATM 388 H HG23 B QIL B 1 1  ? -1.476  -14.262 -3.044  0.35 17.25 ? 1   QIL B HG23 1 
HETATM 389 H HN   B QIL B 1 1  ? -4.715  -14.666 -6.989  0.35 12.53 ? 1   QIL B HN   1 
ATOM   390 N N    . GLY B 1 2  ? -5.815  -13.224 -1.818  1.00 7.75  ? 2   GLY B N    1 
ATOM   391 C CA   . GLY B 1 2  ? -6.111  -12.025 -1.045  1.00 8.06  ? 2   GLY B CA   1 
ATOM   392 C C    . GLY B 1 2  ? -6.930  -11.008 -1.787  1.00 7.12  ? 2   GLY B C    1 
ATOM   393 O O    . GLY B 1 2  ? -7.807  -11.372 -2.569  1.00 8.34  ? 2   GLY B O    1 
ATOM   394 H H    . GLY B 1 2  ? -6.147  -14.000 -1.567  1.00 9.31  ? 2   GLY B H    1 
ATOM   395 H HA2  . GLY B 1 2  ? -6.597  -12.287 -0.223  1.00 9.68  ? 2   GLY B HA2  1 
ATOM   396 H HA3  . GLY B 1 2  ? -5.258  -11.606 -0.768  1.00 9.68  ? 2   GLY B HA3  1 
ATOM   397 N N    . ALA B 1 3  ? -6.655  -9.726  -1.519  1.00 7.20  ? 3   ALA B N    1 
ATOM   398 C CA   . ALA B 1 3  ? -7.481  -8.680  -2.022  1.00 7.65  ? 3   ALA B CA   1 
ATOM   399 C C    . ALA B 1 3  ? -6.687  -7.491  -2.517  1.00 7.34  ? 3   ALA B C    1 
ATOM   400 O O    . ALA B 1 3  ? -5.683  -7.095  -1.909  1.00 9.65  ? 3   ALA B O    1 
ATOM   401 C CB   . ALA B 1 3  ? -8.422  -8.144  -0.930  1.00 9.40  ? 3   ALA B CB   1 
ATOM   402 H H    . ALA B 1 3  ? -5.955  -9.527  -1.024  1.00 8.64  ? 3   ALA B H    1 
ATOM   403 H HA   . ALA B 1 3  ? -8.031  -9.037  -2.777  1.00 9.18  ? 3   ALA B HA   1 
ATOM   404 H HB1  . ALA B 1 3  ? -7.892  -7.763  -0.199  1.00 14.09 ? 3   ALA B HB1  1 
ATOM   405 H HB2  . ALA B 1 3  ? -9.001  -7.450  -1.310  1.00 14.09 ? 3   ALA B HB2  1 
ATOM   406 H HB3  . ALA B 1 3  ? -8.974  -8.877  -0.586  1.00 14.09 ? 3   ALA B HB3  1 
HETATM 407 N N    . DLE B 1 4  ? -7.097  -6.885  -3.600  1.00 7.91  ? 4   DLE B N    1 
HETATM 408 C CA   . DLE B 1 4  ? -6.504  -5.662  -4.102  1.00 7.44  ? 4   DLE B CA   1 
HETATM 409 C CB   . DLE B 1 4  ? -7.438  -5.006  -5.100  1.00 7.79  ? 4   DLE B CB   1 
HETATM 410 C CG   . DLE B 1 4  ? -8.682  -4.406  -4.482  1.00 9.46  ? 4   DLE B CG   1 
HETATM 411 C CD1  . DLE B 1 4  ? -8.396  -3.090  -3.752  1.00 12.19 ? 4   DLE B CD1  1 
HETATM 412 C CD2  . DLE B 1 4  ? -9.853  -4.252  -5.496  1.00 10.84 ? 4   DLE B CD2  1 
HETATM 413 C C    . DLE B 1 4  ? -5.163  -5.988  -4.754  1.00 7.55  ? 4   DLE B C    1 
HETATM 414 O O    . DLE B 1 4  ? -5.072  -6.955  -5.543  1.00 9.01  ? 4   DLE B O    1 
HETATM 415 H H    . DLE B 1 4  ? -7.768  -7.238  -4.047  1.00 9.49  ? 4   DLE B H    1 
HETATM 416 H HA   . DLE B 1 4  ? -6.353  -5.036  -3.337  1.00 8.93  ? 4   DLE B HA   1 
HETATM 417 H HB2  . DLE B 1 4  ? -6.943  -4.293  -5.576  1.00 9.35  ? 4   DLE B HB2  1 
HETATM 418 H HB3  . DLE B 1 4  ? -7.711  -5.681  -5.771  1.00 9.35  ? 4   DLE B HB3  1 
HETATM 419 H HG   . DLE B 1 4  ? -8.993  -5.054  -3.787  1.00 11.35 ? 4   DLE B HG   1 
HETATM 420 H HD11 . DLE B 1 4  ? -7.613  -2.658  -4.152  1.00 18.29 ? 4   DLE B HD11 1 
HETATM 421 H HD12 . DLE B 1 4  ? -9.173  -2.497  -3.832  1.00 18.29 ? 4   DLE B HD12 1 
HETATM 422 H HD13 . DLE B 1 4  ? -8.221  -3.272  -2.806  1.00 18.29 ? 4   DLE B HD13 1 
HETATM 423 H HD21 . DLE B 1 4  ? -9.491  -4.178  -6.404  1.00 16.26 ? 4   DLE B HD21 1 
HETATM 424 H HD22 . DLE B 1 4  ? -10.438 -5.036  -5.441  1.00 16.26 ? 4   DLE B HD22 1 
HETATM 425 H HD23 . DLE B 1 4  ? -10.366 -3.445  -5.283  1.00 16.26 ? 4   DLE B HD23 1 
ATOM   426 N N    . ALA B 1 5  ? -4.168  -5.121  -4.573  1.00 7.27  ? 5   ALA B N    1 
ATOM   427 C CA   . ALA B 1 5  ? -2.897  -5.236  -5.276  1.00 8.68  ? 5   ALA B CA   1 
ATOM   428 C C    . ALA B 1 5  ? -1.792  -4.613  -4.483  1.00 9.33  ? 5   ALA B C    1 
ATOM   429 O O    . ALA B 1 5  ? -1.725  -3.396  -4.386  1.00 14.35 ? 5   ALA B O    1 
ATOM   430 C CB   . ALA B 1 5  ? -3.018  -4.519  -6.609  1.00 11.62 ? 5   ALA B CB   1 
ATOM   431 H H    . ALA B 1 5  ? -4.284  -4.454  -4.010  1.00 8.73  ? 5   ALA B H    1 
ATOM   432 H HA   . ALA B 1 5  ? -2.690  -6.201  -5.434  1.00 10.42 ? 5   ALA B HA   1 
ATOM   433 H HB1  . ALA B 1 5  ? -3.189  -3.567  -6.456  1.00 17.43 ? 5   ALA B HB1  1 
ATOM   434 H HB2  . ALA B 1 5  ? -2.185  -4.624  -7.114  1.00 17.43 ? 5   ALA B HB2  1 
ATOM   435 H HB3  . ALA B 1 5  ? -3.760  -4.904  -7.122  1.00 17.43 ? 5   ALA B HB3  1 
HETATM 436 N N    . DVA B 1 6  ? -0.952  -5.451  -3.922  1.00 7.92  ? 6   DVA B N    1 
HETATM 437 C CA   . DVA B 1 6  ? 0.202   -4.970  -3.099  1.00 8.25  ? 6   DVA B CA   1 
HETATM 438 C CB   . DVA B 1 6  ? 1.498   -5.674  -3.509  1.00 8.71  ? 6   DVA B CB   1 
HETATM 439 C CG1  . DVA B 1 6  ? 1.437   -7.203  -3.361  1.00 10.38 ? 6   DVA B CG1  1 
HETATM 440 C CG2  . DVA B 1 6  ? 1.883   -5.343  -4.973  1.00 11.23 ? 6   DVA B CG2  1 
HETATM 441 C C    . DVA B 1 6  ? -0.092  -5.151  -1.631  1.00 7.41  ? 6   DVA B C    1 
HETATM 442 O O    . DVA B 1 6  ? -0.835  -6.045  -1.208  1.00 8.62  ? 6   DVA B O    1 
HETATM 443 H H    . DVA B 1 6  ? -1.070  -6.317  -4.031  1.00 9.50  ? 6   DVA B H    1 
HETATM 444 H HA   . DVA B 1 6  ? 0.315   -3.992  -3.272  1.00 9.90  ? 6   DVA B HA   1 
HETATM 445 H HB   . DVA B 1 6  ? 2.231   -5.338  -2.916  1.00 10.46 ? 6   DVA B HB   1 
HETATM 446 H HG11 . DVA B 1 6  ? 0.509   -7.504  -3.453  1.00 15.57 ? 6   DVA B HG11 1 
HETATM 447 H HG12 . DVA B 1 6  ? 1.986   -7.621  -4.058  1.00 15.57 ? 6   DVA B HG12 1 
HETATM 448 H HG13 . DVA B 1 6  ? 1.779   -7.461  -2.480  1.00 15.57 ? 6   DVA B HG13 1 
HETATM 449 H HG21 . DVA B 1 6  ? 1.070   -5.168  -5.491  1.00 16.85 ? 6   DVA B HG21 1 
HETATM 450 H HG22 . DVA B 1 6  ? 2.457   -4.550  -4.988  1.00 16.85 ? 6   DVA B HG22 1 
HETATM 451 H HG23 . DVA B 1 6  ? 2.362   -6.102  -5.363  1.00 16.85 ? 6   DVA B HG23 1 
ATOM   452 N N    . VAL B 1 7  ? 0.588   -4.307  -0.821  1.00 6.98  ? 7   VAL B N    1 
ATOM   453 C CA   . VAL B 1 7  ? 0.523   -4.372  0.646   1.00 7.03  ? 7   VAL B CA   1 
ATOM   454 C C    . VAL B 1 7  ? 0.435   -2.961  1.137   1.00 7.13  ? 7   VAL B C    1 
ATOM   455 O O    . VAL B 1 7  ? 1.475   -2.275  1.122   1.00 8.31  ? 7   VAL B O    1 
ATOM   456 C CB   . VAL B 1 7  ? 1.707   -5.117  1.253   1.00 8.34  ? 7   VAL B CB   1 
ATOM   457 C CG1  . VAL B 1 7  ? 1.673   -5.091  2.770   1.00 9.24  ? 7   VAL B CG1  1 
ATOM   458 C CG2  . VAL B 1 7  ? 1.810   -6.563  0.781   1.00 10.48 ? 7   VAL B CG2  1 
ATOM   459 H H    . VAL B 1 7  ? 1.094   -3.690  -1.192  1.00 8.37  ? 7   VAL B H    1 
ATOM   460 H HA   . VAL B 1 7  ? -0.318  -4.849  0.905   1.00 8.44  ? 7   VAL B HA   1 
ATOM   461 H HB   . VAL B 1 7  ? 2.539   -4.647  0.962   1.00 10.01 ? 7   VAL B HB   1 
ATOM   462 H HG11 . VAL B 1 7  ? 0.828   -4.697  3.072   1.00 13.87 ? 7   VAL B HG11 1 
ATOM   463 H HG12 . VAL B 1 7  ? 1.750   -6.005  3.116   1.00 13.87 ? 7   VAL B HG12 1 
ATOM   464 H HG13 . VAL B 1 7  ? 2.421   -4.553  3.104   1.00 13.87 ? 7   VAL B HG13 1 
ATOM   465 H HG21 . VAL B 1 7  ? 1.029   -6.784  0.231   1.00 15.72 ? 7   VAL B HG21 1 
ATOM   466 H HG22 . VAL B 1 7  ? 2.625   -6.676  0.249   1.00 15.72 ? 7   VAL B HG22 1 
ATOM   467 H HG23 . VAL B 1 7  ? 1.841   -7.159  1.557   1.00 15.72 ? 7   VAL B HG23 1 
HETATM 468 N N    . DVA B 1 8  ? -0.723  -2.526  1.591   1.00 6.95  ? 8   DVA B N    1 
HETATM 469 C CA   . DVA B 1 8  ? -0.875  -1.201  2.213   1.00 7.80  ? 8   DVA B CA   1 
HETATM 470 C CB   A DVA B 1 8  ? -1.283  -1.284  3.678   0.78 9.19  ? 8   DVA B CB   1 
HETATM 471 C CB   B DVA B 1 8  ? -1.451  -1.430  3.637   0.22 9.16  ? 8   DVA B CB   1 
HETATM 472 C CG1  A DVA B 1 8  ? -2.622  -1.845  3.933   0.78 10.94 ? 8   DVA B CG1  1 
HETATM 473 C CG1  B DVA B 1 8  ? -1.792  -0.172  4.416   0.22 10.73 ? 8   DVA B CG1  1 
HETATM 474 C CG2  A DVA B 1 8  ? -0.236  -2.075  4.508   0.78 9.80  ? 8   DVA B CG2  1 
HETATM 475 C CG2  B DVA B 1 8  ? -2.600  -2.421  3.560   0.22 8.18  ? 8   DVA B CG2  1 
HETATM 476 C C    . DVA B 1 8  ? -1.868  -0.354  1.424   1.00 7.10  ? 8   DVA B C    1 
HETATM 477 O O    . DVA B 1 8  ? -2.856  -0.782  0.867   1.00 8.47  ? 8   DVA B O    1 
HETATM 478 H H    . DVA B 1 8  ? -1.429  -3.045  1.519   1.00 8.34  ? 8   DVA B H    1 
HETATM 479 H HA   . DVA B 1 8  ? 0.012   -0.743  2.171   1.00 9.36  ? 8   DVA B HA   1 
HETATM 480 H HB   A DVA B 1 8  ? -1.289  -0.348  4.031   0.78 11.03 ? 8   DVA B HB   1 
HETATM 481 H HB   B DVA B 1 8  ? -0.729  -1.887  4.155   0.22 10.99 ? 8   DVA B HB   1 
HETATM 482 H HG11 A DVA B 1 8  ? -3.029  -2.117  3.084   0.78 16.42 ? 8   DVA B HG11 1 
HETATM 483 H HG11 B DVA B 1 8  ? -1.152  0.536   4.191   0.22 16.10 ? 8   DVA B HG11 1 
HETATM 484 H HG12 A DVA B 1 8  ? -2.542  -2.626  4.521   0.78 16.42 ? 8   DVA B HG12 1 
HETATM 485 H HG12 B DVA B 1 8  ? -2.698  0.121   4.184   0.22 16.10 ? 8   DVA B HG12 1 
HETATM 486 H HG13 A DVA B 1 8  ? -3.184  -1.168  4.363   0.78 16.42 ? 8   DVA B HG13 1 
HETATM 487 H HG13 B DVA B 1 8  ? -1.746  -0.360  5.376   0.22 16.10 ? 8   DVA B HG13 1 
HETATM 488 H HG21 A DVA B 1 8  ? 0.234   -2.706  3.925   0.78 14.70 ? 8   DVA B HG21 1 
HETATM 489 H HG21 B DVA B 1 8  ? -3.182  -2.189  2.806   0.22 12.28 ? 8   DVA B HG21 1 
HETATM 490 H HG22 A DVA B 1 8  ? 0.409   -1.450  4.902   0.78 14.70 ? 8   DVA B HG22 1 
HETATM 491 H HG22 B DVA B 1 8  ? -2.243  -3.325  3.430   0.22 12.28 ? 8   DVA B HG22 1 
HETATM 492 H HG23 A DVA B 1 8  ? -0.691  -2.568  5.223   0.78 14.70 ? 8   DVA B HG23 1 
HETATM 493 H HG23 B DVA B 1 8  ? -3.115  -2.390  4.393   0.22 12.28 ? 8   DVA B HG23 1 
ATOM   494 N N    . TRP B 1 9  ? -1.578  0.962   1.425   1.00 7.32  ? 9   TRP B N    1 
ATOM   495 C CA   . TRP B 1 9  ? -2.391  1.928   0.721   1.00 7.02  ? 9   TRP B CA   1 
ATOM   496 C C    . TRP B 1 9  ? -1.494  3.136   0.438   1.00 7.03  ? 9   TRP B C    1 
ATOM   497 O O    . TRP B 1 9  ? -1.223  3.930   1.347   1.00 8.45  ? 9   TRP B O    1 
ATOM   498 C CB   . TRP B 1 9  ? -3.636  2.363   1.521   1.00 8.35  ? 9   TRP B CB   1 
ATOM   499 C CG   . TRP B 1 9  ? -4.613  3.057   0.650   1.00 9.18  ? 9   TRP B CG   1 
ATOM   500 C CD1  . TRP B 1 9  ? -4.607  4.404   0.334   1.00 11.54 ? 9   TRP B CD1  1 
ATOM   501 C CD2  . TRP B 1 9  ? -5.647  2.456   -0.122  1.00 10.32 ? 9   TRP B CD2  1 
ATOM   502 N NE1  . TRP B 1 9  ? -5.610  4.665   -0.572  1.00 13.85 ? 9   TRP B NE1  1 
ATOM   503 C CE2  . TRP B 1 9  ? -6.261  3.489   -0.841  1.00 12.08 ? 9   TRP B CE2  1 
ATOM   504 C CE3  . TRP B 1 9  ? -6.105  1.155   -0.225  1.00 11.13 ? 9   TRP B CE3  1 
ATOM   505 C CZ2  . TRP B 1 9  ? -7.317  3.260   -1.699  1.00 14.26 ? 9   TRP B CZ2  1 
ATOM   506 C CZ3  . TRP B 1 9  ? -7.193  0.943   -1.062  1.00 12.06 ? 9   TRP B CZ3  1 
ATOM   507 C CH2  . TRP B 1 9  ? -7.756  2.000   -1.722  1.00 13.51 ? 9   TRP B CH2  1 
ATOM   508 H H    . TRP B 1 9  ? -0.871  1.242   1.869   1.00 8.79  ? 9   TRP B H    1 
ATOM   509 H HA   . TRP B 1 9  ? -2.685  1.532   -0.148  1.00 8.42  ? 9   TRP B HA   1 
ATOM   510 H HB2  . TRP B 1 9  ? -4.063  1.567   1.925   1.00 10.02 ? 9   TRP B HB2  1 
ATOM   511 H HB3  . TRP B 1 9  ? -3.362  2.969   2.255   1.00 10.02 ? 9   TRP B HB3  1 
ATOM   512 H HD1  . TRP B 1 9  ? -4.005  5.048   0.687   1.00 13.84 ? 9   TRP B HD1  1 
ATOM   513 H HE1  . TRP B 1 9  ? -5.800  5.451   -0.918  1.00 16.62 ? 9   TRP B HE1  1 
ATOM   514 H HE3  . TRP B 1 9  ? -5.697  0.443   0.252   1.00 13.36 ? 9   TRP B HE3  1 
ATOM   515 H HZ2  . TRP B 1 9  ? -7.703  3.945   -2.231  1.00 17.12 ? 9   TRP B HZ2  1 
ATOM   516 H HZ3  . TRP B 1 9  ? -7.545  0.068   -1.176  1.00 14.47 ? 9   TRP B HZ3  1 
ATOM   517 H HH2  . TRP B 1 9  ? -8.528  1.822   -2.246  1.00 16.22 ? 9   TRP B HH2  1 
HETATM 518 N N    . DLE B 1 10 ? -1.004  3.244   -0.795  1.00 6.75  ? 10  DLE B N    1 
HETATM 519 C CA   . DLE B 1 10 ? -0.071  4.260   -1.193  1.00 7.07  ? 10  DLE B CA   1 
HETATM 520 C CB   . DLE B 1 10 ? -0.433  4.853   -2.567  1.00 7.59  ? 10  DLE B CB   1 
HETATM 521 C CG   . DLE B 1 10 ? -1.811  5.516   -2.665  1.00 8.83  ? 10  DLE B CG   1 
HETATM 522 C CD1  . DLE B 1 10 ? -1.941  6.632   -1.651  1.00 10.79 ? 10  DLE B CD1  1 
HETATM 523 C CD2  . DLE B 1 10 ? -2.003  6.057   -4.086  1.00 10.65 ? 10  DLE B CD2  1 
HETATM 524 C C    . DLE B 1 10 ? 1.337   3.737   -1.240  1.00 6.99  ? 10  DLE B C    1 
HETATM 525 O O    . DLE B 1 10 ? 1.604   2.682   -1.805  1.00 7.44  ? 10  DLE B O    1 
HETATM 526 H H    . DLE B 1 10 ? -1.265  2.660   -1.399  1.00 8.10  ? 10  DLE B H    1 
HETATM 527 H HA   . DLE B 1 10 ? -0.107  4.997   -0.517  1.00 8.48  ? 10  DLE B HA   1 
HETATM 528 H HB2  . DLE B 1 10 ? 0.253   5.524   -2.807  1.00 9.11  ? 10  DLE B HB2  1 
HETATM 529 H HB3  . DLE B 1 10 ? -0.388  4.129   -3.240  1.00 9.11  ? 10  DLE B HB3  1 
HETATM 530 H HG   . DLE B 1 10 ? -2.515  4.829   -2.482  1.00 10.60 ? 10  DLE B HG   1 
HETATM 531 H HD11 . DLE B 1 10 ? -1.103  6.716   -1.149  1.00 16.18 ? 10  DLE B HD11 1 
HETATM 532 H HD12 . DLE B 1 10 ? -2.128  7.475   -2.116  1.00 16.18 ? 10  DLE B HD12 1 
HETATM 533 H HD13 . DLE B 1 10 ? -2.674  6.430   -1.034  1.00 16.18 ? 10  DLE B HD13 1 
HETATM 534 H HD21 . DLE B 1 10 ? -1.127  6.236   -4.488  1.00 15.98 ? 10  DLE B HD21 1 
HETATM 535 H HD22 . DLE B 1 10 ? -2.480  5.394   -4.627  1.00 15.98 ? 10  DLE B HD22 1 
HETATM 536 H HD23 . DLE B 1 10 ? -2.522  6.887   -4.053  1.00 15.98 ? 10  DLE B HD23 1 
ATOM   537 N N    A TRP B 1 11 ? 2.236   4.487   -0.616  0.70 6.25  ? 11  TRP B N    1 
ATOM   538 N N    B TRP B 1 11 ? 2.317   4.542   -0.833  0.30 6.95  ? 11  TRP B N    1 
ATOM   539 C CA   A TRP B 1 11 ? 3.661   4.366   -0.904  0.70 6.95  ? 11  TRP B CA   1 
ATOM   540 C CA   B TRP B 1 11 ? 3.699   4.102   -0.855  0.30 7.35  ? 11  TRP B CA   1 
ATOM   541 C C    A TRP B 1 11 ? 4.468   4.850   0.296   0.70 7.20  ? 11  TRP B C    1 
ATOM   542 C C    B TRP B 1 11 ? 4.471   4.811   0.265   0.30 7.45  ? 11  TRP B C    1 
ATOM   543 O O    A TRP B 1 11 ? 4.476   6.030   0.644   0.70 9.41  ? 11  TRP B O    1 
ATOM   544 O O    B TRP B 1 11 ? 4.407   6.019   0.426   0.30 7.79  ? 11  TRP B O    1 
ATOM   545 C CB   A TRP B 1 11 ? 3.933   5.187   -2.158  0.70 7.74  ? 11  TRP B CB   1 
ATOM   546 C CB   B TRP B 1 11 ? 4.464   4.274   -2.144  0.30 7.56  ? 11  TRP B CB   1 
ATOM   547 C CG   A TRP B 1 11 ? 5.317   5.230   -2.675  0.70 7.06  ? 11  TRP B CG   1 
ATOM   548 C CG   B TRP B 1 11 ? 4.698   5.656   -2.675  0.30 8.03  ? 11  TRP B CG   1 
ATOM   549 C CD1  A TRP B 1 11 ? 6.343   4.389   -2.428  0.70 7.41  ? 11  TRP B CD1  1 
ATOM   550 C CD1  B TRP B 1 11 ? 3.814   6.695   -2.588  0.30 10.04 ? 11  TRP B CD1  1 
ATOM   551 C CD2  A TRP B 1 11 ? 5.827   6.192   -3.616  0.70 8.53  ? 11  TRP B CD2  1 
ATOM   552 C CD2  B TRP B 1 11 ? 5.842   6.196   -3.367  0.30 8.63  ? 11  TRP B CD2  1 
ATOM   553 N NE1  A TRP B 1 11 ? 7.480   4.773   -3.099  0.70 8.76  ? 11  TRP B NE1  1 
ATOM   554 N NE1  B TRP B 1 11 ? 4.324   7.810   -3.201  0.30 11.02 ? 11  TRP B NE1  1 
ATOM   555 C CE2  A TRP B 1 11 ? 7.161   5.853   -3.897  0.70 9.38  ? 11  TRP B CE2  1 
ATOM   556 C CE2  B TRP B 1 11 ? 5.574   7.547   -3.687  0.30 9.52  ? 11  TRP B CE2  1 
ATOM   557 C CE3  A TRP B 1 11 ? 5.200   7.274   -4.299  0.70 10.70 ? 11  TRP B CE3  1 
ATOM   558 C CE3  B TRP B 1 11 ? 7.070   5.692   -3.808  0.30 9.65  ? 11  TRP B CE3  1 
ATOM   559 C CZ2  A TRP B 1 11 ? 7.944   6.579   -4.817  0.70 11.59 ? 11  TRP B CZ2  1 
ATOM   560 C CZ2  B TRP B 1 11 ? 6.454   8.412   -4.379  0.30 9.88  ? 11  TRP B CZ2  1 
ATOM   561 C CZ3  A TRP B 1 11 ? 5.987   7.987   -5.187  0.70 10.57 ? 11  TRP B CZ3  1 
ATOM   562 C CZ3  B TRP B 1 11 ? 7.949   6.529   -4.476  0.30 10.86 ? 11  TRP B CZ3  1 
ATOM   563 C CH2  A TRP B 1 11 ? 7.314   7.614   -5.424  0.70 10.92 ? 11  TRP B CH2  1 
ATOM   564 C CH2  B TRP B 1 11 ? 7.658   7.878   -4.759  0.30 10.82 ? 11  TRP B CH2  1 
ATOM   565 H H    A TRP B 1 11 ? 1.967   5.070   -0.016  0.70 7.51  ? 11  TRP B H    1 
ATOM   566 H H    B TRP B 1 11 ? 2.122   5.351   -0.546  0.30 8.34  ? 11  TRP B H    1 
ATOM   567 H HA   A TRP B 1 11 ? 3.880   3.406   -1.083  0.70 8.34  ? 11  TRP B HA   1 
ATOM   568 H HA   B TRP B 1 11 ? 3.700   3.125   -0.640  0.30 8.82  ? 11  TRP B HA   1 
ATOM   569 H HB2  A TRP B 1 11 ? 3.352   4.838   -2.880  0.70 9.29  ? 11  TRP B HB2  1 
ATOM   570 H HB2  B TRP B 1 11 ? 5.348   3.846   -2.025  0.30 9.07  ? 11  TRP B HB2  1 
ATOM   571 H HB3  A TRP B 1 11 ? 3.648   6.117   -1.978  0.70 9.29  ? 11  TRP B HB3  1 
ATOM   572 H HB3  B TRP B 1 11 ? 3.986   3.763   -2.844  0.30 9.07  ? 11  TRP B HB3  1 
ATOM   573 H HD1  A TRP B 1 11 ? 6.287   3.628   -1.863  0.70 8.90  ? 11  TRP B HD1  1 
ATOM   574 H HD1  B TRP B 1 11 ? 2.964   6.650   -2.165  0.30 12.04 ? 11  TRP B HD1  1 
ATOM   575 H HE1  A TRP B 1 11 ? 8.272   4.395   -3.031  0.70 10.51 ? 11  TRP B HE1  1 
ATOM   576 H HE1  B TRP B 1 11 ? 3.908   8.582   -3.270  0.30 13.22 ? 11  TRP B HE1  1 
ATOM   577 H HE3  A TRP B 1 11 ? 4.288   7.497   -4.152  0.70 12.85 ? 11  TRP B HE3  1 
ATOM   578 H HE3  B TRP B 1 11 ? 7.301   4.784   -3.650  0.30 11.59 ? 11  TRP B HE3  1 
ATOM   579 H HZ2  A TRP B 1 11 ? 8.850   6.358   -4.998  0.70 13.91 ? 11  TRP B HZ2  1 
ATOM   580 H HZ2  B TRP B 1 11 ? 6.225   9.314   -4.570  0.30 11.85 ? 11  TRP B HZ2  1 
ATOM   581 H HZ3  A TRP B 1 11 ? 5.623   8.738   -5.641  0.70 12.68 ? 11  TRP B HZ3  1 
ATOM   582 H HZ3  B TRP B 1 11 ? 8.784   6.177   -4.758  0.30 13.04 ? 11  TRP B HZ3  1 
ATOM   583 H HH2  A TRP B 1 11 ? 7.810   8.121   -6.056  0.70 13.10 ? 11  TRP B HH2  1 
ATOM   584 H HH2  B TRP B 1 11 ? 8.296   8.417   -5.213  0.30 12.98 ? 11  TRP B HH2  1 
HETATM 585 N N    . DLE B 1 12 ? 5.247   3.985   0.934   1.00 7.06  ? 12  DLE B N    1 
HETATM 586 C CA   . DLE B 1 12 ? 6.219   4.414   1.922   1.00 7.53  ? 12  DLE B CA   1 
HETATM 587 C CB   . DLE B 1 12 ? 7.459   3.528   1.840   1.00 8.45  ? 12  DLE B CB   1 
HETATM 588 C CG   . DLE B 1 12 ? 8.579   3.910   2.772   1.00 10.67 ? 12  DLE B CG   1 
HETATM 589 C CD1  . DLE B 1 12 ? 9.642   2.801   2.865   1.00 17.63 ? 12  DLE B CD1  1 
HETATM 590 C CD2  . DLE B 1 12 ? 9.216   5.186   2.302   1.00 13.81 ? 12  DLE B CD2  1 
HETATM 591 C C    . DLE B 1 12 ? 5.657   4.360   3.324   1.00 7.48  ? 12  DLE B C    1 
HETATM 592 O O    . DLE B 1 12 ? 5.125   3.315   3.764   1.00 7.55  ? 12  DLE B O    1 
HETATM 593 H H    . DLE B 1 12 ? 5.172   3.126   0.754   1.00 8.47  ? 12  DLE B H    1 
HETATM 594 H HA   . DLE B 1 12 ? 6.486   5.356   1.720   1.00 9.04  ? 12  DLE B HA   1 
HETATM 595 H HB2  . DLE B 1 12 ? 7.191   2.595   2.034   1.00 10.14 ? 12  DLE B HB2  1 
HETATM 596 H HB3  . DLE B 1 12 ? 7.801   3.552   0.911   1.00 10.14 ? 12  DLE B HB3  1 
HETATM 597 H HG   . DLE B 1 12 ? 8.197   4.061   3.683   1.00 12.80 ? 12  DLE B HG   1 
HETATM 598 H HD11 . DLE B 1 12 ? 10.037  2.653   1.981   1.00 26.45 ? 12  DLE B HD11 1 
HETATM 599 H HD12 . DLE B 1 12 ? 10.343  3.074   3.494   1.00 26.45 ? 12  DLE B HD12 1 
HETATM 600 H HD13 . DLE B 1 12 ? 9.224   1.973   3.180   1.00 26.45 ? 12  DLE B HD13 1 
HETATM 601 H HD21 . DLE B 1 12 ? 8.551   5.907   2.318   1.00 20.72 ? 12  DLE B HD21 1 
HETATM 602 H HD22 . DLE B 1 12 ? 9.961   5.417   2.896   1.00 20.72 ? 12  DLE B HD22 1 
HETATM 603 H HD23 . DLE B 1 12 ? 9.549   5.069   1.389   1.00 20.72 ? 12  DLE B HD23 1 
ATOM   604 N N    . TRP B 1 13 ? 5.759   5.453   4.057   1.00 7.68  ? 13  TRP B N    1 
ATOM   605 C CA   . TRP B 1 13 ? 5.263   5.499   5.414   1.00 7.56  ? 13  TRP B CA   1 
ATOM   606 C C    . TRP B 1 13 ? 5.077   6.970   5.856   1.00 7.77  ? 13  TRP B C    1 
ATOM   607 O O    . TRP B 1 13 ? 6.017   7.587   6.400   1.00 8.76  ? 13  TRP B O    1 
ATOM   608 C CB   A TRP B 1 13 ? 6.187   4.772   6.421   0.61 9.01  ? 13  TRP B CB   1 
ATOM   609 C CB   B TRP B 1 13 ? 6.220   4.774   6.377   0.39 9.15  ? 13  TRP B CB   1 
ATOM   610 C CG   A TRP B 1 13 ? 5.480   4.544   7.708   0.61 11.97 ? 13  TRP B CG   1 
ATOM   611 C CG   B TRP B 1 13 ? 5.760   4.820   7.785   0.39 11.49 ? 13  TRP B CG   1 
ATOM   612 C CD1  A TRP B 1 13 ? 5.300   5.328   8.831   0.61 13.51 ? 13  TRP B CD1  1 
ATOM   613 C CD1  B TRP B 1 13 ? 6.100   5.676   8.802   0.39 11.87 ? 13  TRP B CD1  1 
ATOM   614 C CD2  A TRP B 1 13 ? 4.816   3.330   8.012   0.61 14.05 ? 13  TRP B CD2  1 
ATOM   615 C CD2  B TRP B 1 13 ? 4.814   3.916   8.359   0.39 12.65 ? 13  TRP B CD2  1 
ATOM   616 N NE1  A TRP B 1 13 ? 4.606   4.651   9.762   0.61 14.40 ? 13  TRP B NE1  1 
ATOM   617 N NE1  B TRP B 1 13 ? 5.409   5.335   9.928   0.39 12.76 ? 13  TRP B NE1  1 
ATOM   618 C CE2  A TRP B 1 13 ? 4.264   3.423   9.306   0.61 15.13 ? 13  TRP B CE2  1 
ATOM   619 C CE2  B TRP B 1 13 ? 4.628   4.238   9.703   0.39 13.62 ? 13  TRP B CE2  1 
ATOM   620 C CE3  A TRP B 1 13 ? 4.625   2.106   7.299   0.61 16.23 ? 13  TRP B CE3  1 
ATOM   621 C CE3  B TRP B 1 13 ? 4.144   2.806   7.827   0.39 15.78 ? 13  TRP B CE3  1 
ATOM   622 C CZ2  A TRP B 1 13 ? 3.543   2.396   9.877   0.61 15.84 ? 13  TRP B CZ2  1 
ATOM   623 C CZ2  B TRP B 1 13 ? 3.768   3.528   10.524  0.39 14.75 ? 13  TRP B CZ2  1 
ATOM   624 C CZ3  A TRP B 1 13 ? 3.906   1.101   7.931   0.61 16.70 ? 13  TRP B CZ3  1 
ATOM   625 C CZ3  B TRP B 1 13 ? 3.295   2.096   8.659   0.39 16.73 ? 13  TRP B CZ3  1 
ATOM   626 C CH2  A TRP B 1 13 ? 3.350   1.200   9.210   0.61 16.62 ? 13  TRP B CH2  1 
ATOM   627 C CH2  B TRP B 1 13 ? 3.114   2.456   9.992   0.39 16.65 ? 13  TRP B CH2  1 
ATOM   628 H H    . TRP B 1 13 ? 6.137   6.169   3.713   1.00 9.21  ? 13  TRP B H    1 
ATOM   629 H HA   . TRP B 1 13 ? 4.367   5.053   5.434   1.00 9.07  ? 13  TRP B HA   1 
ATOM   630 H HB2  A TRP B 1 13 ? 6.472   3.904   6.042   0.61 10.81 ? 13  TRP B HB2  1 
ATOM   631 H HB2  B TRP B 1 13 ? 6.306   3.829   6.095   0.39 10.98 ? 13  TRP B HB2  1 
ATOM   632 H HB3  A TRP B 1 13 ? 6.997   5.319   6.582   0.61 10.81 ? 13  TRP B HB3  1 
ATOM   633 H HB3  B TRP B 1 13 ? 7.116   5.191   6.315   0.39 10.98 ? 13  TRP B HB3  1 
ATOM   634 H HD1  A TRP B 1 13 ? 5.622   6.216   8.931   0.61 16.21 ? 13  TRP B HD1  1 
ATOM   635 H HD1  B TRP B 1 13 ? 6.720   6.392   8.734   0.39 14.24 ? 13  TRP B HD1  1 
ATOM   636 H HE1  A TRP B 1 13 ? 4.400   4.965   10.558  0.61 17.28 ? 13  TRP B HE1  1 
ATOM   637 H HE1  B TRP B 1 13 ? 5.460   5.764   10.695  0.39 15.31 ? 13  TRP B HE1  1 
ATOM   638 H HE3  A TRP B 1 13 ? 4.979   1.984   6.425   0.61 19.47 ? 13  TRP B HE3  1 
ATOM   639 H HE3  B TRP B 1 13 ? 4.269   2.548   6.921   0.39 18.93 ? 13  TRP B HE3  1 
ATOM   640 H HZ2  A TRP B 1 13 ? 3.172   2.513   10.744  0.61 19.01 ? 13  TRP B HZ2  1 
ATOM   641 H HZ2  B TRP B 1 13 ? 3.638   3.780   11.431  0.39 17.70 ? 13  TRP B HZ2  1 
ATOM   642 H HZ3  A TRP B 1 13 ? 3.783   0.285   7.460   0.61 20.04 ? 13  TRP B HZ3  1 
ATOM   643 H HZ3  B TRP B 1 13 ? 2.826   1.345   8.314   0.39 20.08 ? 13  TRP B HZ3  1 
ATOM   644 H HH2  A TRP B 1 13 ? 2.865   0.484   9.601   0.61 19.94 ? 13  TRP B HH2  1 
ATOM   645 H HH2  B TRP B 1 13 ? 2.526   1.949   10.539  0.39 19.98 ? 13  TRP B HH2  1 
HETATM 646 N N    . DLE B 1 14 ? 3.905   7.513   5.590   1.00 7.44  ? 14  DLE B N    1 
HETATM 647 C CA   . DLE B 1 14 ? 3.525   8.852   6.050   1.00 7.46  ? 14  DLE B CA   1 
HETATM 648 C CB   . DLE B 1 14 ? 2.345   8.768   6.983   1.00 8.62  ? 14  DLE B CB   1 
HETATM 649 C CG   . DLE B 1 14 ? 2.487   7.942   8.226   1.00 10.68 ? 14  DLE B CG   1 
HETATM 650 C CD1  . DLE B 1 14 ? 3.609   8.478   9.143   1.00 11.84 ? 14  DLE B CD1  1 
HETATM 651 C CD2  . DLE B 1 14 ? 1.156   7.922   9.011   1.00 14.25 ? 14  DLE B CD2  1 
HETATM 652 C C    . DLE B 1 14 ? 3.181   9.763   4.908   1.00 6.99  ? 14  DLE B C    1 
HETATM 653 O O    . DLE B 1 14 ? 2.468   9.340   3.979   1.00 7.96  ? 14  DLE B O    1 
HETATM 654 H H    . DLE B 1 14 ? 3.325   7.051   5.117   1.00 8.93  ? 14  DLE B H    1 
HETATM 655 H HA   . DLE B 1 14 ? 4.296   9.248   6.549   1.00 8.95  ? 14  DLE B HA   1 
HETATM 656 H HB2  . DLE B 1 14 ? 2.110   9.689   7.258   1.00 10.34 ? 14  DLE B HB2  1 
HETATM 657 H HB3  . DLE B 1 14 ? 1.578   8.411   6.469   1.00 10.34 ? 14  DLE B HB3  1 
HETATM 658 H HG   . DLE B 1 14 ? 2.713   7.005   7.962   1.00 12.82 ? 14  DLE B HG   1 
HETATM 659 H HD11 . DLE B 1 14 ? 3.977   9.302   8.761   1.00 17.76 ? 14  DLE B HD11 1 
HETATM 660 H HD12 . DLE B 1 14 ? 3.244   8.664   10.033  1.00 17.76 ? 14  DLE B HD12 1 
HETATM 661 H HD13 . DLE B 1 14 ? 4.319   7.806   9.215   1.00 17.76 ? 14  DLE B HD13 1 
HETATM 662 H HD21 . DLE B 1 14 ? 0.646   8.734   8.809   1.00 21.37 ? 14  DLE B HD21 1 
HETATM 663 H HD22 . DLE B 1 14 ? 0.635   7.135   8.749   1.00 21.37 ? 14  DLE B HD22 1 
HETATM 664 H HD23 . DLE B 1 14 ? 1.344   7.885   9.972   1.00 21.37 ? 14  DLE B HD23 1 
ATOM   665 N N    . TRP B 1 15 ? 3.585   11.018  4.983   1.00 6.85  ? 15  TRP B N    1 
ATOM   666 C CA   . TRP B 1 15 ? 3.105   12.012  4.038   1.00 7.02  ? 15  TRP B CA   1 
ATOM   667 C C    . TRP B 1 15 ? 4.109   13.144  4.061   1.00 7.19  ? 15  TRP B C    1 
ATOM   668 O O    . TRP B 1 15 ? 4.041   14.017  4.936   1.00 8.60  ? 15  TRP B O    1 
ATOM   669 C CB   . TRP B 1 15 ? 1.694   12.508  4.367   1.00 7.86  ? 15  TRP B CB   1 
ATOM   670 C CG   . TRP B 1 15 ? 1.111   13.259  3.220   1.00 8.12  ? 15  TRP B CG   1 
ATOM   671 C CD1  . TRP B 1 15 ? 1.222   14.569  2.956   1.00 9.21  ? 15  TRP B CD1  1 
ATOM   672 C CD2  . TRP B 1 15 ? 0.370   12.698  2.124   1.00 8.05  ? 15  TRP B CD2  1 
ATOM   673 N NE1  . TRP B 1 15 ? 0.587   14.872  1.769   1.00 9.82  ? 15  TRP B NE1  1 
ATOM   674 C CE2  . TRP B 1 15 ? 0.052   13.740  1.249   1.00 8.87  ? 15  TRP B CE2  1 
ATOM   675 C CE3  . TRP B 1 15 ? -0.068  11.416  1.837   1.00 8.24  ? 15  TRP B CE3  1 
ATOM   676 C CZ2  . TRP B 1 15 ? -0.678  13.503  0.084   1.00 9.40  ? 15  TRP B CZ2  1 
ATOM   677 C CZ3  . TRP B 1 15 ? -0.803  11.180  0.688   1.00 9.42  ? 15  TRP B CZ3  1 
ATOM   678 C CH2  . TRP B 1 15 ? -1.080  12.242  -0.175  1.00 9.63  ? 15  TRP B CH2  1 
ATOM   679 H H    . TRP B 1 15 ? 4.151   11.255  5.613   1.00 8.22  ? 15  TRP B H    1 
ATOM   680 H HA   . TRP B 1 15 ? 3.097   11.608  3.122   1.00 8.42  ? 15  TRP B HA   1 
ATOM   681 H HB2  . TRP B 1 15 ? 1.114   11.735  4.583   1.00 9.43  ? 15  TRP B HB2  1 
ATOM   682 H HB3  . TRP B 1 15 ? 1.729   13.096  5.163   1.00 9.43  ? 15  TRP B HB3  1 
ATOM   683 H HD1  . TRP B 1 15 ? 1.672   15.198  3.506   1.00 11.05 ? 15  TRP B HD1  1 
ATOM   684 H HE1  . TRP B 1 15 ? 0.536   15.673  1.406   1.00 11.79 ? 15  TRP B HE1  1 
ATOM   685 H HE3  . TRP B 1 15 ? 0.136   10.701  2.427   1.00 9.89  ? 15  TRP B HE3  1 
ATOM   686 H HZ2  . TRP B 1 15 ? -0.887  14.212  -0.511  1.00 11.27 ? 15  TRP B HZ2  1 
ATOM   687 H HZ3  . TRP B 1 15 ? -1.115  10.305  0.490   1.00 11.31 ? 15  TRP B HZ3  1 
ATOM   688 H HH2  . TRP B 1 15 ? -1.568  12.071  -0.972  1.00 11.55 ? 15  TRP B HH2  1 
HETATM 689 C CA   . ETA B 1 16 ? 6.216   14.040  3.201   1.00 8.70  ? 16  ETA B CA   1 
HETATM 690 N N    . ETA B 1 16 ? 5.082   13.103  3.190   1.00 7.95  ? 16  ETA B N    1 
HETATM 691 C C    . ETA B 1 16 ? 7.532   13.331  3.276   1.00 9.19  ? 16  ETA B C    1 
HETATM 692 O O    . ETA B 1 16 ? 7.732   12.451  2.175   1.00 9.76  ? 16  ETA B O    1 
HETATM 693 H HA1  . ETA B 1 16 ? 6.129   14.647  3.978   1.00 10.44 ? 16  ETA B HA1  1 
HETATM 694 H HA2  . ETA B 1 16 ? 6.190   14.591  2.379   1.00 10.44 ? 16  ETA B HA2  1 
HETATM 695 H H    . ETA B 1 16 ? 5.059   12.482  2.567   1.00 9.54  ? 16  ETA B H    1 
HETATM 696 H HB1  . ETA B 1 16 ? 8.261   14.001  3.294   1.00 11.03 ? 16  ETA B HB1  1 
HETATM 697 H HB2  . ETA B 1 16 ? 7.574   12.813  4.119   1.00 11.03 ? 16  ETA B HB2  1 
HETATM 698 H HO   . ETA B 1 16 ? 7.757   12.895  1.462   1.00 14.65 ? 16  ETA B HO   1 
HETATM 699 O O    A POL C 2 .  ? -0.928  -10.584 -12.711 0.50 7.30  ? 502 POL A O    1 
HETATM 700 O O    B POL C 2 .  ? -0.877  -10.759 -12.525 0.50 10.78 ? 502 POL A O    1 
HETATM 701 C C1   A POL C 2 .  ? -2.156  -10.833 -13.427 0.50 10.23 ? 502 POL A C1   1 
HETATM 702 C C1   B POL C 2 .  ? -1.914  -10.295 -13.380 0.50 13.63 ? 502 POL A C1   1 
HETATM 703 C C2   A POL C 2 .  ? -2.230  -9.851  -14.609 0.50 10.10 ? 502 POL A C2   1 
HETATM 704 C C2   B POL C 2 .  ? -2.921  -11.408 -13.598 0.50 17.08 ? 502 POL A C2   1 
HETATM 705 C C3   A POL C 2 .  ? -2.450  -8.445  -14.058 0.50 11.12 ? 502 POL A C3   1 
HETATM 706 C C3   B POL C 2 .  ? -3.837  -11.759 -12.427 0.50 21.11 ? 502 POL A C3   1 
HETATM 707 H HO   A POL C 2 .  ? -0.275  -10.690 -13.228 0.50 10.95 ? 502 POL A HO   1 
HETATM 708 H HO   B POL C 2 .  ? -1.164  -10.807 -11.736 0.50 16.18 ? 502 POL A HO   1 
HETATM 709 H H11  A POL C 2 .  ? -2.933  -10.702 -12.827 0.50 12.28 ? 502 POL A H11  1 
HETATM 710 H H11  B POL C 2 .  ? -1.531  -10.013 -14.249 0.50 16.36 ? 502 POL A H11  1 
HETATM 711 H H12  A POL C 2 .  ? -2.173  -11.766 -13.759 0.50 12.28 ? 502 POL A H12  1 
HETATM 712 H H12  B POL C 2 .  ? -2.361  -9.512  -12.970 0.50 16.36 ? 502 POL A H12  1 
HETATM 713 H H21  A POL C 2 .  ? -1.388  -9.882  -15.128 0.50 12.13 ? 502 POL A H21  1 
HETATM 714 H H21  B POL C 2 .  ? -2.424  -12.225 -13.853 0.50 20.50 ? 502 POL A H21  1 
HETATM 715 H H22  A POL C 2 .  ? -2.977  -10.099 -15.209 0.50 12.13 ? 502 POL A H22  1 
HETATM 716 H H22  B POL C 2 .  ? -3.491  -11.158 -14.368 0.50 20.50 ? 502 POL A H22  1 
HETATM 717 H H31  A POL C 2 .  ? -2.487  -7.805  -14.799 0.50 16.68 ? 502 POL A H31  1 
HETATM 718 H H31  B POL C 2 .  ? -4.460  -12.465 -12.700 0.50 31.66 ? 502 POL A H31  1 
HETATM 719 H H32  A POL C 2 .  ? -1.711  -8.209  -13.459 0.50 16.68 ? 502 POL A H32  1 
HETATM 720 H H32  B POL C 2 .  ? -4.341  -10.963 -12.157 0.50 31.66 ? 502 POL A H32  1 
HETATM 721 H H33  A POL C 2 .  ? -3.295  -8.417  -13.560 0.50 16.68 ? 502 POL A H33  1 
HETATM 722 H H33  B POL C 2 .  ? -3.297  -12.074 -11.673 0.50 31.66 ? 502 POL A H33  1 
HETATM 723 O O    A POL D 2 .  ? 8.469   15.942  10.036  0.33 14.90 ? 503 POL A O    1 
HETATM 724 O O    B POL D 2 .  ? 11.067  16.187  9.976   0.33 9.48  ? 503 POL A O    1 
HETATM 725 O O    C POL D 2 .  ? 8.043   15.509  10.507  0.33 17.13 ? 503 POL A O    1 
HETATM 726 C C1   A POL D 2 .  ? 7.336   16.180  10.834  0.33 13.62 ? 503 POL A C1   1 
HETATM 727 C C1   B POL D 2 .  ? 10.246  16.831  10.889  0.33 10.89 ? 503 POL A C1   1 
HETATM 728 C C1   C POL D 2 .  ? 8.641   16.755  10.226  0.33 12.83 ? 503 POL A C1   1 
HETATM 729 C C2   A POL D 2 .  ? 7.501   17.505  11.533  0.33 13.81 ? 503 POL A C2   1 
HETATM 730 C C2   B POL D 2 .  ? 8.999   17.557  10.447  0.33 11.20 ? 503 POL A C2   1 
HETATM 731 C C2   C POL D 2 .  ? 7.916   17.888  10.929  0.33 11.12 ? 503 POL A C2   1 
HETATM 732 C C3   A POL D 2 .  ? 7.447   18.715  10.639  0.33 10.53 ? 503 POL A C3   1 
HETATM 733 C C3   B POL D 2 .  ? 7.705   16.890  10.897  0.33 12.66 ? 503 POL A C3   1 
HETATM 734 C C3   C POL D 2 .  ? 8.670   19.241  10.847  0.33 12.32 ? 503 POL A C3   1 
HETATM 735 H HO   A POL D 2 .  ? 8.407   15.183  9.680   0.33 22.35 ? 503 POL A HO   1 
HETATM 736 H HO   B POL D 2 .  ? 11.354  16.744  9.416   0.33 14.22 ? 503 POL A HO   1 
HETATM 737 H HO   C POL D 2 .  ? 8.529   14.891  10.209  0.33 25.70 ? 503 POL A HO   1 
HETATM 738 H H11  A POL D 2 .  ? 7.238   15.458  11.503  0.33 16.35 ? 503 POL A H11  1 
HETATM 739 H H11  B POL D 2 .  ? 10.809  17.489  11.370  0.33 13.07 ? 503 POL A H11  1 
HETATM 740 H H11  C POL D 2 .  ? 8.626   16.912  9.250   0.33 15.39 ? 503 POL A H11  1 
HETATM 741 H H12  A POL D 2 .  ? 6.523   16.195  10.271  0.33 16.35 ? 503 POL A H12  1 
HETATM 742 H H12  B POL D 2 .  ? 9.966   16.154  11.554  0.33 13.07 ? 503 POL A H12  1 
HETATM 743 H H12  C POL D 2 .  ? 9.586   16.739  10.519  0.33 15.39 ? 503 POL A H12  1 
HETATM 744 H H21  A POL D 2 .  ? 8.370   17.503  12.007  0.33 16.57 ? 503 POL A H21  1 
HETATM 745 H H21  B POL D 2 .  ? 8.998   17.619  9.459   0.33 13.45 ? 503 POL A H21  1 
HETATM 746 H H21  C POL D 2 .  ? 7.791   17.648  11.881  0.33 13.35 ? 503 POL A H21  1 
HETATM 747 H H22  A POL D 2 .  ? 6.789   17.589  12.217  0.33 16.57 ? 503 POL A H22  1 
HETATM 748 H H22  B POL D 2 .  ? 9.023   18.480  10.806  0.33 13.45 ? 503 POL A H22  1 
HETATM 749 H H22  C POL D 2 .  ? 7.019   17.996  10.523  0.33 13.35 ? 503 POL A H22  1 
HETATM 750 H H31  A POL D 2 .  ? 7.649   19.518  11.163  0.33 15.80 ? 503 POL A H31  1 
HETATM 751 H H31  B POL D 2 .  ? 6.940   17.410  10.576  0.33 19.00 ? 503 POL A H31  1 
HETATM 752 H H31  C POL D 2 .  ? 8.098   19.955  11.200  0.33 18.48 ? 503 POL A H31  1 
HETATM 753 H H32  A POL D 2 .  ? 6.552   18.796  10.250  0.33 15.80 ? 503 POL A H32  1 
HETATM 754 H H32  B POL D 2 .  ? 7.683   16.847  11.876  0.33 19.00 ? 503 POL A H32  1 
HETATM 755 H H32  C POL D 2 .  ? 8.895   19.434  9.913   0.33 18.48 ? 503 POL A H32  1 
HETATM 756 H H33  A POL D 2 .  ? 8.108   18.620  9.921   0.33 15.80 ? 503 POL A H33  1 
HETATM 757 H H33  B POL D 2 .  ? 7.661   15.982  10.529  0.33 19.00 ? 503 POL A H33  1 
HETATM 758 H H33  C POL D 2 .  ? 9.492   19.190  11.378  0.33 18.48 ? 503 POL A H33  1 
HETATM 759 O O    A POL E 2 .  ? 10.382  14.796  -1.272  0.25 15.15 ? 506 POL A O    1 
HETATM 760 O O    B POL E 2 .  ? 10.272  14.447  -1.086  0.25 15.43 ? 506 POL A O    1 
HETATM 761 O O    C POL E 2 .  ? 7.691   13.886  0.018   0.25 12.38 ? 506 POL A O    1 
HETATM 762 O O    D POL E 2 .  ? 8.449   13.774  -0.694  0.25 22.04 ? 506 POL A O    1 
HETATM 763 C C1   A POL E 2 .  ? 11.243  14.217  -2.279  0.25 17.26 ? 506 POL A C1   1 
HETATM 764 C C1   B POL E 2 .  ? 10.870  13.403  -1.884  0.25 17.97 ? 506 POL A C1   1 
HETATM 765 C C1   C POL E 2 .  ? 9.096   14.305  -0.080  0.25 18.47 ? 506 POL A C1   1 
HETATM 766 C C1   D POL E 2 .  ? 9.774   13.673  -1.295  0.25 19.72 ? 506 POL A C1   1 
HETATM 767 C C2   A POL E 2 .  ? 10.447  13.552  -3.392  0.25 17.49 ? 506 POL A C2   1 
HETATM 768 C C2   B POL E 2 .  ? 10.346  13.309  -3.284  0.25 17.65 ? 506 POL A C2   1 
HETATM 769 C C2   C POL E 2 .  ? 9.373   14.644  -1.542  0.25 18.88 ? 506 POL A C2   1 
HETATM 770 C C2   D POL E 2 .  ? 9.805   14.675  -2.471  0.25 19.65 ? 506 POL A C2   1 
HETATM 771 C C3   A POL E 2 .  ? 9.474   12.428  -3.038  0.25 22.45 ? 506 POL A C3   1 
HETATM 772 C C3   B POL E 2 .  ? 10.810  14.088  -4.492  0.25 20.23 ? 506 POL A C3   1 
HETATM 773 C C3   C POL E 2 .  ? 10.819  14.506  -2.078  0.25 19.09 ? 506 POL A C3   1 
HETATM 774 C C3   D POL E 2 .  ? 10.709  14.414  -3.666  0.25 19.96 ? 506 POL A C3   1 
HETATM 775 H HO   A POL E 2 .  ? 10.851  15.157  -0.675  0.25 22.73 ? 506 POL A HO   1 
HETATM 776 H HO   B POL E 2 .  ? 10.765  14.612  -0.426  0.25 23.14 ? 506 POL A HO   1 
HETATM 777 H HO   C POL E 2 .  ? 7.627   13.073  -0.181  0.25 18.57 ? 506 POL A HO   1 
HETATM 778 H HO   D POL E 2 .  ? 8.520   14.061  0.093   0.25 33.06 ? 506 POL A HO   1 
HETATM 779 H H11  A POL E 2 .  ? 11.835  13.546  -1.855  0.25 20.72 ? 506 POL A H11  1 
HETATM 780 H H11  B POL E 2 .  ? 10.720  12.535  -1.431  0.25 21.57 ? 506 POL A H11  1 
HETATM 781 H H11  C POL E 2 .  ? 9.693   13.573  0.221   0.25 22.17 ? 506 POL A H11  1 
HETATM 782 H H11  D POL E 2 .  ? 9.935   12.753  -1.622  0.25 23.66 ? 506 POL A H11  1 
HETATM 783 H H12  A POL E 2 .  ? 11.816  14.927  -2.666  0.25 20.72 ? 506 POL A H12  1 
HETATM 784 H H12  B POL E 2 .  ? 11.847  13.556  -1.921  0.25 21.57 ? 506 POL A H12  1 
HETATM 785 H H12  C POL E 2 .  ? 9.259   15.098  0.491   0.25 22.17 ? 506 POL A H12  1 
HETATM 786 H H12  D POL E 2 .  ? 10.472  13.900  -0.631  0.25 23.66 ? 506 POL A H12  1 
HETATM 787 H H21  A POL E 2 .  ? 9.931   14.260  -3.854  0.25 20.99 ? 506 POL A H21  1 
HETATM 788 H H21  B POL E 2 .  ? 10.437  12.356  -3.536  0.25 21.18 ? 506 POL A H21  1 
HETATM 789 H H21  C POL E 2 .  ? 9.086   15.579  -1.693  0.25 22.65 ? 506 POL A H21  1 
HETATM 790 H H21  D POL E 2 .  ? 10.053  15.558  -2.100  0.25 23.59 ? 506 POL A H21  1 
HETATM 791 H H22  A POL E 2 .  ? 11.095  13.191  -4.049  0.25 20.99 ? 506 POL A H22  1 
HETATM 792 H H22  B POL E 2 .  ? 9.374   13.483  -3.216  0.25 21.18 ? 506 POL A H22  1 
HETATM 793 H H22  C POL E 2 .  ? 8.791   14.068  -2.098  0.25 22.65 ? 506 POL A H22  1 
HETATM 794 H H22  D POL E 2 .  ? 8.879   14.756  -2.813  0.25 23.59 ? 506 POL A H22  1 
HETATM 795 H H31  A POL E 2 .  ? 9.028   12.112  -3.851  0.25 33.68 ? 506 POL A H31  1 
HETATM 796 H H31  B POL E 2 .  ? 10.378  13.732  -5.297  0.25 30.34 ? 506 POL A H31  1 
HETATM 797 H H31  C POL E 2 .  ? 10.800  14.098  -2.969  0.25 28.63 ? 506 POL A H31  1 
HETATM 798 H H31  D POL E 2 .  ? 11.236  15.219  -3.858  0.25 29.93 ? 506 POL A H31  1 
HETATM 799 H H32  A POL E 2 .  ? 8.803   12.762  -2.407  0.25 33.68 ? 506 POL A H32  1 
HETATM 800 H H32  B POL E 2 .  ? 11.783  14.006  -4.581  0.25 30.34 ? 506 POL A H32  1 
HETATM 801 H H32  C POL E 2 .  ? 11.340  13.940  -1.472  0.25 28.63 ? 506 POL A H32  1 
HETATM 802 H H32  D POL E 2 .  ? 10.162  14.187  -4.446  0.25 29.93 ? 506 POL A H32  1 
HETATM 803 H H33  A POL E 2 .  ? 9.967   11.686  -2.628  0.25 33.68 ? 506 POL A H33  1 
HETATM 804 H H33  B POL E 2 .  ? 10.570  15.032  -4.384  0.25 30.34 ? 506 POL A H33  1 
HETATM 805 H H33  C POL E 2 .  ? 11.233  15.393  -2.135  0.25 28.63 ? 506 POL A H33  1 
HETATM 806 H H33  D POL E 2 .  ? 11.313  13.670  -3.462  0.25 29.93 ? 506 POL A H33  1 
HETATM 807 O O    A POL F 2 .  ? 4.312   -2.998  -8.518  0.50 12.14 ? 507 POL A O    1 
HETATM 808 O O    B POL F 2 .  ? 4.131   -3.033  -8.385  0.50 10.90 ? 507 POL A O    1 
HETATM 809 C C1   A POL F 2 .  ? 3.131   -3.401  -9.217  0.50 13.89 ? 507 POL A C1   1 
HETATM 810 C C1   B POL F 2 .  ? 3.157   -2.757  -9.374  0.50 13.51 ? 507 POL A C1   1 
HETATM 811 C C2   A POL F 2 .  ? 2.737   -2.138  -10.007 0.50 14.44 ? 507 POL A C2   1 
HETATM 812 C C2   B POL F 2 .  ? 1.844   -3.457  -9.003  0.50 15.22 ? 507 POL A C2   1 
HETATM 813 C C3   A POL F 2 .  ? 1.487   -2.348  -10.852 0.50 19.79 ? 507 POL A C3   1 
HETATM 814 C C3   B POL F 2 .  ? 0.795   -2.950  -9.991  0.50 18.80 ? 507 POL A C3   1 
HETATM 815 H HO   A POL F 2 .  ? 4.944   -2.905  -9.065  0.50 18.22 ? 507 POL A HO   1 
HETATM 816 H HO   B POL F 2 .  ? 3.805   -2.885  -7.625  0.50 16.35 ? 507 POL A HO   1 
HETATM 817 H H11  A POL F 2 .  ? 2.416   -3.664  -8.585  0.50 16.67 ? 507 POL A H11  1 
HETATM 818 H H11  B POL F 2 .  ? 3.472   -3.080  -10.255 0.50 16.21 ? 507 POL A H11  1 
HETATM 819 H H12  A POL F 2 .  ? 3.319   -4.158  -9.826  0.50 16.67 ? 507 POL A H12  1 
HETATM 820 H H12  B POL F 2 .  ? 3.010   -1.780  -9.437  0.50 16.21 ? 507 POL A H12  1 
HETATM 821 H H21  A POL F 2 .  ? 3.486   -1.877  -10.599 0.50 17.33 ? 507 POL A H21  1 
HETATM 822 H H21  B POL F 2 .  ? 1.582   -3.234  -8.075  0.50 18.26 ? 507 POL A H21  1 
HETATM 823 H H22  A POL F 2 .  ? 2.578   -1.394  -9.373  0.50 17.33 ? 507 POL A H22  1 
HETATM 824 H H22  B POL F 2 .  ? 1.943   -4.439  -9.077  0.50 18.26 ? 507 POL A H22  1 
HETATM 825 H H31  A POL F 2 .  ? 1.334   -1.560  -11.413 0.50 29.69 ? 507 POL A H31  1 
HETATM 826 H H31  B POL F 2 .  ? -0.032  -3.464  -9.882  0.50 28.19 ? 507 POL A H31  1 
HETATM 827 H H32  A POL F 2 .  ? 0.714   -2.485  -10.264 0.50 29.69 ? 507 POL A H32  1 
HETATM 828 H H32  B POL F 2 .  ? 1.130   -3.058  -10.906 0.50 28.19 ? 507 POL A H32  1 
HETATM 829 H H33  A POL F 2 .  ? 1.606   -3.138  -11.421 0.50 29.69 ? 507 POL A H33  1 
HETATM 830 H H33  B POL F 2 .  ? 0.616   -2.002  -9.818  0.50 28.19 ? 507 POL A H33  1 
HETATM 831 O O    A POL G 2 .  ? 8.267   12.753  10.744  0.50 12.66 ? 508 POL A O    1 
HETATM 832 O O    B POL G 2 .  ? 8.118   13.985  11.788  0.50 19.99 ? 508 POL A O    1 
HETATM 833 C C1   A POL G 2 .  ? 7.582   13.104  11.952  0.50 16.41 ? 508 POL A C1   1 
HETATM 834 C C1   B POL G 2 .  ? 8.321   14.061  13.222  0.50 18.54 ? 508 POL A C1   1 
HETATM 835 C C2   A POL G 2 .  ? 8.456   13.051  13.185  0.50 17.28 ? 508 POL A C2   1 
HETATM 836 C C2   B POL G 2 .  ? 8.149   12.685  13.803  0.50 20.35 ? 508 POL A C2   1 
HETATM 837 C C3   A POL G 2 .  ? 9.592   14.005  13.436  0.50 19.21 ? 508 POL A C3   1 
HETATM 838 C C3   B POL G 2 .  ? 8.528   11.467  12.992  0.50 22.79 ? 508 POL A C3   1 
HETATM 839 H HO   A POL G 2 .  ? 8.896   13.294  10.611  0.50 18.99 ? 508 POL A HO   1 
HETATM 840 H HO   B POL G 2 .  ? 8.130   14.759  11.461  0.50 29.98 ? 508 POL A HO   1 
HETATM 841 H H11  A POL G 2 .  ? 6.818   12.488  12.076  0.50 19.70 ? 508 POL A H11  1 
HETATM 842 H H11  B POL G 2 .  ? 7.664   14.683  13.625  0.50 22.25 ? 508 POL A H11  1 
HETATM 843 H H12  A POL G 2 .  ? 7.219   14.020  11.859  0.50 19.70 ? 508 POL A H12  1 
HETATM 844 H H12  B POL G 2 .  ? 9.230   14.400  13.418  0.50 22.25 ? 508 POL A H12  1 
HETATM 845 H H21  A POL G 2 .  ? 7.849   13.126  13.963  0.50 20.73 ? 508 POL A H21  1 
HETATM 846 H H21  B POL G 2 .  ? 7.196   12.588  14.053  0.50 24.42 ? 508 POL A H21  1 
HETATM 847 H H22  A POL G 2 .  ? 8.843   12.140  13.216  0.50 20.73 ? 508 POL A H22  1 
HETATM 848 H H22  B POL G 2 .  ? 8.672   12.653  14.644  0.50 24.42 ? 508 POL A H22  1 
HETATM 849 H H31  A POL G 2 .  ? 10.035  13.770  14.278  0.50 28.81 ? 508 POL A H31  1 
HETATM 850 H H31  B POL G 2 .  ? 8.385   10.660  13.530  0.50 34.18 ? 508 POL A H31  1 
HETATM 851 H H32  A POL G 2 .  ? 9.244   14.919  13.496  0.50 28.81 ? 508 POL A H32  1 
HETATM 852 H H32  B POL G 2 .  ? 9.472   11.526  12.736  0.50 34.18 ? 508 POL A H32  1 
HETATM 853 H H33  A POL G 2 .  ? 10.237  13.947  12.701  0.50 28.81 ? 508 POL A H33  1 
HETATM 854 H H33  B POL G 2 .  ? 7.971   11.426  12.186  0.50 34.18 ? 508 POL A H33  1 
HETATM 855 O O    A POL H 2 .  ? 10.753  13.509  9.645   0.50 14.46 ? 509 POL A O    1 
HETATM 856 O O    B POL H 2 .  ? 9.437   12.708  9.679   0.50 15.74 ? 509 POL A O    1 
HETATM 857 C C1   A POL H 2 .  ? 11.868  12.686  10.024  0.50 18.24 ? 509 POL A C1   1 
HETATM 858 C C1   B POL H 2 .  ? 10.813  12.543  9.244   0.50 19.62 ? 509 POL A C1   1 
HETATM 859 C C2   A POL H 2 .  ? 11.441  11.225  10.058  0.50 20.49 ? 509 POL A C2   1 
HETATM 860 C C2   B POL H 2 .  ? 10.974  11.063  8.942   0.50 21.43 ? 509 POL A C2   1 
HETATM 861 C C3   A POL H 2 .  ? 11.863  10.149  9.079   0.50 21.46 ? 509 POL A C3   1 
HETATM 862 C C3   B POL H 2 .  ? 11.925  10.168  9.716   0.50 22.58 ? 509 POL A C3   1 
HETATM 863 H HO   A POL H 2 .  ? 11.010  14.303  9.553   0.50 21.69 ? 509 POL A HO   1 
HETATM 864 H HO   B POL H 2 .  ? 9.236   13.523  9.667   0.50 23.61 ? 509 POL A HO   1 
HETATM 865 H H11  A POL H 2 .  ? 12.195  12.959  10.918  0.50 21.89 ? 509 POL A H11  1 
HETATM 866 H H11  B POL H 2 .  ? 11.440  12.823  9.959   0.50 23.54 ? 509 POL A H11  1 
HETATM 867 H H12  A POL H 2 .  ? 12.605  12.804  9.376   0.50 21.89 ? 509 POL A H12  1 
HETATM 868 H H12  B POL H 2 .  ? 10.991  13.085  8.435   0.50 23.54 ? 509 POL A H12  1 
HETATM 869 H H21  A POL H 2 .  ? 11.698  10.890  10.954  0.50 24.58 ? 509 POL A H21  1 
HETATM 870 H H21  B POL H 2 .  ? 11.233  10.994  7.989   0.50 25.71 ? 509 POL A H21  1 
HETATM 871 H H22  A POL H 2 .  ? 10.451  11.233  10.041  0.50 24.58 ? 509 POL A H22  1 
HETATM 872 H H22  B POL H 2 .  ? 10.074  10.658  9.021   0.50 25.71 ? 509 POL A H22  1 
HETATM 873 H H31  A POL H 2 .  ? 11.524  9.280   9.381   0.50 32.19 ? 509 POL A H31  1 
HETATM 874 H H31  B POL H 2 .  ? 11.663  9.232   9.596   0.50 33.86 ? 509 POL A H31  1 
HETATM 875 H H32  A POL H 2 .  ? 12.842  10.118  9.028   0.50 32.19 ? 509 POL A H32  1 
HETATM 876 H H32  B POL H 2 .  ? 11.886  10.397  10.669  0.50 33.86 ? 509 POL A H32  1 
HETATM 877 H H33  A POL H 2 .  ? 11.497  10.352  8.193   0.50 32.19 ? 509 POL A H33  1 
HETATM 878 H H33  B POL H 2 .  ? 12.837  10.298  9.386   0.50 33.86 ? 509 POL A H33  1 
HETATM 879 O O    . POL I 2 .  ? -5.539  -7.044  -8.245  1.00 15.01 ? 501 POL B O    1 
HETATM 880 C C1   . POL I 2 .  ? -4.372  -7.185  -9.052  1.00 14.36 ? 501 POL B C1   1 
HETATM 881 C C2   . POL I 2 .  ? -4.702  -7.760  -10.416 1.00 15.27 ? 501 POL B C2   1 
HETATM 882 C C3   . POL I 2 .  ? -5.106  -9.211  -10.426 1.00 17.34 ? 501 POL B C3   1 
HETATM 883 H HO   . POL I 2 .  ? -5.322  -6.748  -7.489  1.00 22.51 ? 501 POL B HO   1 
HETATM 884 H H11  . POL I 2 .  ? -3.726  -7.780  -8.593  1.00 17.23 ? 501 POL B H11  1 
HETATM 885 H H12  . POL I 2 .  ? -3.943  -6.300  -9.165  1.00 17.23 ? 501 POL B H12  1 
HETATM 886 H H21  . POL I 2 .  ? -3.910  -7.652  -11.001 1.00 18.33 ? 501 POL B H21  1 
HETATM 887 H H22  . POL I 2 .  ? -5.438  -7.227  -10.811 1.00 18.33 ? 501 POL B H22  1 
HETATM 888 H H31  . POL I 2 .  ? -5.279  -9.496  -11.348 1.00 26.01 ? 501 POL B H31  1 
HETATM 889 H H32  . POL I 2 .  ? -5.919  -9.327  -9.891  1.00 26.01 ? 501 POL B H32  1 
HETATM 890 H H33  . POL I 2 .  ? -4.384  -9.754  -10.045 1.00 26.01 ? 501 POL B H33  1 
HETATM 891 O O    A POL J 2 .  ? -8.602  -8.531  -5.534  0.50 18.13 ? 504 POL B O    1 
HETATM 892 O O    B POL J 2 .  ? -9.313  -7.971  -5.240  0.50 8.39  ? 504 POL B O    1 
HETATM 893 C C1   A POL J 2 .  ? -9.534  -7.679  -4.846  0.50 15.00 ? 504 POL B C1   1 
HETATM 894 C C1   B POL J 2 .  ? -10.417 -8.847  -5.234  0.50 13.04 ? 504 POL B C1   1 
HETATM 895 C C2   A POL J 2 .  ? -10.792 -8.260  -4.302  0.50 14.63 ? 504 POL B C2   1 
HETATM 896 C C2   B POL J 2 .  ? -10.962 -9.049  -3.838  0.50 13.46 ? 504 POL B C2   1 
HETATM 897 C C3   A POL J 2 .  ? -11.099 -9.714  -4.056  0.50 17.74 ? 504 POL B C3   1 
HETATM 898 C C3   B POL J 2 .  ? -12.276 -9.676  -3.499  0.50 12.20 ? 504 POL B C3   1 
HETATM 899 H HO   A POL J 2 .  ? -8.543  -9.265  -5.129  0.50 27.19 ? 504 POL B HO   1 
HETATM 900 H HO   B POL J 2 .  ? -8.985  -7.938  -6.012  0.50 12.58 ? 504 POL B HO   1 
HETATM 901 H H11  A POL J 2 .  ? -9.788  -6.953  -5.470  0.50 18.00 ? 504 POL B H11  1 
HETATM 902 H H11  B POL J 2 .  ? -10.142 -9.721  -5.608  0.50 15.65 ? 504 POL B H11  1 
HETATM 903 H H12  A POL J 2 .  ? -9.051  -7.258  -4.093  0.50 18.00 ? 504 POL B H12  1 
HETATM 904 H H12  B POL J 2 .  ? -11.130 -8.477  -5.812  0.50 15.65 ? 504 POL B H12  1 
HETATM 905 H H21  A POL J 2 .  ? -10.934 -7.810  -3.432  0.50 17.56 ? 504 POL B H21  1 
HETATM 906 H H21  B POL J 2 .  ? -10.278 -9.576  -3.353  0.50 16.16 ? 504 POL B H21  1 
HETATM 907 H H22  A POL J 2 .  ? -11.511 -7.935  -4.900  0.50 17.56 ? 504 POL B H22  1 
HETATM 908 H H22  B POL J 2 .  ? -10.972 -8.154  -3.417  0.50 16.16 ? 504 POL B H22  1 
HETATM 909 H H31  A POL J 2 .  ? -12.066 -9.830  -3.949  0.50 26.61 ? 504 POL B H31  1 
HETATM 910 H H31  B POL J 2 .  ? -12.463 -9.549  -2.545  0.50 18.30 ? 504 POL B H31  1 
HETATM 911 H H32  A POL J 2 .  ? -10.642 -10.012 -3.242  0.50 26.61 ? 504 POL B H32  1 
HETATM 912 H H32  B POL J 2 .  ? -12.243 -10.635 -3.700  0.50 18.30 ? 504 POL B H32  1 
HETATM 913 H H33  A POL J 2 .  ? -10.790 -10.247 -4.819  0.50 26.61 ? 504 POL B H33  1 
HETATM 914 H H33  B POL J 2 .  ? -12.985 -9.255  -4.029  0.50 18.30 ? 504 POL B H33  1 
HETATM 915 O O    A POL K 2 .  ? 5.327   3.869   13.606  0.50 15.38 ? 505 POL B O    1 
HETATM 916 O O    B POL K 2 .  ? 6.192   3.764   13.897  0.50 20.23 ? 505 POL B O    1 
HETATM 917 C C1   A POL K 2 .  ? 6.401   3.545   12.747  0.50 15.77 ? 505 POL B C1   1 
HETATM 918 C C1   B POL K 2 .  ? 7.146   2.815   13.473  0.50 18.10 ? 505 POL B C1   1 
HETATM 919 C C2   A POL K 2 .  ? 7.169   2.342   13.267  0.50 17.16 ? 505 POL B C2   1 
HETATM 920 C C2   B POL K 2 .  ? 6.429   1.500   13.079  0.50 20.08 ? 505 POL B C2   1 
HETATM 921 C C3   A POL K 2 .  ? 6.480   0.972   13.080  0.50 18.17 ? 505 POL B C3   1 
HETATM 922 C C3   B POL K 2 .  ? 7.270   0.603   12.158  0.50 25.14 ? 505 POL B C3   1 
HETATM 923 H HO   A POL K 2 .  ? 5.617   3.984   14.385  0.50 23.06 ? 505 POL B HO   1 
HETATM 924 H HO   B POL K 2 .  ? 5.817   3.491   14.597  0.50 30.34 ? 505 POL B HO   1 
HETATM 925 H H11  A POL K 2 .  ? 7.013   4.321   12.675  0.50 18.92 ? 505 POL B H11  1 
HETATM 926 H H11  B POL K 2 .  ? 7.791   2.640   14.203  0.50 21.72 ? 505 POL B H11  1 
HETATM 927 H H12  A POL K 2 .  ? 6.052   3.346   11.842  0.50 18.92 ? 505 POL B H12  1 
HETATM 928 H H12  B POL K 2 .  ? 7.648   3.168   12.696  0.50 21.72 ? 505 POL B H12  1 
HETATM 929 H H21  A POL K 2 .  ? 7.338   2.476   14.234  0.50 20.59 ? 505 POL B H21  1 
HETATM 930 H H21  B POL K 2 .  ? 6.208   0.996   13.902  0.50 24.09 ? 505 POL B H21  1 
HETATM 931 H H22  A POL K 2 .  ? 8.047   2.313   12.813  0.50 20.59 ? 505 POL B H22  1 
HETATM 932 H H22  B POL K 2 .  ? 5.579   1.722   12.623  0.50 24.09 ? 505 POL B H22  1 
HETATM 933 H H31  A POL K 2 .  ? 7.032   0.271   13.484  0.50 27.25 ? 505 POL B H31  1 
HETATM 934 H H31  B POL K 2 .  ? 6.793   -0.238  11.995  0.50 37.72 ? 505 POL B H31  1 
HETATM 935 H H32  A POL K 2 .  ? 6.369   0.791   12.123  0.50 27.25 ? 505 POL B H32  1 
HETATM 936 H H32  B POL K 2 .  ? 8.132   0.412   12.584  0.50 37.72 ? 505 POL B H32  1 
HETATM 937 H H33  A POL K 2 .  ? 5.601   0.986   13.514  0.50 27.25 ? 505 POL B H33  1 
HETATM 938 H H33  B POL K 2 .  ? 7.424   1.063   11.305  0.50 37.72 ? 505 POL B H33  1 
HETATM 939 O O    A POL L 2 .  ? -7.163  7.035   -1.587  0.50 24.11 ? 510 POL B O    1 
HETATM 940 O O    B POL L 2 .  ? -5.905  9.442   -1.494  0.50 24.38 ? 510 POL B O    1 
HETATM 941 C C1   A POL L 2 .  ? -5.851  7.550   -1.508  0.50 9.82  ? 510 POL B C1   1 
HETATM 942 C C1   B POL L 2 .  ? -5.687  8.202   -0.814  0.50 18.59 ? 510 POL B C1   1 
HETATM 943 C C2   A POL L 2 .  ? -6.053  8.932   -0.806  0.50 16.91 ? 510 POL B C2   1 
HETATM 944 C C2   B POL L 2 .  ? -4.893  8.526   0.386   0.50 17.75 ? 510 POL B C2   1 
HETATM 945 C C3   A POL L 2 .  ? -4.799  9.745   -0.515  0.50 19.14 ? 510 POL B C3   1 
HETATM 946 C C3   B POL L 2 .  ? -4.759  9.806   1.171   0.50 10.33 ? 510 POL B C3   1 
HETATM 947 H HO   A POL L 2 .  ? -7.594  7.453   -2.174  0.50 36.16 ? 510 POL B HO   1 
HETATM 948 H HO   B POL L 2 .  ? -6.186  10.015  -0.948  0.50 36.57 ? 510 POL B HO   1 
HETATM 949 H H11  A POL L 2 .  ? -5.457  7.662   -2.409  0.50 11.79 ? 510 POL B H11  1 
HETATM 950 H H11  B POL L 2 .  ? -5.195  7.569   -1.395  0.50 22.31 ? 510 POL B H11  1 
HETATM 951 H H12  A POL L 2 .  ? -5.267  6.959   -0.971  0.50 11.79 ? 510 POL B H12  1 
HETATM 952 H H12  B POL L 2 .  ? -6.551  7.790   -0.557  0.50 22.31 ? 510 POL B H12  1 
HETATM 953 H H21  A POL L 2 .  ? -6.524  8.776   0.050   0.50 20.29 ? 510 POL B H21  1 
HETATM 954 H H21  B POL L 2 .  ? -3.964  8.289   0.139   0.50 21.30 ? 510 POL B H21  1 
HETATM 955 H H22  A POL L 2 .  ? -6.650  9.481   -1.375  0.50 20.29 ? 510 POL B H22  1 
HETATM 956 H H22  B POL L 2 .  ? -5.171  7.852   1.057   0.50 21.30 ? 510 POL B H22  1 
HETATM 957 H H31  A POL L 2 .  ? -5.053  10.650  -0.235  0.50 28.71 ? 510 POL B H31  1 
HETATM 958 H H31  B POL L 2 .  ? -3.832  10.122  1.126   0.50 15.49 ? 510 POL B H31  1 
HETATM 959 H H32  A POL L 2 .  ? -4.247  9.797   -1.324  0.50 28.71 ? 510 POL B H32  1 
HETATM 960 H H32  B POL L 2 .  ? -5.003  9.643   2.107   0.50 15.49 ? 510 POL B H32  1 
HETATM 961 H H33  A POL L 2 .  ? -4.289  9.314   0.201   0.50 28.71 ? 510 POL B H33  1 
HETATM 962 H H33  B POL L 2 .  ? -5.355  10.486  0.792   0.50 15.49 ? 510 POL B H33  1 
# 
loop_
_atom_site_anisotrop.id 
_atom_site_anisotrop.type_symbol 
_atom_site_anisotrop.pdbx_label_atom_id 
_atom_site_anisotrop.pdbx_label_alt_id 
_atom_site_anisotrop.pdbx_label_comp_id 
_atom_site_anisotrop.pdbx_label_asym_id 
_atom_site_anisotrop.pdbx_label_seq_id 
_atom_site_anisotrop.pdbx_PDB_ins_code 
_atom_site_anisotrop.U[1][1] 
_atom_site_anisotrop.U[2][2] 
_atom_site_anisotrop.U[3][3] 
_atom_site_anisotrop.U[1][2] 
_atom_site_anisotrop.U[1][3] 
_atom_site_anisotrop.U[2][3] 
_atom_site_anisotrop.pdbx_auth_seq_id 
_atom_site_anisotrop.pdbx_auth_comp_id 
_atom_site_anisotrop.pdbx_auth_asym_id 
_atom_site_anisotrop.pdbx_auth_atom_id 
1   C C    A FVA A 1  ? 0.1027 0.0941 0.0980 -0.0168 -0.0123 -0.0034 1   FVA A C    
2   N N    A FVA A 1  ? 0.1163 0.0949 0.0912 -0.0191 -0.0062 -0.0079 1   FVA A N    
3   O O    A FVA A 1  ? 0.1308 0.1105 0.1437 -0.0068 -0.0439 -0.0261 1   FVA A O    
4   C CA   A FVA A 1  ? 0.1197 0.1018 0.0974 -0.0125 -0.0033 -0.0068 1   FVA A CA   
5   C CB   A FVA A 1  ? 0.1357 0.1013 0.0981 -0.0058 0.0018  0.0001  1   FVA A CB   
6   C CG1  A FVA A 1  ? 0.1580 0.1139 0.1557 0.0053  0.0393  -0.0166 1   FVA A CG1  
7   C CG2  A FVA A 1  ? 0.1291 0.1440 0.1418 -0.0258 0.0175  0.0105  1   FVA A CG2  
8   H H    A FVA A 1  ? 0.1210 0.1210 0.1210 0.0000  0.0000  0.0000  1   FVA A H    
9   H HA   A FVA A 1  ? 0.1275 0.1275 0.1275 0.0000  0.0000  0.0000  1   FVA A HA   
10  H HB   A FVA A 1  ? 0.1340 0.1340 0.1340 0.0000  0.0000  0.0000  1   FVA A HB   
11  H HG11 A FVA A 1  ? 0.2138 0.2138 0.2138 0.0000  0.0000  0.0000  1   FVA A HG11 
12  H HG12 A FVA A 1  ? 0.2138 0.2138 0.2138 0.0000  0.0000  0.0000  1   FVA A HG12 
13  H HG13 A FVA A 1  ? 0.2138 0.2138 0.2138 0.0000  0.0000  0.0000  1   FVA A HG13 
14  O O1   A FVA A 1  ? 0.1952 0.1218 0.1057 -0.0631 -0.0174 -0.0013 1   FVA A O1   
15  H HG21 A FVA A 1  ? 0.2073 0.2073 0.2073 0.0000  0.0000  0.0000  1   FVA A HG21 
16  C CN   A FVA A 1  ? 0.1360 0.1099 0.1082 -0.0417 -0.0087 0.0048  1   FVA A CN   
17  H HG22 A FVA A 1  ? 0.2073 0.2073 0.2073 0.0000  0.0000  0.0000  1   FVA A HG22 
18  H HG23 A FVA A 1  ? 0.2073 0.2073 0.2073 0.0000  0.0000  0.0000  1   FVA A HG23 
19  H HN   A FVA A 1  ? 0.1417 0.1417 0.1417 0.0000  0.0000  0.0000  1   FVA A HN   
20  C C    B QIL A 1  ? 0.1027 0.0941 0.0980 -0.0168 -0.0123 -0.0034 1   QIL A C    
21  N N    B QIL A 1  ? 0.1163 0.0949 0.0912 -0.0191 -0.0062 -0.0079 1   QIL A N    
22  O O    B QIL A 1  ? 0.1308 0.1105 0.1437 -0.0068 -0.0439 -0.0261 1   QIL A O    
23  C CA   B QIL A 1  ? 0.1197 0.1018 0.0974 -0.0125 -0.0033 -0.0068 1   QIL A CA   
24  C CB   B QIL A 1  ? 0.1541 0.1204 0.1049 -0.0157 0.0093  0.0011  1   QIL A CB   
25  C CD1  B QIL A 1  ? 0.1659 0.1969 0.1166 0.0310  0.0192  0.0194  1   QIL A CD1  
26  C CG1  B QIL A 1  ? 0.1605 0.1436 0.1080 0.0063  0.0141  -0.0100 1   QIL A CG1  
27  C CG2  B QIL A 1  ? 0.2083 0.1317 0.0982 -0.0209 0.0001  0.0053  1   QIL A CG2  
28  C CN   B QIL A 1  ? 0.1360 0.1099 0.1082 -0.0417 -0.0087 0.0048  1   QIL A CN   
29  O O1   B QIL A 1  ? 0.1952 0.1218 0.1057 -0.0631 -0.0174 -0.0013 1   QIL A O1   
30  H H    B QIL A 1  ? 0.1210 0.1210 0.1210 0.0000  0.0000  0.0000  1   QIL A H    
31  H HA   B QIL A 1  ? 0.1275 0.1275 0.1275 0.0000  0.0000  0.0000  1   QIL A HA   
32  H HB   B QIL A 1  ? 0.1519 0.1519 0.1519 0.0000  0.0000  0.0000  1   QIL A HB   
33  H HD11 B QIL A 1  ? 0.2398 0.2398 0.2398 0.0000  0.0000  0.0000  1   QIL A HD11 
34  H HD12 B QIL A 1  ? 0.2398 0.2398 0.2398 0.0000  0.0000  0.0000  1   QIL A HD12 
35  H HD13 B QIL A 1  ? 0.2398 0.2398 0.2398 0.0000  0.0000  0.0000  1   QIL A HD13 
36  H HG12 B QIL A 1  ? 0.1648 0.1648 0.1648 0.0000  0.0000  0.0000  1   QIL A HG12 
37  H HG13 B QIL A 1  ? 0.1648 0.1648 0.1648 0.0000  0.0000  0.0000  1   QIL A HG13 
38  H HG21 B QIL A 1  ? 0.2191 0.2191 0.2191 0.0000  0.0000  0.0000  1   QIL A HG21 
39  H HG22 B QIL A 1  ? 0.2191 0.2191 0.2191 0.0000  0.0000  0.0000  1   QIL A HG22 
40  H HG23 B QIL A 1  ? 0.2191 0.2191 0.2191 0.0000  0.0000  0.0000  1   QIL A HG23 
41  H HN   B QIL A 1  ? 0.1417 0.1417 0.1417 0.0000  0.0000  0.0000  1   QIL A HN   
42  N N    . GLY A 2  ? 0.1183 0.1017 0.1160 -0.0143 -0.0334 -0.0083 2   GLY A N    
43  C CA   . GLY A 2  ? 0.1126 0.1040 0.1304 -0.0091 -0.0298 -0.0079 2   GLY A CA   
44  C C    . GLY A 2  ? 0.1150 0.0745 0.1287 -0.0018 -0.0227 0.0044  2   GLY A C    
45  O O    . GLY A 2  ? 0.1259 0.0912 0.1408 -0.0078 -0.0169 -0.0054 2   GLY A O    
46  H H    . GLY A 2  ? 0.1344 0.1344 0.1344 0.0000  0.0000  0.0000  2   GLY A H    
47  H HA2  . GLY A 2  ? 0.1388 0.1388 0.1388 0.0000  0.0000  0.0000  2   GLY A HA2  
48  H HA3  . GLY A 2  ? 0.1388 0.1388 0.1388 0.0000  0.0000  0.0000  2   GLY A HA3  
49  N N    . ALA A 3  ? 0.1250 0.0746 0.1245 -0.0124 -0.0249 0.0072  3   ALA A N    
50  C CA   . ALA A 3  ? 0.1174 0.0808 0.1295 -0.0054 -0.0144 -0.0025 3   ALA A CA   
51  C C    . ALA A 3  ? 0.1341 0.0907 0.1059 -0.0236 -0.0004 0.0048  3   ALA A C    
52  O O    . ALA A 3  ? 0.2199 0.1155 0.1324 -0.0637 -0.0215 0.0222  3   ALA A O    
53  C CB   . ALA A 3  ? 0.1368 0.0979 0.1641 -0.0015 -0.0147 -0.0029 3   ALA A CB   
54  H H    . ALA A 3  ? 0.1297 0.1297 0.1297 0.0000  0.0000  0.0000  3   ALA A H    
55  H HA   . ALA A 3  ? 0.1311 0.1311 0.1311 0.0000  0.0000  0.0000  3   ALA A HA   
56  H HB1  . ALA A 3  ? 0.1993 0.1993 0.1993 0.0000  0.0000  0.0000  3   ALA A HB1  
57  H HB2  . ALA A 3  ? 0.1993 0.1993 0.1993 0.0000  0.0000  0.0000  3   ALA A HB2  
58  H HB3  . ALA A 3  ? 0.1993 0.1993 0.1993 0.0000  0.0000  0.0000  3   ALA A HB3  
59  N N    . DLE A 4  ? 0.1037 0.0870 0.1259 -0.0172 -0.0086 0.0023  4   DLE A N    
60  C CA   . DLE A 4  ? 0.0985 0.0882 0.1176 -0.0092 -0.0009 -0.0074 4   DLE A CA   
61  C CB   . DLE A 4  ? 0.1130 0.1253 0.1290 -0.0086 0.0206  -0.0111 4   DLE A CB   
62  C CG   . DLE A 4  ? 0.1244 0.2006 0.1909 0.0048  0.0483  -0.0338 4   DLE A CG   
63  C CD1  . DLE A 4  ? 0.1337 0.2051 0.2526 0.0477  -0.0004 -0.0829 4   DLE A CD1  
64  C CD2  . DLE A 4  ? 0.1874 0.3718 0.1839 0.0257  0.0808  -0.0150 4   DLE A CD2  
65  C C    . DLE A 4  ? 0.0979 0.0846 0.0956 -0.0098 0.0034  -0.0134 4   DLE A C    
66  O O    . DLE A 4  ? 0.1113 0.0815 0.1146 -0.0006 -0.0012 -0.0115 4   DLE A O    
67  H H    . DLE A 4  ? 0.1267 0.1267 0.1267 0.0000  0.0000  0.0000  4   DLE A H    
68  H HA   . DLE A 4  ? 0.1217 0.1217 0.1217 0.0000  0.0000  0.0000  4   DLE A HA   
69  H HB2  . DLE A 4  ? 0.1469 0.1469 0.1469 0.0000  0.0000  0.0000  4   DLE A HB2  
70  H HB3  . DLE A 4  ? 0.1469 0.1469 0.1469 0.0000  0.0000  0.0000  4   DLE A HB3  
71  H HG   . DLE A 4  ? 0.2063 0.2063 0.2063 0.0000  0.0000  0.0000  4   DLE A HG   
72  H HD11 . DLE A 4  ? 0.2957 0.2957 0.2957 0.0000  0.0000  0.0000  4   DLE A HD11 
73  H HD12 . DLE A 4  ? 0.2957 0.2957 0.2957 0.0000  0.0000  0.0000  4   DLE A HD12 
74  H HD13 . DLE A 4  ? 0.2957 0.2957 0.2957 0.0000  0.0000  0.0000  4   DLE A HD13 
75  H HD21 . DLE A 4  ? 0.3716 0.3716 0.3716 0.0000  0.0000  0.0000  4   DLE A HD21 
76  H HD22 . DLE A 4  ? 0.3716 0.3716 0.3716 0.0000  0.0000  0.0000  4   DLE A HD22 
77  H HD23 . DLE A 4  ? 0.3716 0.3716 0.3716 0.0000  0.0000  0.0000  4   DLE A HD23 
78  N N    . ALA A 5  ? 0.0976 0.0684 0.1130 0.0036  0.0045  -0.0049 5   ALA A N    
79  C CA   . ALA A 5  ? 0.0900 0.0877 0.1088 0.0024  0.0104  -0.0139 5   ALA A CA   
80  C C    . ALA A 5  ? 0.0875 0.0876 0.0986 0.0088  0.0021  -0.0085 5   ALA A C    
81  O O    . ALA A 5  ? 0.0982 0.0864 0.0967 0.0027  -0.0034 -0.0086 5   ALA A O    
82  C CB   . ALA A 5  ? 0.1126 0.0979 0.1239 0.0062  0.0062  0.0135  5   ALA A CB   
83  H H    . ALA A 5  ? 0.1116 0.1116 0.1116 0.0000  0.0000  0.0000  5   ALA A H    
84  H HA   . ALA A 5  ? 0.1146 0.1146 0.1146 0.0000  0.0000  0.0000  5   ALA A HA   
85  H HB1  . ALA A 5  ? 0.1672 0.1672 0.1672 0.0000  0.0000  0.0000  5   ALA A HB1  
86  H HB2  . ALA A 5  ? 0.1672 0.1672 0.1672 0.0000  0.0000  0.0000  5   ALA A HB2  
87  H HB3  . ALA A 5  ? 0.1672 0.1672 0.1672 0.0000  0.0000  0.0000  5   ALA A HB3  
88  N N    . DVA A 6  ? 0.1064 0.0967 0.0938 -0.0075 0.0023  -0.0103 6   DVA A N    
89  C CA   . DVA A 6  ? 0.1025 0.0790 0.0980 -0.0042 -0.0005 -0.0159 6   DVA A CA   
90  C CB   . DVA A 6  ? 0.0893 0.0888 0.1079 -0.0109 0.0021  -0.0085 6   DVA A CB   
91  C CG1  . DVA A 6  ? 0.1006 0.1215 0.1014 0.0032  -0.0002 -0.0149 6   DVA A CG1  
92  C CG2  . DVA A 6  ? 0.0944 0.1056 0.1126 -0.0103 -0.0056 0.0005  6   DVA A CG2  
93  C C    . DVA A 6  ? 0.0927 0.0954 0.0904 -0.0055 0.0015  -0.0121 6   DVA A C    
94  O O    . DVA A 6  ? 0.1055 0.0933 0.1163 -0.0060 -0.0095 -0.0158 6   DVA A O    
95  H H    . DVA A 6  ? 0.1188 0.1188 0.1188 0.0000  0.0000  0.0000  6   DVA A H    
96  H HA   . DVA A 6  ? 0.1118 0.1118 0.1118 0.0000  0.0000  0.0000  6   DVA A HA   
97  H HB   . DVA A 6  ? 0.1144 0.1144 0.1144 0.0000  0.0000  0.0000  6   DVA A HB   
98  H HG11 . DVA A 6  ? 0.1617 0.1617 0.1617 0.0000  0.0000  0.0000  6   DVA A HG11 
99  H HG12 . DVA A 6  ? 0.1617 0.1617 0.1617 0.0000  0.0000  0.0000  6   DVA A HG12 
100 H HG13 . DVA A 6  ? 0.1617 0.1617 0.1617 0.0000  0.0000  0.0000  6   DVA A HG13 
101 H HG21 . DVA A 6  ? 0.1563 0.1563 0.1563 0.0000  0.0000  0.0000  6   DVA A HG21 
102 H HG22 . DVA A 6  ? 0.1563 0.1563 0.1563 0.0000  0.0000  0.0000  6   DVA A HG22 
103 H HG23 . DVA A 6  ? 0.1563 0.1563 0.1563 0.0000  0.0000  0.0000  6   DVA A HG23 
104 N N    . VAL A 7  ? 0.0954 0.0911 0.1056 -0.0108 -0.0006 -0.0070 7   VAL A N    
105 C CA   . VAL A 7  ? 0.1102 0.1025 0.0990 -0.0034 0.0082  -0.0046 7   VAL A CA   
106 C C    . VAL A 7  ? 0.0877 0.0915 0.1151 -0.0032 -0.0063 -0.0058 7   VAL A C    
107 O O    . VAL A 7  ? 0.0951 0.1046 0.1646 -0.0014 -0.0052 -0.0292 7   VAL A O    
108 C CB   A VAL A 7  ? 0.1439 0.1198 0.1185 -0.0112 0.0254  0.0049  7   VAL A CB   
109 C CB   B VAL A 7  ? 0.1438 0.1267 0.1108 -0.0055 0.0179  0.0106  7   VAL A CB   
110 C CG1  A VAL A 7  ? 0.2235 0.1346 0.1556 -0.0019 0.0391  0.0296  7   VAL A CG1  
111 C CG1  B VAL A 7  ? 0.1443 0.1879 0.1169 -0.0427 0.0110  0.0250  7   VAL A CG1  
112 C CG2  A VAL A 7  ? 0.1586 0.1490 0.1010 -0.0092 0.0334  -0.0013 7   VAL A CG2  
113 C CG2  B VAL A 7  ? 0.1673 0.1498 0.1255 -0.0474 -0.0066 0.0419  7   VAL A CG2  
114 H H    . VAL A 7  ? 0.1169 0.1169 0.1169 0.0000  0.0000  0.0000  7   VAL A H    
115 H HA   . VAL A 7  ? 0.1246 0.1246 0.1246 0.0000  0.0000  0.0000  7   VAL A HA   
116 H HB   A VAL A 7  ? 0.1529 0.1529 0.1529 0.0000  0.0000  0.0000  7   VAL A HB   
117 H HB   B VAL A 7  ? 0.1525 0.1525 0.1525 0.0000  0.0000  0.0000  7   VAL A HB   
118 H HG11 A VAL A 7  ? 0.2568 0.2568 0.2568 0.0000  0.0000  0.0000  7   VAL A HG11 
119 H HG11 B VAL A 7  ? 0.2246 0.2246 0.2246 0.0000  0.0000  0.0000  7   VAL A HG11 
120 H HG12 A VAL A 7  ? 0.2568 0.2568 0.2568 0.0000  0.0000  0.0000  7   VAL A HG12 
121 H HG12 B VAL A 7  ? 0.2246 0.2246 0.2246 0.0000  0.0000  0.0000  7   VAL A HG12 
122 H HG13 A VAL A 7  ? 0.2568 0.2568 0.2568 0.0000  0.0000  0.0000  7   VAL A HG13 
123 H HG13 B VAL A 7  ? 0.2246 0.2246 0.2246 0.0000  0.0000  0.0000  7   VAL A HG13 
124 H HG21 A VAL A 7  ? 0.2043 0.2043 0.2043 0.0000  0.0000  0.0000  7   VAL A HG21 
125 H HG21 B VAL A 7  ? 0.2213 0.2213 0.2213 0.0000  0.0000  0.0000  7   VAL A HG21 
126 H HG22 A VAL A 7  ? 0.2043 0.2043 0.2043 0.0000  0.0000  0.0000  7   VAL A HG22 
127 H HG22 B VAL A 7  ? 0.2213 0.2213 0.2213 0.0000  0.0000  0.0000  7   VAL A HG22 
128 H HG23 A VAL A 7  ? 0.2043 0.2043 0.2043 0.0000  0.0000  0.0000  7   VAL A HG23 
129 H HG23 B VAL A 7  ? 0.2213 0.2213 0.2213 0.0000  0.0000  0.0000  7   VAL A HG23 
130 N N    . DVA A 8  ? 0.0961 0.0777 0.0978 -0.0070 -0.0062 -0.0025 8   DVA A N    
131 C CA   . DVA A 8  ? 0.1032 0.0831 0.0972 -0.0071 -0.0106 -0.0093 8   DVA A CA   
132 C CB   . DVA A 8  ? 0.1056 0.0956 0.1137 0.0081  -0.0253 0.0049  8   DVA A CB   
133 C CG1  . DVA A 8  ? 0.2000 0.1455 0.1049 0.0220  -0.0412 -0.0168 8   DVA A CG1  
134 C CG2  . DVA A 8  ? 0.1294 0.1052 0.1155 0.0189  -0.0332 -0.0034 8   DVA A CG2  
135 C C    . DVA A 8  ? 0.0803 0.0716 0.0950 0.0096  -0.0073 0.0017  8   DVA A C    
136 O O    . DVA A 8  ? 0.0866 0.0795 0.1082 -0.0061 -0.0074 -0.0032 8   DVA A O    
137 H H    . DVA A 8  ? 0.1087 0.1087 0.1087 0.0000  0.0000  0.0000  8   DVA A H    
138 H HA   . DVA A 8  ? 0.1135 0.1135 0.1135 0.0000  0.0000  0.0000  8   DVA A HA   
139 H HB   . DVA A 8  ? 0.1259 0.1259 0.1259 0.0000  0.0000  0.0000  8   DVA A HB   
140 H HG11 . DVA A 8  ? 0.2253 0.2253 0.2253 0.0000  0.0000  0.0000  8   DVA A HG11 
141 H HG12 . DVA A 8  ? 0.2253 0.2253 0.2253 0.0000  0.0000  0.0000  8   DVA A HG12 
142 H HG13 . DVA A 8  ? 0.2253 0.2253 0.2253 0.0000  0.0000  0.0000  8   DVA A HG13 
143 H HG21 . DVA A 8  ? 0.1750 0.1750 0.1750 0.0000  0.0000  0.0000  8   DVA A HG21 
144 H HG22 . DVA A 8  ? 0.1750 0.1750 0.1750 0.0000  0.0000  0.0000  8   DVA A HG22 
145 H HG23 . DVA A 8  ? 0.1750 0.1750 0.1750 0.0000  0.0000  0.0000  8   DVA A HG23 
146 N N    . TRP A 9  ? 0.0729 0.0843 0.0902 -0.0060 -0.0030 0.0025  9   TRP A N    
147 C CA   . TRP A 9  ? 0.0745 0.0810 0.0897 -0.0049 0.0010  -0.0031 9   TRP A CA   
148 C C    . TRP A 9  ? 0.0698 0.0782 0.0848 -0.0060 0.0008  0.0081  9   TRP A C    
149 O O    . TRP A 9  ? 0.0829 0.0741 0.0970 -0.0052 -0.0109 0.0033  9   TRP A O    
150 C CB   . TRP A 9  ? 0.0767 0.0959 0.1050 -0.0031 -0.0104 -0.0105 9   TRP A CB   
151 C CG   . TRP A 9  ? 0.0747 0.0995 0.1067 0.0012  0.0062  -0.0082 9   TRP A CG   
152 C CD1  . TRP A 9  ? 0.0911 0.1041 0.1067 -0.0063 0.0144  -0.0068 9   TRP A CD1  
153 C CD2  . TRP A 9  ? 0.0755 0.0999 0.1099 0.0075  0.0020  -0.0023 9   TRP A CD2  
154 N NE1  . TRP A 9  ? 0.0942 0.1133 0.1087 0.0008  0.0123  -0.0134 9   TRP A NE1  
155 C CE2  . TRP A 9  ? 0.0807 0.0964 0.1142 0.0149  0.0019  0.0035  9   TRP A CE2  
156 C CE3  . TRP A 9  ? 0.0818 0.1070 0.1160 -0.0004 0.0009  0.0091  9   TRP A CE3  
157 C CZ2  . TRP A 9  ? 0.0976 0.1282 0.1157 0.0199  0.0033  0.0142  9   TRP A CZ2  
158 C CZ3  . TRP A 9  ? 0.1046 0.1072 0.1399 0.0003  0.0101  0.0157  9   TRP A CZ3  
159 C CH2  . TRP A 9  ? 0.1006 0.1198 0.1263 0.0184  0.0170  0.0266  9   TRP A CH2  
160 H H    . TRP A 9  ? 0.0989 0.0989 0.0989 0.0000  0.0000  0.0000  9   TRP A H    
161 H HA   . TRP A 9  ? 0.0980 0.0980 0.0980 0.0000  0.0000  0.0000  9   TRP A HA   
162 H HB2  . TRP A 9  ? 0.1111 0.1111 0.1111 0.0000  0.0000  0.0000  9   TRP A HB2  
163 H HB3  . TRP A 9  ? 0.1111 0.1111 0.1111 0.0000  0.0000  0.0000  9   TRP A HB3  
164 H HD1  . TRP A 9  ? 0.1208 0.1208 0.1208 0.0000  0.0000  0.0000  9   TRP A HD1  
165 H HE1  . TRP A 9  ? 0.1264 0.1264 0.1264 0.0000  0.0000  0.0000  9   TRP A HE1  
166 H HE3  . TRP A 9  ? 0.1220 0.1220 0.1220 0.0000  0.0000  0.0000  9   TRP A HE3  
167 H HZ2  . TRP A 9  ? 0.1365 0.1365 0.1365 0.0000  0.0000  0.0000  9   TRP A HZ2  
168 H HZ3  . TRP A 9  ? 0.1407 0.1407 0.1407 0.0000  0.0000  0.0000  9   TRP A HZ3  
169 H HH2  . TRP A 9  ? 0.1387 0.1387 0.1387 0.0000  0.0000  0.0000  9   TRP A HH2  
170 N N    . DLE A 10 ? 0.0724 0.0723 0.1007 -0.0015 -0.0014 -0.0014 10  DLE A N    
171 C CA   . DLE A 10 ? 0.0738 0.0902 0.0973 0.0009  -0.0103 -0.0030 10  DLE A CA   
172 C CB   . DLE A 10 ? 0.0935 0.1397 0.1075 0.0086  -0.0005 0.0192  10  DLE A CB   
173 C CG   . DLE A 10 ? 0.0988 0.1923 0.1337 -0.0012 0.0164  0.0124  10  DLE A CG   
174 C CD1  . DLE A 10 ? 0.2242 0.1979 0.1507 0.0282  0.0426  -0.0384 10  DLE A CD1  
175 C CD2  . DLE A 10 ? 0.1753 0.2770 0.1541 -0.0042 0.0516  0.0463  10  DLE A CD2  
176 C C    . DLE A 10 ? 0.0765 0.0864 0.0964 -0.0010 -0.0060 0.0004  10  DLE A C    
177 O O    . DLE A 10 ? 0.0938 0.1170 0.1246 -0.0111 0.0112  -0.0361 10  DLE A O    
178 H H    . DLE A 10 ? 0.0982 0.0982 0.0982 0.0000  0.0000  0.0000  10  DLE A H    
179 H HA   . DLE A 10 ? 0.1045 0.1045 0.1045 0.0000  0.0000  0.0000  10  DLE A HA   
180 H HB2  . DLE A 10 ? 0.1363 0.1363 0.1363 0.0000  0.0000  0.0000  10  DLE A HB2  
181 H HB3  . DLE A 10 ? 0.1363 0.1363 0.1363 0.0000  0.0000  0.0000  10  DLE A HB3  
182 H HG   . DLE A 10 ? 0.1700 0.1700 0.1700 0.0000  0.0000  0.0000  10  DLE A HG   
183 H HD11 . DLE A 10 ? 0.2865 0.2865 0.2865 0.0000  0.0000  0.0000  10  DLE A HD11 
184 H HD12 . DLE A 10 ? 0.2865 0.2865 0.2865 0.0000  0.0000  0.0000  10  DLE A HD12 
185 H HD13 . DLE A 10 ? 0.2865 0.2865 0.2865 0.0000  0.0000  0.0000  10  DLE A HD13 
186 H HD21 . DLE A 10 ? 0.3032 0.3032 0.3032 0.0000  0.0000  0.0000  10  DLE A HD21 
187 H HD22 . DLE A 10 ? 0.3032 0.3032 0.3032 0.0000  0.0000  0.0000  10  DLE A HD22 
188 H HD23 . DLE A 10 ? 0.3032 0.3032 0.3032 0.0000  0.0000  0.0000  10  DLE A HD23 
189 N N    . TRP A 11 ? 0.0772 0.0766 0.1275 0.0015  0.0074  -0.0009 11  TRP A N    
190 C CA   A TRP A 11 ? 0.0750 0.0935 0.1060 0.0007  0.0040  -0.0019 11  TRP A CA   
191 C CA   B TRP A 11 ? 0.0780 0.0892 0.1158 0.0028  0.0061  0.0066  11  TRP A CA   
192 C C    . TRP A 11 ? 0.0863 0.0979 0.0932 -0.0073 0.0150  -0.0119 11  TRP A C    
193 O O    . TRP A 11 ? 0.1146 0.1208 0.1043 -0.0322 0.0051  -0.0101 11  TRP A O    
194 C CB   A TRP A 11 ? 0.0877 0.1160 0.1175 0.0139  -0.0006 0.0050  11  TRP A CB   
195 C CB   B TRP A 11 ? 0.0942 0.1116 0.1125 0.0193  0.0042  0.0036  11  TRP A CB   
196 C CG   A TRP A 11 ? 0.0746 0.1275 0.1300 0.0084  -0.0125 0.0118  11  TRP A CG   
197 C CG   B TRP A 11 ? 0.0688 0.1118 0.1139 0.0198  -0.0077 -0.0038 11  TRP A CG   
198 C CD1  A TRP A 11 ? 0.1079 0.1178 0.1478 0.0104  -0.0016 0.0075  11  TRP A CD1  
199 C CD1  B TRP A 11 ? 0.0941 0.1127 0.1337 0.0397  0.0092  -0.0094 11  TRP A CD1  
200 C CD2  A TRP A 11 ? 0.0892 0.1267 0.1205 0.0009  -0.0192 0.0111  11  TRP A CD2  
201 C CD2  B TRP A 11 ? 0.0907 0.1229 0.1122 0.0025  -0.0075 0.0015  11  TRP A CD2  
202 N NE1  A TRP A 11 ? 0.1156 0.1282 0.1369 -0.0094 -0.0238 -0.0031 11  TRP A NE1  
203 N NE1  B TRP A 11 ? 0.0900 0.1238 0.1328 0.0328  0.0065  -0.0054 11  TRP A NE1  
204 C CE2  A TRP A 11 ? 0.0996 0.1282 0.1284 -0.0115 -0.0235 0.0049  11  TRP A CE2  
205 C CE2  B TRP A 11 ? 0.0822 0.1349 0.1151 0.0108  -0.0139 -0.0026 11  TRP A CE2  
206 C CE3  A TRP A 11 ? 0.0913 0.1456 0.1273 0.0091  -0.0214 -0.0040 11  TRP A CE3  
207 C CE3  B TRP A 11 ? 0.1006 0.1241 0.1179 -0.0092 -0.0272 -0.0028 11  TRP A CE3  
208 C CZ2  A TRP A 11 ? 0.1069 0.1420 0.1476 -0.0226 -0.0192 0.0107  11  TRP A CZ2  
209 C CZ2  B TRP A 11 ? 0.1124 0.1690 0.1108 -0.0012 -0.0093 0.0086  11  TRP A CZ2  
210 C CZ3  A TRP A 11 ? 0.0901 0.1673 0.1168 0.0043  -0.0298 0.0073  11  TRP A CZ3  
211 C CZ3  B TRP A 11 ? 0.1110 0.1388 0.1426 -0.0155 -0.0162 0.0117  11  TRP A CZ3  
212 C CH2  A TRP A 11 ? 0.1166 0.1813 0.1222 -0.0179 -0.0166 0.0113  11  TRP A CH2  
213 C CH2  B TRP A 11 ? 0.1109 0.1742 0.1256 -0.0187 -0.0072 0.0247  11  TRP A CH2  
214 H H    . TRP A 11 ? 0.1126 0.1126 0.1126 0.0000  0.0000  0.0000  11  TRP A H    
215 H HA   A TRP A 11 ? 0.1098 0.1098 0.1098 0.0000  0.0000  0.0000  11  TRP A HA   
216 H HA   B TRP A 11 ? 0.1132 0.1132 0.1132 0.0000  0.0000  0.0000  11  TRP A HA   
217 H HB2  A TRP A 11 ? 0.1284 0.1284 0.1284 0.0000  0.0000  0.0000  11  TRP A HB2  
218 H HB2  B TRP A 11 ? 0.1274 0.1274 0.1274 0.0000  0.0000  0.0000  11  TRP A HB2  
219 H HB3  A TRP A 11 ? 0.1284 0.1284 0.1284 0.0000  0.0000  0.0000  11  TRP A HB3  
220 H HB3  B TRP A 11 ? 0.1274 0.1274 0.1274 0.0000  0.0000  0.0000  11  TRP A HB3  
221 H HD1  A TRP A 11 ? 0.1493 0.1493 0.1493 0.0000  0.0000  0.0000  11  TRP A HD1  
222 H HD1  B TRP A 11 ? 0.1363 0.1363 0.1363 0.0000  0.0000  0.0000  11  TRP A HD1  
223 H HE1  A TRP A 11 ? 0.1522 0.1522 0.1522 0.0000  0.0000  0.0000  11  TRP A HE1  
224 H HE1  B TRP A 11 ? 0.1387 0.1387 0.1387 0.0000  0.0000  0.0000  11  TRP A HE1  
225 H HE3  A TRP A 11 ? 0.1456 0.1456 0.1456 0.0000  0.0000  0.0000  11  TRP A HE3  
226 H HE3  B TRP A 11 ? 0.1370 0.1370 0.1370 0.0000  0.0000  0.0000  11  TRP A HE3  
227 H HZ2  A TRP A 11 ? 0.1586 0.1586 0.1586 0.0000  0.0000  0.0000  11  TRP A HZ2  
228 H HZ2  B TRP A 11 ? 0.1569 0.1569 0.1569 0.0000  0.0000  0.0000  11  TRP A HZ2  
229 H HZ3  A TRP A 11 ? 0.1497 0.1497 0.1497 0.0000  0.0000  0.0000  11  TRP A HZ3  
230 H HZ3  B TRP A 11 ? 0.1570 0.1570 0.1570 0.0000  0.0000  0.0000  11  TRP A HZ3  
231 H HH2  A TRP A 11 ? 0.1681 0.1681 0.1681 0.0000  0.0000  0.0000  11  TRP A HH2  
232 H HH2  B TRP A 11 ? 0.1643 0.1643 0.1643 0.0000  0.0000  0.0000  11  TRP A HH2  
233 N N    . DLE A 12 ? 0.0936 0.0823 0.0906 -0.0029 -0.0015 -0.0049 12  DLE A N    
234 C CA   . DLE A 12 ? 0.0847 0.0904 0.0932 -0.0049 0.0003  -0.0024 12  DLE A CA   
235 C CB   . DLE A 12 ? 0.1037 0.1021 0.1030 -0.0005 0.0160  -0.0062 12  DLE A CB   
236 C CG   . DLE A 12 ? 0.1014 0.1238 0.1614 0.0092  0.0206  -0.0068 12  DLE A CG   
237 C CD1  . DLE A 12 ? 0.1224 0.1849 0.1825 -0.0412 0.0046  -0.0086 12  DLE A CD1  
238 C CD2  . DLE A 12 ? 0.1154 0.1867 0.1724 0.0407  0.0217  -0.0091 12  DLE A CD2  
239 C C    . DLE A 12 ? 0.0843 0.0848 0.0906 -0.0050 -0.0029 -0.0019 12  DLE A C    
240 O O    . DLE A 12 ? 0.0935 0.0911 0.1089 -0.0032 -0.0031 -0.0066 12  DLE A O    
241 H H    . DLE A 12 ? 0.1066 0.1066 0.1066 0.0000  0.0000  0.0000  12  DLE A H    
242 H HA   . DLE A 12 ? 0.1073 0.1073 0.1073 0.0000  0.0000  0.0000  12  DLE A HA   
243 H HB2  . DLE A 12 ? 0.1236 0.1236 0.1236 0.0000  0.0000  0.0000  12  DLE A HB2  
244 H HB3  . DLE A 12 ? 0.1236 0.1236 0.1236 0.0000  0.0000  0.0000  12  DLE A HB3  
245 H HG   . DLE A 12 ? 0.1546 0.1546 0.1546 0.0000  0.0000  0.0000  12  DLE A HG   
246 H HD11 . DLE A 12 ? 0.2449 0.2449 0.2449 0.0000  0.0000  0.0000  12  DLE A HD11 
247 H HD12 . DLE A 12 ? 0.2449 0.2449 0.2449 0.0000  0.0000  0.0000  12  DLE A HD12 
248 H HD13 . DLE A 12 ? 0.2449 0.2449 0.2449 0.0000  0.0000  0.0000  12  DLE A HD13 
249 H HD21 . DLE A 12 ? 0.2372 0.2372 0.2372 0.0000  0.0000  0.0000  12  DLE A HD21 
250 H HD22 . DLE A 12 ? 0.2372 0.2372 0.2372 0.0000  0.0000  0.0000  12  DLE A HD22 
251 H HD23 . DLE A 12 ? 0.2372 0.2372 0.2372 0.0000  0.0000  0.0000  12  DLE A HD23 
252 N N    . TRP A 13 ? 0.0861 0.0885 0.1081 -0.0083 -0.0087 0.0059  13  TRP A N    
253 C CA   . TRP A 13 ? 0.0933 0.0914 0.0900 0.0006  -0.0013 -0.0009 13  TRP A CA   
254 C C    . TRP A 13 ? 0.0889 0.0915 0.0852 -0.0090 -0.0065 0.0071  13  TRP A C    
255 O O    . TRP A 13 ? 0.1048 0.1005 0.1092 -0.0202 0.0020  0.0055  13  TRP A O    
256 C CB   . TRP A 13 ? 0.0976 0.0984 0.0929 -0.0072 -0.0015 0.0006  13  TRP A CB   
257 C CG   . TRP A 13 ? 0.0943 0.1122 0.0950 -0.0089 -0.0002 0.0101  13  TRP A CG   
258 C CD1  . TRP A 13 ? 0.1229 0.1292 0.1024 0.0185  -0.0128 -0.0011 13  TRP A CD1  
259 C CD2  . TRP A 13 ? 0.0923 0.1156 0.0954 -0.0082 -0.0021 0.0089  13  TRP A CD2  
260 N NE1  . TRP A 13 ? 0.1198 0.1713 0.1069 0.0318  -0.0020 -0.0025 13  TRP A NE1  
261 C CE2  . TRP A 13 ? 0.1028 0.1239 0.0993 -0.0007 -0.0050 0.0128  13  TRP A CE2  
262 C CE3  . TRP A 13 ? 0.1171 0.1061 0.1319 0.0100  -0.0223 -0.0020 13  TRP A CE3  
263 C CZ2  . TRP A 13 ? 0.1095 0.1735 0.0930 0.0006  -0.0042 0.0021  13  TRP A CZ2  
264 C CZ3  . TRP A 13 ? 0.1300 0.1515 0.1468 0.0099  -0.0132 -0.0315 13  TRP A CZ3  
265 C CH2  . TRP A 13 ? 0.1204 0.1466 0.1059 -0.0128 -0.0110 -0.0004 13  TRP A CH2  
266 H H    . TRP A 13 ? 0.1131 0.1131 0.1131 0.0000  0.0000  0.0000  13  TRP A H    
267 H HA   . TRP A 13 ? 0.1098 0.1098 0.1098 0.0000  0.0000  0.0000  13  TRP A HA   
268 H HB2  . TRP A 13 ? 0.1155 0.1155 0.1155 0.0000  0.0000  0.0000  13  TRP A HB2  
269 H HB3  . TRP A 13 ? 0.1155 0.1155 0.1155 0.0000  0.0000  0.0000  13  TRP A HB3  
270 H HD1  . TRP A 13 ? 0.1417 0.1417 0.1417 0.0000  0.0000  0.0000  13  TRP A HD1  
271 H HE1  . TRP A 13 ? 0.1592 0.1592 0.1592 0.0000  0.0000  0.0000  13  TRP A HE1  
272 H HE3  . TRP A 13 ? 0.1421 0.1421 0.1421 0.0000  0.0000  0.0000  13  TRP A HE3  
273 H HZ2  . TRP A 13 ? 0.1505 0.1505 0.1505 0.0000  0.0000  0.0000  13  TRP A HZ2  
274 H HZ3  . TRP A 13 ? 0.1714 0.1714 0.1714 0.0000  0.0000  0.0000  13  TRP A HZ3  
275 H HH2  . TRP A 13 ? 0.1491 0.1491 0.1491 0.0000  0.0000  0.0000  13  TRP A HH2  
276 N N    . DLE A 14 ? 0.1014 0.0799 0.0924 -0.0128 0.0045  -0.0052 14  DLE A N    
277 C CA   . DLE A 14 ? 0.0929 0.0879 0.0922 -0.0095 -0.0009 -0.0103 14  DLE A CA   
278 C CB   . DLE A 14 ? 0.1092 0.1019 0.1132 0.0130  0.0006  -0.0188 14  DLE A CB   
279 C CG   . DLE A 14 ? 0.1599 0.1231 0.1080 0.0324  -0.0360 -0.0210 14  DLE A CG   
280 C CD1  . DLE A 14 ? 0.1419 0.1826 0.1551 0.0054  -0.0375 0.0650  14  DLE A CD1  
281 C CD2  . DLE A 14 ? 0.1669 0.2205 0.2175 0.0023  -0.0742 0.0300  14  DLE A CD2  
282 C C    . DLE A 14 ? 0.0917 0.0778 0.0948 -0.0070 0.0050  -0.0086 14  DLE A C    
283 O O    . DLE A 14 ? 0.1183 0.0930 0.1126 -0.0351 0.0101  -0.0014 14  DLE A O    
284 H H    . DLE A 14 ? 0.1094 0.1094 0.1094 0.0000  0.0000  0.0000  14  DLE A H    
285 H HA   . DLE A 14 ? 0.1092 0.1092 0.1092 0.0000  0.0000  0.0000  14  DLE A HA   
286 H HB2  . DLE A 14 ? 0.1297 0.1297 0.1297 0.0000  0.0000  0.0000  14  DLE A HB2  
287 H HB3  . DLE A 14 ? 0.1297 0.1297 0.1297 0.0000  0.0000  0.0000  14  DLE A HB3  
288 H HG   . DLE A 14 ? 0.1564 0.1564 0.1564 0.0000  0.0000  0.0000  14  DLE A HG   
289 H HD11 . DLE A 14 ? 0.2398 0.2398 0.2398 0.0000  0.0000  0.0000  14  DLE A HD11 
290 H HD12 . DLE A 14 ? 0.2398 0.2398 0.2398 0.0000  0.0000  0.0000  14  DLE A HD12 
291 H HD13 . DLE A 14 ? 0.2398 0.2398 0.2398 0.0000  0.0000  0.0000  14  DLE A HD13 
292 H HD21 . DLE A 14 ? 0.3024 0.3024 0.3024 0.0000  0.0000  0.0000  14  DLE A HD21 
293 H HD22 . DLE A 14 ? 0.3024 0.3024 0.3024 0.0000  0.0000  0.0000  14  DLE A HD22 
294 H HD23 . DLE A 14 ? 0.3024 0.3024 0.3024 0.0000  0.0000  0.0000  14  DLE A HD23 
295 N N    . TRP A 15 ? 0.1025 0.0900 0.0957 -0.0174 -0.0018 -0.0062 15  TRP A N    
296 C CA   . TRP A 15 ? 0.1082 0.0857 0.0967 -0.0021 -0.0031 -0.0092 15  TRP A CA   
297 C C    . TRP A 15 ? 0.1031 0.0996 0.1043 -0.0007 -0.0119 -0.0045 15  TRP A C    
298 O O    . TRP A 15 ? 0.1460 0.0861 0.1093 -0.0056 -0.0244 -0.0148 15  TRP A O    
299 C CB   . TRP A 15 ? 0.1136 0.0920 0.1180 0.0111  -0.0005 -0.0015 15  TRP A CB   
300 C CG   . TRP A 15 ? 0.1059 0.1107 0.1093 0.0229  0.0005  0.0050  15  TRP A CG   
301 C CD1  . TRP A 15 ? 0.1230 0.1169 0.1115 0.0351  0.0030  -0.0027 15  TRP A CD1  
302 C CD2  . TRP A 15 ? 0.1012 0.1201 0.1030 0.0174  0.0163  -0.0004 15  TRP A CD2  
303 N NE1  . TRP A 15 ? 0.1390 0.1297 0.1137 0.0227  0.0055  -0.0088 15  TRP A NE1  
304 C CE2  . TRP A 15 ? 0.1180 0.1274 0.1045 0.0245  0.0187  -0.0014 15  TRP A CE2  
305 C CE3  . TRP A 15 ? 0.1170 0.1312 0.1293 -0.0030 0.0326  -0.0120 15  TRP A CE3  
306 C CZ2  . TRP A 15 ? 0.1319 0.1431 0.1201 0.0271  0.0255  0.0092  15  TRP A CZ2  
307 C CZ3  . TRP A 15 ? 0.1238 0.1410 0.1379 -0.0030 0.0282  -0.0064 15  TRP A CZ3  
308 C CH2  . TRP A 15 ? 0.1553 0.1337 0.1417 0.0232  0.0364  0.0155  15  TRP A CH2  
309 H H    . TRP A 15 ? 0.1153 0.1153 0.1153 0.0000  0.0000  0.0000  15  TRP A H    
310 H HA   . TRP A 15 ? 0.1163 0.1163 0.1163 0.0000  0.0000  0.0000  15  TRP A HA   
311 H HB2  . TRP A 15 ? 0.1294 0.1294 0.1294 0.0000  0.0000  0.0000  15  TRP A HB2  
312 H HB3  . TRP A 15 ? 0.1294 0.1294 0.1294 0.0000  0.0000  0.0000  15  TRP A HB3  
313 H HD1  . TRP A 15 ? 0.1406 0.1406 0.1406 0.0000  0.0000  0.0000  15  TRP A HD1  
314 H HE1  . TRP A 15 ? 0.1530 0.1530 0.1530 0.0000  0.0000  0.0000  15  TRP A HE1  
315 H HE3  . TRP A 15 ? 0.1510 0.1510 0.1510 0.0000  0.0000  0.0000  15  TRP A HE3  
316 H HZ2  . TRP A 15 ? 0.1581 0.1581 0.1581 0.0000  0.0000  0.0000  15  TRP A HZ2  
317 H HZ3  . TRP A 15 ? 0.1611 0.1611 0.1611 0.0000  0.0000  0.0000  15  TRP A HZ3  
318 H HH2  . TRP A 15 ? 0.1722 0.1722 0.1722 0.0000  0.0000  0.0000  15  TRP A HH2  
319 C CA   A ETA A 16 ? 0.1014 0.0915 0.1342 -0.0108 -0.0103 0.0174  16  ETA A CA   
320 C CA   B ETA A 16 ? 0.1092 0.1112 0.1453 -0.0015 -0.0313 0.0131  16  ETA A CA   
321 C CA   C ETA A 16 ? 0.1069 0.1080 0.1442 -0.0029 -0.0109 0.0071  16  ETA A CA   
322 N N    A ETA A 16 ? 0.1036 0.0968 0.1218 0.0011  -0.0110 0.0086  16  ETA A N    
323 N N    B ETA A 16 ? 0.1129 0.0973 0.1277 0.0048  -0.0188 -0.0088 16  ETA A N    
324 N N    C ETA A 16 ? 0.1093 0.0967 0.1376 0.0022  -0.0123 0.0018  16  ETA A N    
325 C C    A ETA A 16 ? 0.1171 0.1027 0.1536 0.0193  -0.0286 0.0202  16  ETA A C    
326 C C    B ETA A 16 ? 0.1330 0.1239 0.1457 -0.0194 -0.0214 0.0059  16  ETA A C    
327 C C    C ETA A 16 ? 0.1155 0.1144 0.1539 0.0089  -0.0178 0.0056  16  ETA A C    
328 O O    A ETA A 16 ? 0.0827 0.0837 0.1170 -0.0008 -0.0068 0.0018  16  ETA A O    
329 O O    B ETA A 16 ? 0.1126 0.2134 0.2305 0.0200  0.0194  -0.0370 16  ETA A O    
330 O O    C ETA A 16 ? 0.0712 0.1841 0.2682 0.0400  -0.0161 0.0113  16  ETA A O    
331 H HA1  A ETA A 16 ? 0.1308 0.1308 0.1308 0.0000  0.0000  0.0000  16  ETA A HA1  
332 H HA1  B ETA A 16 ? 0.1463 0.1463 0.1463 0.0000  0.0000  0.0000  16  ETA A HA1  
333 H HA1  C ETA A 16 ? 0.1436 0.1436 0.1436 0.0000  0.0000  0.0000  16  ETA A HA1  
334 H HA2  A ETA A 16 ? 0.1308 0.1308 0.1308 0.0000  0.0000  0.0000  16  ETA A HA2  
335 H HA2  B ETA A 16 ? 0.1463 0.1463 0.1463 0.0000  0.0000  0.0000  16  ETA A HA2  
336 H HA2  C ETA A 16 ? 0.1436 0.1436 0.1436 0.0000  0.0000  0.0000  16  ETA A HA2  
337 H H    A ETA A 16 ? 0.1289 0.1289 0.1289 0.0000  0.0000  0.0000  16  ETA A H    
338 H H    B ETA A 16 ? 0.1351 0.1351 0.1351 0.0000  0.0000  0.0000  16  ETA A H    
339 H H    C ETA A 16 ? 0.1374 0.1374 0.1374 0.0000  0.0000  0.0000  16  ETA A H    
340 H HB1  A ETA A 16 ? 0.1493 0.1493 0.1493 0.0000  0.0000  0.0000  16  ETA A HB1  
341 H HB1  B ETA A 16 ? 0.1610 0.1610 0.1610 0.0000  0.0000  0.0000  16  ETA A HB1  
342 H HB1  C ETA A 16 ? 0.1535 0.1535 0.1535 0.0000  0.0000  0.0000  16  ETA A HB1  
343 H HB2  A ETA A 16 ? 0.1493 0.1493 0.1493 0.0000  0.0000  0.0000  16  ETA A HB2  
344 H HB2  B ETA A 16 ? 0.1610 0.1610 0.1610 0.0000  0.0000  0.0000  16  ETA A HB2  
345 H HB2  C ETA A 16 ? 0.1535 0.1535 0.1535 0.0000  0.0000  0.0000  16  ETA A HB2  
346 H HO   A ETA A 16 ? 0.1417 0.1417 0.1417 0.0000  0.0000  0.0000  16  ETA A HO   
347 H HO   B ETA A 16 ? 0.2783 0.2783 0.2783 0.0000  0.0000  0.0000  16  ETA A HO   
348 H HO   C ETA A 16 ? 0.2617 0.2617 0.2617 0.0000  0.0000  0.0000  16  ETA A HO   
349 C C    A FVA B 1  ? 0.1043 0.0816 0.1302 -0.0082 0.0185  -0.0107 1   FVA B C    
350 N N    A FVA B 1  ? 0.1507 0.0925 0.1340 -0.0088 0.0246  -0.0153 1   FVA B N    
351 O O    A FVA B 1  ? 0.1521 0.0874 0.1248 -0.0288 0.0343  -0.0138 1   FVA B O    
352 C CA   A FVA B 1  ? 0.1073 0.0859 0.1332 -0.0096 0.0216  -0.0166 1   FVA B CA   
353 C CB   A FVA B 1  ? 0.1096 0.0860 0.1815 -0.0006 0.0135  -0.0168 1   FVA B CB   
354 C CG1  A FVA B 1  ? 0.1078 0.1142 0.1527 -0.0092 0.0262  -0.0500 1   FVA B CG1  
355 C CG2  A FVA B 1  ? 0.1047 0.1214 0.1916 0.0088  0.0059  0.0042  1   FVA B CG2  
356 H H    A FVA B 1  ? 0.1508 0.1508 0.1508 0.0000  0.0000  0.0000  1   FVA B H    
357 H HA   A FVA B 1  ? 0.1306 0.1306 0.1306 0.0000  0.0000  0.0000  1   FVA B HA   
358 H HB   A FVA B 1  ? 0.1508 0.1508 0.1508 0.0000  0.0000  0.0000  1   FVA B HB   
359 H HG11 A FVA B 1  ? 0.1873 0.1873 0.1873 0.0000  0.0000  0.0000  1   FVA B HG11 
360 H HG12 A FVA B 1  ? 0.1873 0.1873 0.1873 0.0000  0.0000  0.0000  1   FVA B HG12 
361 H HG13 A FVA B 1  ? 0.1873 0.1873 0.1873 0.0000  0.0000  0.0000  1   FVA B HG13 
362 O O1   A FVA B 1  ? 0.1812 0.1083 0.1622 -0.0058 0.0345  -0.0241 1   FVA B O1   
363 H HG21 A FVA B 1  ? 0.2088 0.2088 0.2088 0.0000  0.0000  0.0000  1   FVA B HG21 
364 C CN   A FVA B 1  ? 0.1634 0.0999 0.1334 -0.0034 0.0252  -0.0161 1   FVA B CN   
365 H HG22 A FVA B 1  ? 0.2088 0.2088 0.2088 0.0000  0.0000  0.0000  1   FVA B HG22 
366 H HG23 A FVA B 1  ? 0.2088 0.2088 0.2088 0.0000  0.0000  0.0000  1   FVA B HG23 
367 H HN   A FVA B 1  ? 0.1587 0.1587 0.1587 0.0000  0.0000  0.0000  1   FVA B HN   
368 C C    B QIL B 1  ? 0.1043 0.0816 0.1302 -0.0082 0.0185  -0.0107 1   QIL B C    
369 N N    B QIL B 1  ? 0.1507 0.0925 0.1340 -0.0088 0.0246  -0.0153 1   QIL B N    
370 O O    B QIL B 1  ? 0.1521 0.0874 0.1248 -0.0288 0.0343  -0.0138 1   QIL B O    
371 C CA   B QIL B 1  ? 0.1073 0.0859 0.1332 -0.0096 0.0216  -0.0166 1   QIL B CA   
372 C CB   B QIL B 1  ? 0.1061 0.0993 0.1662 0.0018  0.0183  -0.0295 1   QIL B CB   
373 C CD1  B QIL B 1  ? 0.0930 0.1708 0.1836 0.0234  -0.0056 -0.0266 1   QIL B CD1  
374 C CG1  B QIL B 1  ? 0.0939 0.1228 0.1708 0.0104  0.0058  -0.0141 1   QIL B CG1  
375 C CG2  B QIL B 1  ? 0.1185 0.1473 0.1711 -0.0280 0.0071  -0.0237 1   QIL B CG2  
376 C CN   B QIL B 1  ? 0.1634 0.0999 0.1334 -0.0034 0.0252  -0.0161 1   QIL B CN   
377 O O1   B QIL B 1  ? 0.1812 0.1083 0.1622 -0.0058 0.0345  -0.0241 1   QIL B O1   
378 H H    B QIL B 1  ? 0.1508 0.1508 0.1508 0.0000  0.0000  0.0000  1   QIL B H    
379 H HA   B QIL B 1  ? 0.1306 0.1306 0.1306 0.0000  0.0000  0.0000  1   QIL B HA   
380 H HB   B QIL B 1  ? 0.1487 0.1487 0.1487 0.0000  0.0000  0.0000  1   QIL B HB   
381 H HD11 B QIL B 1  ? 0.2237 0.2237 0.2237 0.0000  0.0000  0.0000  1   QIL B HD11 
382 H HD12 B QIL B 1  ? 0.2237 0.2237 0.2237 0.0000  0.0000  0.0000  1   QIL B HD12 
383 H HD13 B QIL B 1  ? 0.2237 0.2237 0.2237 0.0000  0.0000  0.0000  1   QIL B HD13 
384 H HG12 B QIL B 1  ? 0.1550 0.1550 0.1550 0.0000  0.0000  0.0000  1   QIL B HG12 
385 H HG13 B QIL B 1  ? 0.1550 0.1550 0.1550 0.0000  0.0000  0.0000  1   QIL B HG13 
386 H HG21 B QIL B 1  ? 0.2185 0.2185 0.2185 0.0000  0.0000  0.0000  1   QIL B HG21 
387 H HG22 B QIL B 1  ? 0.2185 0.2185 0.2185 0.0000  0.0000  0.0000  1   QIL B HG22 
388 H HG23 B QIL B 1  ? 0.2185 0.2185 0.2185 0.0000  0.0000  0.0000  1   QIL B HG23 
389 H HN   B QIL B 1  ? 0.1587 0.1587 0.1587 0.0000  0.0000  0.0000  1   QIL B HN   
390 N N    . GLY B 2  ? 0.1007 0.0791 0.1147 -0.0122 0.0074  -0.0050 2   GLY B N    
391 C CA   . GLY B 2  ? 0.1132 0.0821 0.1110 -0.0063 -0.0027 -0.0101 2   GLY B CA   
392 C C    . GLY B 2  ? 0.0768 0.0862 0.1073 -0.0158 0.0057  -0.0108 2   GLY B C    
393 O O    . GLY B 2  ? 0.1049 0.0899 0.1221 -0.0127 -0.0181 -0.0098 2   GLY B O    
394 H H    . GLY B 2  ? 0.1179 0.1179 0.1179 0.0000  0.0000  0.0000  2   GLY B H    
395 H HA2  . GLY B 2  ? 0.1226 0.1226 0.1226 0.0000  0.0000  0.0000  2   GLY B HA2  
396 H HA3  . GLY B 2  ? 0.1226 0.1226 0.1226 0.0000  0.0000  0.0000  2   GLY B HA3  
397 N N    . ALA B 3  ? 0.0832 0.0828 0.1079 -0.0109 -0.0083 -0.0078 3   ALA B N    
398 C CA   . ALA B 3  ? 0.0990 0.0971 0.0947 -0.0046 -0.0038 0.0032  3   ALA B CA   
399 C C    . ALA B 3  ? 0.0894 0.0961 0.0934 -0.0142 -0.0092 0.0052  3   ALA B C    
400 O O    . ALA B 3  ? 0.1325 0.1045 0.1295 -0.0255 -0.0398 0.0046  3   ALA B O    
401 C CB   . ALA B 3  ? 0.1098 0.1072 0.1400 0.0039  0.0390  0.0226  3   ALA B CB   
402 H H    . ALA B 3  ? 0.1094 0.1094 0.1094 0.0000  0.0000  0.0000  3   ALA B H    
403 H HA   . ALA B 3  ? 0.1163 0.1163 0.1163 0.0000  0.0000  0.0000  3   ALA B HA   
404 H HB1  . ALA B 3  ? 0.1785 0.1785 0.1785 0.0000  0.0000  0.0000  3   ALA B HB1  
405 H HB2  . ALA B 3  ? 0.1785 0.1785 0.1785 0.0000  0.0000  0.0000  3   ALA B HB2  
406 H HB3  . ALA B 3  ? 0.1785 0.1785 0.1785 0.0000  0.0000  0.0000  3   ALA B HB3  
407 N N    . DLE B 4  ? 0.0869 0.1126 0.1010 -0.0296 -0.0201 0.0148  4   DLE B N    
408 C CA   . DLE B 4  ? 0.0894 0.0982 0.0951 -0.0152 -0.0066 0.0095  4   DLE B CA   
409 C CB   . DLE B 4  ? 0.0860 0.1055 0.1045 -0.0094 -0.0019 0.0118  4   DLE B CB   
410 C CG   . DLE B 4  ? 0.0973 0.1302 0.1318 0.0017  0.0053  0.0119  4   DLE B CG   
411 C CD1  . DLE B 4  ? 0.1298 0.1635 0.1699 0.0110  0.0209  -0.0403 4   DLE B CD1  
412 C CD2  . DLE B 4  ? 0.0839 0.1442 0.1840 -0.0072 -0.0068 0.0105  4   DLE B CD2  
413 C C    . DLE B 4  ? 0.0932 0.0808 0.1128 -0.0008 -0.0037 0.0039  4   DLE B C    
414 O O    . DLE B 4  ? 0.0993 0.0969 0.1462 -0.0091 -0.0128 -0.0210 4   DLE B O    
415 H H    . DLE B 4  ? 0.1202 0.1202 0.1202 0.0000  0.0000  0.0000  4   DLE B H    
416 H HA   . DLE B 4  ? 0.1131 0.1131 0.1131 0.0000  0.0000  0.0000  4   DLE B HA   
417 H HB2  . DLE B 4  ? 0.1184 0.1184 0.1184 0.0000  0.0000  0.0000  4   DLE B HB2  
418 H HB3  . DLE B 4  ? 0.1184 0.1184 0.1184 0.0000  0.0000  0.0000  4   DLE B HB3  
419 H HG   . DLE B 4  ? 0.1437 0.1437 0.1437 0.0000  0.0000  0.0000  4   DLE B HG   
420 H HD11 . DLE B 4  ? 0.2316 0.2316 0.2316 0.0000  0.0000  0.0000  4   DLE B HD11 
421 H HD12 . DLE B 4  ? 0.2316 0.2316 0.2316 0.0000  0.0000  0.0000  4   DLE B HD12 
422 H HD13 . DLE B 4  ? 0.2316 0.2316 0.2316 0.0000  0.0000  0.0000  4   DLE B HD13 
423 H HD21 . DLE B 4  ? 0.2059 0.2059 0.2059 0.0000  0.0000  0.0000  4   DLE B HD21 
424 H HD22 . DLE B 4  ? 0.2059 0.2059 0.2059 0.0000  0.0000  0.0000  4   DLE B HD22 
425 H HD23 . DLE B 4  ? 0.2059 0.2059 0.2059 0.0000  0.0000  0.0000  4   DLE B HD23 
426 N N    . ALA B 5  ? 0.0848 0.0759 0.1156 -0.0015 0.0052  -0.0016 5   ALA B N    
427 C CA   . ALA B 5  ? 0.0974 0.0906 0.1418 -0.0101 0.0134  -0.0298 5   ALA B CA   
428 C C    . ALA B 5  ? 0.0763 0.0914 0.1869 0.0030  0.0147  -0.0362 5   ALA B C    
429 O O    . ALA B 5  ? 0.1059 0.0925 0.3467 0.0050  -0.0278 -0.0692 5   ALA B O    
430 C CB   . ALA B 5  ? 0.1520 0.1432 0.1463 0.0000  0.0534  -0.0055 5   ALA B CB   
431 H H    . ALA B 5  ? 0.1106 0.1106 0.1106 0.0000  0.0000  0.0000  5   ALA B H    
432 H HA   . ALA B 5  ? 0.1320 0.1320 0.1320 0.0000  0.0000  0.0000  5   ALA B HA   
433 H HB1  . ALA B 5  ? 0.2208 0.2208 0.2208 0.0000  0.0000  0.0000  5   ALA B HB1  
434 H HB2  . ALA B 5  ? 0.2208 0.2208 0.2208 0.0000  0.0000  0.0000  5   ALA B HB2  
435 H HB3  . ALA B 5  ? 0.2208 0.2208 0.2208 0.0000  0.0000  0.0000  5   ALA B HB3  
436 N N    . DVA B 6  ? 0.1117 0.0939 0.0952 -0.0171 0.0126  -0.0176 6   DVA B N    
437 C CA   . DVA B 6  ? 0.1111 0.1107 0.0917 -0.0199 0.0112  -0.0104 6   DVA B CA   
438 C CB   . DVA B 6  ? 0.1002 0.1220 0.1089 -0.0182 0.0167  -0.0327 6   DVA B CB   
439 C CG1  . DVA B 6  ? 0.1035 0.1236 0.1672 -0.0154 0.0233  -0.0234 6   DVA B CG1  
440 C CG2  . DVA B 6  ? 0.1600 0.1487 0.1180 -0.0350 0.0448  -0.0314 6   DVA B CG2  
441 C C    . DVA B 6  ? 0.0904 0.1003 0.0908 -0.0121 0.0152  -0.0054 6   DVA B C    
442 O O    . DVA B 6  ? 0.1213 0.0989 0.1072 -0.0291 0.0266  -0.0177 6   DVA B O    
443 H H    . DVA B 6  ? 0.1203 0.1203 0.1203 0.0000  0.0000  0.0000  6   DVA B H    
444 H HA   . DVA B 6  ? 0.1254 0.1254 0.1254 0.0000  0.0000  0.0000  6   DVA B HA   
445 H HB   . DVA B 6  ? 0.1325 0.1325 0.1325 0.0000  0.0000  0.0000  6   DVA B HB   
446 H HG11 . DVA B 6  ? 0.1972 0.1972 0.1972 0.0000  0.0000  0.0000  6   DVA B HG11 
447 H HG12 . DVA B 6  ? 0.1972 0.1972 0.1972 0.0000  0.0000  0.0000  6   DVA B HG12 
448 H HG13 . DVA B 6  ? 0.1972 0.1972 0.1972 0.0000  0.0000  0.0000  6   DVA B HG13 
449 H HG21 . DVA B 6  ? 0.2134 0.2134 0.2134 0.0000  0.0000  0.0000  6   DVA B HG21 
450 H HG22 . DVA B 6  ? 0.2134 0.2134 0.2134 0.0000  0.0000  0.0000  6   DVA B HG22 
451 H HG23 . DVA B 6  ? 0.2134 0.2134 0.2134 0.0000  0.0000  0.0000  6   DVA B HG23 
452 N N    . VAL B 7  ? 0.0889 0.0902 0.0861 -0.0102 0.0121  -0.0026 7   VAL B N    
453 C CA   . VAL B 7  ? 0.0932 0.0834 0.0906 -0.0040 0.0054  -0.0012 7   VAL B CA   
454 C C    . VAL B 7  ? 0.1007 0.0815 0.0887 -0.0063 0.0002  -0.0017 7   VAL B C    
455 O O    . VAL B 7  ? 0.1022 0.1005 0.1129 -0.0259 0.0169  -0.0127 7   VAL B O    
456 C CB   . VAL B 7  ? 0.0961 0.1095 0.1112 0.0073  0.0011  -0.0007 7   VAL B CB   
457 C CG1  . VAL B 7  ? 0.1138 0.1302 0.1072 0.0201  -0.0091 0.0033  7   VAL B CG1  
458 C CG2  . VAL B 7  ? 0.1514 0.1165 0.1303 0.0348  -0.0105 -0.0090 7   VAL B CG2  
459 H H    . VAL B 7  ? 0.1060 0.1060 0.1060 0.0000  0.0000  0.0000  7   VAL B H    
460 H HA   . VAL B 7  ? 0.1069 0.1069 0.1069 0.0000  0.0000  0.0000  7   VAL B HA   
461 H HB   . VAL B 7  ? 0.1268 0.1268 0.1268 0.0000  0.0000  0.0000  7   VAL B HB   
462 H HG11 . VAL B 7  ? 0.1757 0.1757 0.1757 0.0000  0.0000  0.0000  7   VAL B HG11 
463 H HG12 . VAL B 7  ? 0.1757 0.1757 0.1757 0.0000  0.0000  0.0000  7   VAL B HG12 
464 H HG13 . VAL B 7  ? 0.1757 0.1757 0.1757 0.0000  0.0000  0.0000  7   VAL B HG13 
465 H HG21 . VAL B 7  ? 0.1991 0.1991 0.1991 0.0000  0.0000  0.0000  7   VAL B HG21 
466 H HG22 . VAL B 7  ? 0.1991 0.1991 0.1991 0.0000  0.0000  0.0000  7   VAL B HG22 
467 H HG23 . VAL B 7  ? 0.1991 0.1991 0.1991 0.0000  0.0000  0.0000  7   VAL B HG23 
468 N N    . DVA B 8  ? 0.0869 0.0716 0.1053 -0.0123 -0.0073 -0.0042 8   DVA B N    
469 C CA   . DVA B 8  ? 0.0988 0.0841 0.1136 0.0012  -0.0113 -0.0110 8   DVA B CA   
470 C CB   A DVA B 8  ? 0.1394 0.1052 0.1048 0.0391  -0.0173 -0.0183 8   DVA B CB   
471 C CB   B DVA B 8  ? 0.1351 0.1120 0.1008 0.0346  -0.0165 -0.0091 8   DVA B CB   
472 C CG1  A DVA B 8  ? 0.1433 0.1444 0.1280 0.0433  0.0266  -0.0221 8   DVA B CG1  
473 C CG1  B DVA B 8  ? 0.1842 0.0900 0.1336 0.0268  0.0400  0.0116  8   DVA B CG1  
474 C CG2  A DVA B 8  ? 0.1612 0.1049 0.1063 0.0206  -0.0344 -0.0007 8   DVA B CG2  
475 C CG2  B DVA B 8  ? 0.1331 0.1262 0.0517 0.0306  0.0231  -0.0048 8   DVA B CG2  
476 C C    . DVA B 8  ? 0.0895 0.0800 0.1003 -0.0009 -0.0068 -0.0100 8   DVA B C    
477 O O    . DVA B 8  ? 0.1067 0.0897 0.1253 -0.0059 -0.0213 0.0005  8   DVA B O    
478 H H    . DVA B 8  ? 0.1056 0.1056 0.1056 0.0000  0.0000  0.0000  8   DVA B H    
479 H HA   . DVA B 8  ? 0.1185 0.1185 0.1185 0.0000  0.0000  0.0000  8   DVA B HA   
480 H HB   A DVA B 8  ? 0.1397 0.1397 0.1397 0.0000  0.0000  0.0000  8   DVA B HB   
481 H HB   B DVA B 8  ? 0.1392 0.1392 0.1392 0.0000  0.0000  0.0000  8   DVA B HB   
482 H HG11 A DVA B 8  ? 0.2080 0.2080 0.2080 0.0000  0.0000  0.0000  8   DVA B HG11 
483 H HG11 B DVA B 8  ? 0.2039 0.2039 0.2039 0.0000  0.0000  0.0000  8   DVA B HG11 
484 H HG12 A DVA B 8  ? 0.2080 0.2080 0.2080 0.0000  0.0000  0.0000  8   DVA B HG12 
485 H HG12 B DVA B 8  ? 0.2039 0.2039 0.2039 0.0000  0.0000  0.0000  8   DVA B HG12 
486 H HG13 A DVA B 8  ? 0.2080 0.2080 0.2080 0.0000  0.0000  0.0000  8   DVA B HG13 
487 H HG13 B DVA B 8  ? 0.2039 0.2039 0.2039 0.0000  0.0000  0.0000  8   DVA B HG13 
488 H HG21 A DVA B 8  ? 0.1862 0.1862 0.1862 0.0000  0.0000  0.0000  8   DVA B HG21 
489 H HG21 B DVA B 8  ? 0.1555 0.1555 0.1555 0.0000  0.0000  0.0000  8   DVA B HG21 
490 H HG22 A DVA B 8  ? 0.1862 0.1862 0.1862 0.0000  0.0000  0.0000  8   DVA B HG22 
491 H HG22 B DVA B 8  ? 0.1555 0.1555 0.1555 0.0000  0.0000  0.0000  8   DVA B HG22 
492 H HG23 A DVA B 8  ? 0.1862 0.1862 0.1862 0.0000  0.0000  0.0000  8   DVA B HG23 
493 H HG23 B DVA B 8  ? 0.1555 0.1555 0.1555 0.0000  0.0000  0.0000  8   DVA B HG23 
494 N N    . TRP B 9  ? 0.0926 0.0821 0.1035 0.0040  -0.0046 -0.0028 9   TRP B N    
495 C CA   . TRP B 9  ? 0.0900 0.0840 0.0927 0.0043  0.0018  -0.0063 9   TRP B CA   
496 C C    . TRP B 9  ? 0.0862 0.0823 0.0985 0.0050  -0.0052 -0.0068 9   TRP B C    
497 O O    . TRP B 9  ? 0.1341 0.0930 0.0941 -0.0082 -0.0026 -0.0136 9   TRP B O    
498 C CB   . TRP B 9  ? 0.1069 0.0977 0.1126 0.0126  0.0120  -0.0036 9   TRP B CB   
499 C CG   . TRP B 9  ? 0.1128 0.1194 0.1167 0.0368  0.0098  -0.0179 9   TRP B CG   
500 C CD1  . TRP B 9  ? 0.1538 0.1268 0.1577 0.0413  -0.0031 -0.0024 9   TRP B CD1  
501 C CD2  . TRP B 9  ? 0.1033 0.1537 0.1350 0.0245  0.0054  0.0021  9   TRP B CD2  
502 N NE1  . TRP B 9  ? 0.1628 0.1625 0.2009 0.0555  -0.0226 0.0003  9   TRP B NE1  
503 C CE2  . TRP B 9  ? 0.1229 0.1788 0.1571 0.0439  -0.0067 0.0084  9   TRP B CE2  
504 C CE3  . TRP B 9  ? 0.0995 0.1744 0.1490 -0.0010 0.0011  0.0027  9   TRP B CE3  
505 C CZ2  . TRP B 9  ? 0.1494 0.2064 0.1862 0.0272  -0.0335 0.0270  9   TRP B CZ2  
506 C CZ3  . TRP B 9  ? 0.1157 0.1825 0.1599 0.0119  -0.0023 -0.0038 9   TRP B CZ3  
507 C CH2  . TRP B 9  ? 0.0961 0.2239 0.1935 0.0181  -0.0135 0.0258  9   TRP B CH2  
508 H H    . TRP B 9  ? 0.1113 0.1113 0.1113 0.0000  0.0000  0.0000  9   TRP B H    
509 H HA   . TRP B 9  ? 0.1066 0.1066 0.1066 0.0000  0.0000  0.0000  9   TRP B HA   
510 H HB2  . TRP B 9  ? 0.1269 0.1269 0.1269 0.0000  0.0000  0.0000  9   TRP B HB2  
511 H HB3  . TRP B 9  ? 0.1269 0.1269 0.1269 0.0000  0.0000  0.0000  9   TRP B HB3  
512 H HD1  . TRP B 9  ? 0.1753 0.1753 0.1753 0.0000  0.0000  0.0000  9   TRP B HD1  
513 H HE1  . TRP B 9  ? 0.2105 0.2105 0.2105 0.0000  0.0000  0.0000  9   TRP B HE1  
514 H HE3  . TRP B 9  ? 0.1692 0.1692 0.1692 0.0000  0.0000  0.0000  9   TRP B HE3  
515 H HZ2  . TRP B 9  ? 0.2168 0.2168 0.2168 0.0000  0.0000  0.0000  9   TRP B HZ2  
516 H HZ3  . TRP B 9  ? 0.1833 0.1833 0.1833 0.0000  0.0000  0.0000  9   TRP B HZ3  
517 H HH2  . TRP B 9  ? 0.2054 0.2054 0.2054 0.0000  0.0000  0.0000  9   TRP B HH2  
518 N N    . DLE B 10 ? 0.0763 0.0808 0.0993 0.0017  -0.0033 -0.0183 10  DLE B N    
519 C CA   . DLE B 10 ? 0.0825 0.0766 0.1096 0.0015  -0.0019 -0.0098 10  DLE B CA   
520 C CB   . DLE B 10 ? 0.1024 0.0801 0.1061 0.0066  -0.0109 -0.0083 10  DLE B CB   
521 C CG   . DLE B 10 ? 0.0969 0.0995 0.1392 0.0114  -0.0149 -0.0030 10  DLE B CG   
522 C CD1  . DLE B 10 ? 0.1361 0.1366 0.1372 0.0680  -0.0153 -0.0054 10  DLE B CD1  
523 C CD2  . DLE B 10 ? 0.1308 0.1310 0.1430 0.0288  -0.0315 0.0003  10  DLE B CD2  
524 C C    . DLE B 10 ? 0.0887 0.0745 0.1022 0.0055  0.0026  -0.0093 10  DLE B C    
525 O O    . DLE B 10 ? 0.0839 0.0798 0.1188 0.0036  -0.0055 -0.0097 10  DLE B O    
526 H H    . DLE B 10 ? 0.1026 0.1026 0.1026 0.0000  0.0000  0.0000  10  DLE B H    
527 H HA   . DLE B 10 ? 0.1074 0.1074 0.1074 0.0000  0.0000  0.0000  10  DLE B HA   
528 H HB2  . DLE B 10 ? 0.1154 0.1154 0.1154 0.0000  0.0000  0.0000  10  DLE B HB2  
529 H HB3  . DLE B 10 ? 0.1154 0.1154 0.1154 0.0000  0.0000  0.0000  10  DLE B HB3  
530 H HG   . DLE B 10 ? 0.1343 0.1343 0.1343 0.0000  0.0000  0.0000  10  DLE B HG   
531 H HD11 . DLE B 10 ? 0.2049 0.2049 0.2049 0.0000  0.0000  0.0000  10  DLE B HD11 
532 H HD12 . DLE B 10 ? 0.2049 0.2049 0.2049 0.0000  0.0000  0.0000  10  DLE B HD12 
533 H HD13 . DLE B 10 ? 0.2049 0.2049 0.2049 0.0000  0.0000  0.0000  10  DLE B HD13 
534 H HD21 . DLE B 10 ? 0.2024 0.2024 0.2024 0.0000  0.0000  0.0000  10  DLE B HD21 
535 H HD22 . DLE B 10 ? 0.2024 0.2024 0.2024 0.0000  0.0000  0.0000  10  DLE B HD22 
536 H HD23 . DLE B 10 ? 0.2024 0.2024 0.2024 0.0000  0.0000  0.0000  10  DLE B HD23 
537 N N    A TRP B 11 ? 0.0841 0.0704 0.0831 0.0152  -0.0069 -0.0086 11  TRP B N    
538 N N    B TRP B 11 ? 0.0852 0.0790 0.0999 -0.0003 -0.0030 -0.0013 11  TRP B N    
539 C CA   A TRP B 11 ? 0.0906 0.0696 0.1039 0.0040  0.0028  -0.0110 11  TRP B CA   
540 C CA   B TRP B 11 ? 0.0897 0.0935 0.0963 0.0027  0.0034  -0.0105 11  TRP B CA   
541 C C    A TRP B 11 ? 0.0850 0.0764 0.1121 0.0108  -0.0040 -0.0147 11  TRP B C    
542 C C    B TRP B 11 ? 0.0850 0.0944 0.1037 0.0100  -0.0042 -0.0096 11  TRP B C    
543 O O    A TRP B 11 ? 0.1494 0.0777 0.1304 -0.0013 -0.0235 -0.0219 11  TRP B O    
544 O O    B TRP B 11 ? 0.0774 0.1073 0.1111 0.0440  -0.0564 -0.0275 11  TRP B O    
545 C CB   A TRP B 11 ? 0.0770 0.0954 0.1216 0.0118  -0.0029 0.0111  11  TRP B CB   
546 C CB   B TRP B 11 ? 0.0855 0.1016 0.1001 -0.0058 -0.0006 0.0006  11  TRP B CB   
547 C CG   A TRP B 11 ? 0.0820 0.0917 0.0947 0.0089  -0.0091 0.0043  11  TRP B CG   
548 C CG   B TRP B 11 ? 0.1009 0.0991 0.1050 -0.0010 0.0059  0.0004  11  TRP B CG   
549 C CD1  A TRP B 11 ? 0.0868 0.0826 0.1124 0.0148  0.0080  -0.0007 11  TRP B CD1  
550 C CD1  B TRP B 11 ? 0.1211 0.1025 0.1578 0.0064  0.0438  0.0186  11  TRP B CD1  
551 C CD2  A TRP B 11 ? 0.1086 0.1025 0.1129 0.0098  0.0128  0.0113  11  TRP B CD2  
552 C CD2  B TRP B 11 ? 0.0989 0.1053 0.1240 0.0092  0.0114  0.0251  11  TRP B CD2  
553 N NE1  A TRP B 11 ? 0.1012 0.0989 0.1327 0.0085  0.0248  0.0043  11  TRP B NE1  
554 N NE1  B TRP B 11 ? 0.1394 0.1039 0.1754 0.0201  0.0718  0.0292  11  TRP B NE1  
555 C CE2  A TRP B 11 ? 0.1145 0.1116 0.1302 0.0129  0.0265  0.0119  11  TRP B CE2  
556 C CE2  B TRP B 11 ? 0.1141 0.1062 0.1415 0.0129  0.0340  0.0248  11  TRP B CE2  
557 C CE3  A TRP B 11 ? 0.1230 0.1173 0.1663 0.0055  0.0080  0.0402  11  TRP B CE3  
558 C CE3  B TRP B 11 ? 0.1183 0.1165 0.1319 0.0225  0.0281  0.0173  11  TRP B CE3  
559 C CZ2  A TRP B 11 ? 0.1281 0.1597 0.1527 0.0344  0.0509  0.0397  11  TRP B CZ2  
560 C CZ2  B TRP B 11 ? 0.1305 0.1227 0.1221 0.0304  0.0428  0.0569  11  TRP B CZ2  
561 C CZ3  A TRP B 11 ? 0.1391 0.1313 0.1311 0.0231  0.0280  0.0318  11  TRP B CZ3  
562 C CZ3  B TRP B 11 ? 0.1265 0.1446 0.1416 0.0386  0.0550  0.0298  11  TRP B CZ3  
563 C CH2  A TRP B 11 ? 0.1406 0.1555 0.1186 0.0242  0.0289  0.0327  11  TRP B CH2  
564 C CH2  B TRP B 11 ? 0.1270 0.1571 0.1270 0.0273  0.0493  0.0678  11  TRP B CH2  
565 H H    A TRP B 11 ? 0.0951 0.0951 0.0951 0.0000  0.0000  0.0000  11  TRP B H    
566 H H    B TRP B 11 ? 0.1056 0.1056 0.1056 0.0000  0.0000  0.0000  11  TRP B H    
567 H HA   A TRP B 11 ? 0.1056 0.1056 0.1056 0.0000  0.0000  0.0000  11  TRP B HA   
568 H HA   B TRP B 11 ? 0.1117 0.1117 0.1117 0.0000  0.0000  0.0000  11  TRP B HA   
569 H HB2  A TRP B 11 ? 0.1177 0.1177 0.1177 0.0000  0.0000  0.0000  11  TRP B HB2  
570 H HB2  B TRP B 11 ? 0.1149 0.1149 0.1149 0.0000  0.0000  0.0000  11  TRP B HB2  
571 H HB3  A TRP B 11 ? 0.1177 0.1177 0.1177 0.0000  0.0000  0.0000  11  TRP B HB3  
572 H HB3  B TRP B 11 ? 0.1149 0.1149 0.1149 0.0000  0.0000  0.0000  11  TRP B HB3  
573 H HD1  A TRP B 11 ? 0.1127 0.1127 0.1127 0.0000  0.0000  0.0000  11  TRP B HD1  
574 H HD1  B TRP B 11 ? 0.1525 0.1525 0.1525 0.0000  0.0000  0.0000  11  TRP B HD1  
575 H HE1  A TRP B 11 ? 0.1331 0.1331 0.1331 0.0000  0.0000  0.0000  11  TRP B HE1  
576 H HE1  B TRP B 11 ? 0.1674 0.1674 0.1674 0.0000  0.0000  0.0000  11  TRP B HE1  
577 H HE3  A TRP B 11 ? 0.1627 0.1627 0.1627 0.0000  0.0000  0.0000  11  TRP B HE3  
578 H HE3  B TRP B 11 ? 0.1468 0.1468 0.1468 0.0000  0.0000  0.0000  11  TRP B HE3  
579 H HZ2  A TRP B 11 ? 0.1762 0.1762 0.1762 0.0000  0.0000  0.0000  11  TRP B HZ2  
580 H HZ2  B TRP B 11 ? 0.1501 0.1501 0.1501 0.0000  0.0000  0.0000  11  TRP B HZ2  
581 H HZ3  A TRP B 11 ? 0.1606 0.1606 0.1606 0.0000  0.0000  0.0000  11  TRP B HZ3  
582 H HZ3  B TRP B 11 ? 0.1652 0.1652 0.1652 0.0000  0.0000  0.0000  11  TRP B HZ3  
583 H HH2  A TRP B 11 ? 0.1659 0.1659 0.1659 0.0000  0.0000  0.0000  11  TRP B HH2  
584 H HH2  B TRP B 11 ? 0.1644 0.1644 0.1644 0.0000  0.0000  0.0000  11  TRP B HH2  
585 N N    . DLE B 12 ? 0.0941 0.0800 0.0941 0.0079  0.0010  -0.0054 12  DLE B N    
586 C CA   . DLE B 12 ? 0.0906 0.0869 0.1089 0.0039  -0.0083 0.0008  12  DLE B CA   
587 C CB   . DLE B 12 ? 0.1004 0.1104 0.1104 0.0185  -0.0021 -0.0090 12  DLE B CB   
588 C CG   . DLE B 12 ? 0.1002 0.1741 0.1310 0.0246  -0.0131 -0.0115 12  DLE B CG   
589 C CD1  . DLE B 12 ? 0.1456 0.2799 0.2445 0.0945  -0.0547 -0.0211 12  DLE B CD1  
590 C CD2  . DLE B 12 ? 0.1421 0.2186 0.1640 -0.0545 -0.0195 -0.0406 12  DLE B CD2  
591 C C    . DLE B 12 ? 0.0992 0.0760 0.1090 0.0057  -0.0026 -0.0067 12  DLE B C    
592 O O    . DLE B 12 ? 0.1031 0.0771 0.1067 -0.0012 -0.0101 -0.0032 12  DLE B O    
593 H H    . DLE B 12 ? 0.1073 0.1073 0.1073 0.0000  0.0000  0.0000  12  DLE B H    
594 H HA   . DLE B 12 ? 0.1145 0.1145 0.1145 0.0000  0.0000  0.0000  12  DLE B HA   
595 H HB2  . DLE B 12 ? 0.1284 0.1284 0.1284 0.0000  0.0000  0.0000  12  DLE B HB2  
596 H HB3  . DLE B 12 ? 0.1284 0.1284 0.1284 0.0000  0.0000  0.0000  12  DLE B HB3  
597 H HG   . DLE B 12 ? 0.1621 0.1621 0.1621 0.0000  0.0000  0.0000  12  DLE B HG   
598 H HD11 . DLE B 12 ? 0.3350 0.3350 0.3350 0.0000  0.0000  0.0000  12  DLE B HD11 
599 H HD12 . DLE B 12 ? 0.3350 0.3350 0.3350 0.0000  0.0000  0.0000  12  DLE B HD12 
600 H HD13 . DLE B 12 ? 0.3350 0.3350 0.3350 0.0000  0.0000  0.0000  12  DLE B HD13 
601 H HD21 . DLE B 12 ? 0.2624 0.2624 0.2624 0.0000  0.0000  0.0000  12  DLE B HD21 
602 H HD22 . DLE B 12 ? 0.2624 0.2624 0.2624 0.0000  0.0000  0.0000  12  DLE B HD22 
603 H HD23 . DLE B 12 ? 0.2624 0.2624 0.2624 0.0000  0.0000  0.0000  12  DLE B HD23 
604 N N    . TRP B 13 ? 0.0971 0.0862 0.1083 -0.0059 0.0040  -0.0077 13  TRP B N    
605 C CA   . TRP B 13 ? 0.0873 0.0853 0.1147 0.0050  0.0002  -0.0062 13  TRP B CA   
606 C C    . TRP B 13 ? 0.1000 0.0858 0.1095 -0.0079 -0.0070 -0.0100 13  TRP B C    
607 O O    . TRP B 13 ? 0.1079 0.1016 0.1233 -0.0036 -0.0209 -0.0185 13  TRP B O    
608 C CB   A TRP B 13 ? 0.1118 0.1116 0.1187 0.0193  -0.0177 -0.0035 13  TRP B CB   
609 C CB   B TRP B 13 ? 0.1113 0.1151 0.1214 0.0192  -0.0015 0.0123  13  TRP B CB   
610 C CG   A TRP B 13 ? 0.1511 0.1778 0.1258 0.0301  -0.0069 0.0202  13  TRP B CG   
611 C CG   B TRP B 13 ? 0.1579 0.1549 0.1240 0.0437  0.0146  0.0282  13  TRP B CG   
612 C CD1  A TRP B 13 ? 0.1930 0.1788 0.1414 0.0664  0.0260  0.0259  13  TRP B CD1  
613 C CD1  B TRP B 13 ? 0.1544 0.1626 0.1338 0.0608  0.0474  0.0041  13  TRP B CD1  
614 C CD2  A TRP B 13 ? 0.1675 0.2030 0.1634 0.0124  0.0151  0.0350  13  TRP B CD2  
615 C CD2  B TRP B 13 ? 0.1589 0.1877 0.1339 0.0321  0.0161  0.0356  13  TRP B CD2  
616 N NE1  A TRP B 13 ? 0.1670 0.2330 0.1470 0.0511  0.0244  0.0325  13  TRP B NE1  
617 N NE1  B TRP B 13 ? 0.1823 0.1659 0.1366 0.0620  0.0551  0.0137  13  TRP B NE1  
618 C CE2  A TRP B 13 ? 0.1738 0.2387 0.1623 0.0215  0.0147  0.0457  13  TRP B CE2  
619 C CE2  B TRP B 13 ? 0.1737 0.1997 0.1441 0.0466  0.0394  0.0286  13  TRP B CE2  
620 C CE3  A TRP B 13 ? 0.2036 0.1969 0.2161 -0.0105 0.0363  0.0267  13  TRP B CE3  
621 C CE3  B TRP B 13 ? 0.1857 0.2304 0.1834 -0.0112 0.0237  0.0179  13  TRP B CE3  
622 C CZ2  A TRP B 13 ? 0.1518 0.2773 0.1730 0.0007  0.0278  0.0248  13  TRP B CZ2  
623 C CZ2  B TRP B 13 ? 0.1679 0.2347 0.1579 0.0236  0.0362  0.0266  13  TRP B CZ2  
624 C CZ3  A TRP B 13 ? 0.2257 0.2189 0.1900 -0.0158 0.0416  0.0311  13  TRP B CZ3  
625 C CZ3  B TRP B 13 ? 0.1816 0.2737 0.1804 -0.0227 0.0302  0.0142  13  TRP B CZ3  
626 C CH2  A TRP B 13 ? 0.2013 0.2501 0.1800 0.0051  0.0258  0.0319  13  TRP B CH2  
627 C CH2  B TRP B 13 ? 0.1712 0.2751 0.1861 0.0042  0.0281  0.0120  13  TRP B CH2  
628 H H    . TRP B 13 ? 0.1166 0.1166 0.1166 0.0000  0.0000  0.0000  13  TRP B H    
629 H HA   . TRP B 13 ? 0.1149 0.1149 0.1149 0.0000  0.0000  0.0000  13  TRP B HA   
630 H HB2  A TRP B 13 ? 0.1369 0.1369 0.1369 0.0000  0.0000  0.0000  13  TRP B HB2  
631 H HB2  B TRP B 13 ? 0.1391 0.1391 0.1391 0.0000  0.0000  0.0000  13  TRP B HB2  
632 H HB3  A TRP B 13 ? 0.1369 0.1369 0.1369 0.0000  0.0000  0.0000  13  TRP B HB3  
633 H HB3  B TRP B 13 ? 0.1391 0.1391 0.1391 0.0000  0.0000  0.0000  13  TRP B HB3  
634 H HD1  A TRP B 13 ? 0.2053 0.2053 0.2053 0.0000  0.0000  0.0000  13  TRP B HD1  
635 H HD1  B TRP B 13 ? 0.1804 0.1804 0.1804 0.0000  0.0000  0.0000  13  TRP B HD1  
636 H HE1  A TRP B 13 ? 0.2189 0.2189 0.2189 0.0000  0.0000  0.0000  13  TRP B HE1  
637 H HE1  B TRP B 13 ? 0.1939 0.1939 0.1939 0.0000  0.0000  0.0000  13  TRP B HE1  
638 H HE3  A TRP B 13 ? 0.2466 0.2466 0.2466 0.0000  0.0000  0.0000  13  TRP B HE3  
639 H HE3  B TRP B 13 ? 0.2398 0.2398 0.2398 0.0000  0.0000  0.0000  13  TRP B HE3  
640 H HZ2  A TRP B 13 ? 0.2408 0.2408 0.2408 0.0000  0.0000  0.0000  13  TRP B HZ2  
641 H HZ2  B TRP B 13 ? 0.2242 0.2242 0.2242 0.0000  0.0000  0.0000  13  TRP B HZ2  
642 H HZ3  A TRP B 13 ? 0.2538 0.2538 0.2538 0.0000  0.0000  0.0000  13  TRP B HZ3  
643 H HZ3  B TRP B 13 ? 0.2543 0.2543 0.2543 0.0000  0.0000  0.0000  13  TRP B HZ3  
644 H HH2  A TRP B 13 ? 0.2525 0.2525 0.2525 0.0000  0.0000  0.0000  13  TRP B HH2  
645 H HH2  B TRP B 13 ? 0.2530 0.2530 0.2530 0.0000  0.0000  0.0000  13  TRP B HH2  
646 N N    . DLE B 14 ? 0.0912 0.0807 0.1109 -0.0025 -0.0025 -0.0150 14  DLE B N    
647 C CA   . DLE B 14 ? 0.1009 0.0804 0.1023 -0.0120 -0.0096 -0.0092 14  DLE B CA   
648 C CB   . DLE B 14 ? 0.1133 0.1061 0.1081 0.0012  -0.0006 -0.0110 14  DLE B CB   
649 C CG   . DLE B 14 ? 0.1924 0.0874 0.1260 -0.0111 0.0222  0.0092  14  DLE B CG   
650 C CD1  . DLE B 14 ? 0.2022 0.1550 0.0927 0.0293  -0.0099 0.0119  14  DLE B CD1  
651 C CD2  . DLE B 14 ? 0.2188 0.1606 0.1621 -0.0127 0.0609  0.0176  14  DLE B CD2  
652 C C    . DLE B 14 ? 0.0803 0.0865 0.0986 -0.0064 -0.0104 -0.0067 14  DLE B C    
653 O O    . DLE B 14 ? 0.1227 0.0757 0.1039 -0.0076 -0.0172 -0.0063 14  DLE B O    
654 H H    . DLE B 14 ? 0.1131 0.1131 0.1131 0.0000  0.0000  0.0000  14  DLE B H    
655 H HA   . DLE B 14 ? 0.1134 0.1134 0.1134 0.0000  0.0000  0.0000  14  DLE B HA   
656 H HB2  . DLE B 14 ? 0.1310 0.1310 0.1310 0.0000  0.0000  0.0000  14  DLE B HB2  
657 H HB3  . DLE B 14 ? 0.1310 0.1310 0.1310 0.0000  0.0000  0.0000  14  DLE B HB3  
658 H HG   . DLE B 14 ? 0.1624 0.1624 0.1624 0.0000  0.0000  0.0000  14  DLE B HG   
659 H HD11 . DLE B 14 ? 0.2249 0.2249 0.2249 0.0000  0.0000  0.0000  14  DLE B HD11 
660 H HD12 . DLE B 14 ? 0.2249 0.2249 0.2249 0.0000  0.0000  0.0000  14  DLE B HD12 
661 H HD13 . DLE B 14 ? 0.2249 0.2249 0.2249 0.0000  0.0000  0.0000  14  DLE B HD13 
662 H HD21 . DLE B 14 ? 0.2707 0.2707 0.2707 0.0000  0.0000  0.0000  14  DLE B HD21 
663 H HD22 . DLE B 14 ? 0.2707 0.2707 0.2707 0.0000  0.0000  0.0000  14  DLE B HD22 
664 H HD23 . DLE B 14 ? 0.2707 0.2707 0.2707 0.0000  0.0000  0.0000  14  DLE B HD23 
665 N N    . TRP B 15 ? 0.0881 0.0728 0.0995 -0.0041 -0.0084 -0.0087 15  TRP B N    
666 C CA   . TRP B 15 ? 0.0862 0.0767 0.1039 0.0085  -0.0054 -0.0101 15  TRP B CA   
667 C C    . TRP B 15 ? 0.1051 0.0753 0.0929 -0.0007 -0.0089 -0.0028 15  TRP B C    
668 O O    . TRP B 15 ? 0.1208 0.0966 0.1095 -0.0175 -0.0046 -0.0100 15  TRP B O    
669 C CB   . TRP B 15 ? 0.0942 0.0969 0.1075 0.0121  -0.0003 -0.0058 15  TRP B CB   
670 C CG   . TRP B 15 ? 0.0980 0.0860 0.1244 0.0178  -0.0128 -0.0082 15  TRP B CG   
671 C CD1  . TRP B 15 ? 0.1228 0.0902 0.1371 0.0237  -0.0148 -0.0030 15  TRP B CD1  
672 C CD2  . TRP B 15 ? 0.1017 0.0958 0.1085 0.0129  -0.0024 -0.0006 15  TRP B CD2  
673 N NE1  . TRP B 15 ? 0.1230 0.0889 0.1614 0.0223  -0.0319 0.0042  15  TRP B NE1  
674 C CE2  . TRP B 15 ? 0.1158 0.0912 0.1301 0.0238  -0.0155 -0.0026 15  TRP B CE2  
675 C CE3  . TRP B 15 ? 0.1148 0.0944 0.1039 0.0180  -0.0021 -0.0148 15  TRP B CE3  
676 C CZ2  . TRP B 15 ? 0.1185 0.1020 0.1364 0.0092  -0.0175 0.0045  15  TRP B CZ2  
677 C CZ3  . TRP B 15 ? 0.1275 0.1061 0.1245 0.0164  -0.0158 -0.0141 15  TRP B CZ3  
678 C CH2  . TRP B 15 ? 0.1162 0.1186 0.1311 0.0123  -0.0202 -0.0098 15  TRP B CH2  
679 H H    . TRP B 15 ? 0.1041 0.1041 0.1041 0.0000  0.0000  0.0000  15  TRP B H    
680 H HA   . TRP B 15 ? 0.1066 0.1066 0.1066 0.0000  0.0000  0.0000  15  TRP B HA   
681 H HB2  . TRP B 15 ? 0.1194 0.1194 0.1194 0.0000  0.0000  0.0000  15  TRP B HB2  
682 H HB3  . TRP B 15 ? 0.1194 0.1194 0.1194 0.0000  0.0000  0.0000  15  TRP B HB3  
683 H HD1  . TRP B 15 ? 0.1399 0.1399 0.1399 0.0000  0.0000  0.0000  15  TRP B HD1  
684 H HE1  . TRP B 15 ? 0.1493 0.1493 0.1493 0.0000  0.0000  0.0000  15  TRP B HE1  
685 H HE3  . TRP B 15 ? 0.1253 0.1253 0.1253 0.0000  0.0000  0.0000  15  TRP B HE3  
686 H HZ2  . TRP B 15 ? 0.1427 0.1427 0.1427 0.0000  0.0000  0.0000  15  TRP B HZ2  
687 H HZ3  . TRP B 15 ? 0.1432 0.1432 0.1432 0.0000  0.0000  0.0000  15  TRP B HZ3  
688 H HH2  . TRP B 15 ? 0.1463 0.1463 0.1463 0.0000  0.0000  0.0000  15  TRP B HH2  
689 C CA   . ETA B 16 ? 0.1087 0.0815 0.1404 -0.0008 0.0010  0.0003  16  ETA B CA   
690 N N    . ETA B 16 ? 0.1006 0.0845 0.1169 -0.0033 -0.0022 0.0022  16  ETA B N    
691 C C    . ETA B 16 ? 0.0991 0.1007 0.1494 0.0026  0.0038  -0.0184 16  ETA B C    
692 O O    . ETA B 16 ? 0.1167 0.1069 0.1474 -0.0031 -0.0003 -0.0098 16  ETA B O    
693 H HA1  . ETA B 16 ? 0.1322 0.1322 0.1322 0.0000  0.0000  0.0000  16  ETA B HA1  
694 H HA2  . ETA B 16 ? 0.1322 0.1322 0.1322 0.0000  0.0000  0.0000  16  ETA B HA2  
695 H H    . ETA B 16 ? 0.1208 0.1208 0.1208 0.0000  0.0000  0.0000  16  ETA B H    
696 H HB1  . ETA B 16 ? 0.1397 0.1397 0.1397 0.0000  0.0000  0.0000  16  ETA B HB1  
697 H HB2  . ETA B 16 ? 0.1397 0.1397 0.1397 0.0000  0.0000  0.0000  16  ETA B HB2  
698 H HO   . ETA B 16 ? 0.1855 0.1855 0.1855 0.0000  0.0000  0.0000  16  ETA B HO   
699 O O    A POL C .  ? 0.0918 0.0851 0.1005 0.0117  0.0183  0.0142  502 POL A O    
700 O O    B POL C .  ? 0.1510 0.1350 0.1237 0.0283  -0.0083 -0.0211 502 POL A O    
701 C C1   A POL C .  ? 0.0903 0.1141 0.1844 -0.0215 0.0054  0.0369  502 POL A C1   
702 C C1   B POL C .  ? 0.1896 0.1452 0.1830 0.0376  -0.0368 0.0031  502 POL A C1   
703 C C2   A POL C .  ? 0.1220 0.1409 0.1210 0.0267  -0.0010 0.0031  502 POL A C2   
704 C C2   B POL C .  ? 0.1778 0.2411 0.2301 -0.0045 -0.0483 0.0095  502 POL A C2   
705 C C3   A POL C .  ? 0.1197 0.1052 0.1976 0.0003  -0.0493 0.0187  502 POL A C3   
706 C C3   B POL C .  ? 0.1489 0.3141 0.3389 0.0153  0.0337  -0.0213 502 POL A C3   
707 H HO   A POL C .  ? 0.1387 0.1387 0.1387 0.0000  0.0000  0.0000  502 POL A HO   
708 H HO   B POL C .  ? 0.2049 0.2049 0.2049 0.0000  0.0000  0.0000  502 POL A HO   
709 H H11  A POL C .  ? 0.1555 0.1555 0.1555 0.0000  0.0000  0.0000  502 POL A H11  
710 H H11  B POL C .  ? 0.2072 0.2072 0.2072 0.0000  0.0000  0.0000  502 POL A H11  
711 H H12  A POL C .  ? 0.1555 0.1555 0.1555 0.0000  0.0000  0.0000  502 POL A H12  
712 H H12  B POL C .  ? 0.2072 0.2072 0.2072 0.0000  0.0000  0.0000  502 POL A H12  
713 H H21  A POL C .  ? 0.1536 0.1536 0.1536 0.0000  0.0000  0.0000  502 POL A H21  
714 H H21  B POL C .  ? 0.2596 0.2596 0.2596 0.0000  0.0000  0.0000  502 POL A H21  
715 H H22  A POL C .  ? 0.1536 0.1536 0.1536 0.0000  0.0000  0.0000  502 POL A H22  
716 H H22  B POL C .  ? 0.2596 0.2596 0.2596 0.0000  0.0000  0.0000  502 POL A H22  
717 H H31  A POL C .  ? 0.2113 0.2113 0.2113 0.0000  0.0000  0.0000  502 POL A H31  
718 H H31  B POL C .  ? 0.4010 0.4010 0.4010 0.0000  0.0000  0.0000  502 POL A H31  
719 H H32  A POL C .  ? 0.2113 0.2113 0.2113 0.0000  0.0000  0.0000  502 POL A H32  
720 H H32  B POL C .  ? 0.4010 0.4010 0.4010 0.0000  0.0000  0.0000  502 POL A H32  
721 H H33  A POL C .  ? 0.2113 0.2113 0.2113 0.0000  0.0000  0.0000  502 POL A H33  
722 H H33  B POL C .  ? 0.4010 0.4010 0.4010 0.0000  0.0000  0.0000  502 POL A H33  
723 O O    A POL D .  ? 0.1904 0.2405 0.1352 -0.0748 0.0195  0.0110  503 POL A O    
724 O O    B POL D .  ? 0.1459 0.1209 0.0932 -0.0157 0.0034  0.0119  503 POL A O    
725 O O    C POL D .  ? 0.2340 0.1958 0.2213 -0.0255 0.0207  0.0124  503 POL A O    
726 C C1   A POL D .  ? 0.1691 0.1820 0.1665 -0.0056 -0.0125 0.0097  503 POL A C1   
727 C C1   B POL D .  ? 0.1347 0.1505 0.1286 -0.0120 0.0312  0.0214  503 POL A C1   
728 C C1   C POL D .  ? 0.1777 0.1746 0.1351 -0.0019 -0.0058 -0.0023 503 POL A C1   
729 C C2   A POL D .  ? 0.1610 0.1894 0.1743 -0.0261 -0.0281 0.0105  503 POL A C2   
730 C C2   B POL D .  ? 0.1211 0.1660 0.1386 -0.0261 0.0016  0.0079  503 POL A C2   
731 C C2   C POL D .  ? 0.1335 0.1873 0.1017 -0.0243 -0.0165 -0.0135 503 POL A C2   
732 C C3   A POL D .  ? 0.1162 0.1859 0.0980 -0.0421 -0.0249 -0.0194 503 POL A C3   
733 C C3   B POL D .  ? 0.1323 0.2100 0.1389 -0.0530 -0.0271 0.0422  503 POL A C3   
734 C C3   C POL D .  ? 0.1024 0.1950 0.1708 -0.0275 0.0201  -0.0338 503 POL A C3   
735 H HO   A POL D .  ? 0.2831 0.2831 0.2831 0.0000  0.0000  0.0000  503 POL A HO   
736 H HO   B POL D .  ? 0.1801 0.1801 0.1801 0.0000  0.0000  0.0000  503 POL A HO   
737 H HO   C POL D .  ? 0.3255 0.3255 0.3255 0.0000  0.0000  0.0000  503 POL A HO   
738 H H11  A POL D .  ? 0.2071 0.2071 0.2071 0.0000  0.0000  0.0000  503 POL A H11  
739 H H11  B POL D .  ? 0.1655 0.1655 0.1655 0.0000  0.0000  0.0000  503 POL A H11  
740 H H11  C POL D .  ? 0.1949 0.1949 0.1949 0.0000  0.0000  0.0000  503 POL A H11  
741 H H12  A POL D .  ? 0.2071 0.2071 0.2071 0.0000  0.0000  0.0000  503 POL A H12  
742 H H12  B POL D .  ? 0.1655 0.1655 0.1655 0.0000  0.0000  0.0000  503 POL A H12  
743 H H12  C POL D .  ? 0.1949 0.1949 0.1949 0.0000  0.0000  0.0000  503 POL A H12  
744 H H21  A POL D .  ? 0.2099 0.2099 0.2099 0.0000  0.0000  0.0000  503 POL A H21  
745 H H21  B POL D .  ? 0.1703 0.1703 0.1703 0.0000  0.0000  0.0000  503 POL A H21  
746 H H21  C POL D .  ? 0.1691 0.1691 0.1691 0.0000  0.0000  0.0000  503 POL A H21  
747 H H22  A POL D .  ? 0.2099 0.2099 0.2099 0.0000  0.0000  0.0000  503 POL A H22  
748 H H22  B POL D .  ? 0.1703 0.1703 0.1703 0.0000  0.0000  0.0000  503 POL A H22  
749 H H22  C POL D .  ? 0.1691 0.1691 0.1691 0.0000  0.0000  0.0000  503 POL A H22  
750 H H31  A POL D .  ? 0.2001 0.2001 0.2001 0.0000  0.0000  0.0000  503 POL A H31  
751 H H31  B POL D .  ? 0.2406 0.2406 0.2406 0.0000  0.0000  0.0000  503 POL A H31  
752 H H31  C POL D .  ? 0.2341 0.2341 0.2341 0.0000  0.0000  0.0000  503 POL A H31  
753 H H32  A POL D .  ? 0.2001 0.2001 0.2001 0.0000  0.0000  0.0000  503 POL A H32  
754 H H32  B POL D .  ? 0.2406 0.2406 0.2406 0.0000  0.0000  0.0000  503 POL A H32  
755 H H32  C POL D .  ? 0.2341 0.2341 0.2341 0.0000  0.0000  0.0000  503 POL A H32  
756 H H33  A POL D .  ? 0.2001 0.2001 0.2001 0.0000  0.0000  0.0000  503 POL A H33  
757 H H33  B POL D .  ? 0.2406 0.2406 0.2406 0.0000  0.0000  0.0000  503 POL A H33  
758 H H33  C POL D .  ? 0.2341 0.2341 0.2341 0.0000  0.0000  0.0000  503 POL A H33  
759 O O    A POL E .  ? 0.1791 0.2122 0.1844 0.0553  -0.0451 -0.0410 506 POL A O    
760 O O    B POL E .  ? 0.1781 0.2207 0.1872 -0.0170 -0.0189 -0.0202 506 POL A O    
761 O O    C POL E .  ? 0.2340 0.1326 0.1038 -0.0339 -0.0185 0.0144  506 POL A O    
762 O O    D POL E .  ? 0.2798 0.3068 0.2508 -0.0116 0.0420  -0.0297 506 POL A O    
763 C C1   A POL E .  ? 0.2209 0.2479 0.1871 0.0110  0.0097  -0.0356 506 POL A C1   
764 C C1   B POL E .  ? 0.2219 0.2427 0.2184 0.0075  0.0090  -0.0241 506 POL A C1   
765 C C1   C POL E .  ? 0.2297 0.2532 0.2190 -0.0231 0.0159  -0.0048 506 POL A C1   
766 C C1   D POL E .  ? 0.2434 0.2687 0.2371 -0.0054 0.0084  -0.0044 506 POL A C1   
767 C C2   A POL E .  ? 0.2364 0.2334 0.1948 -0.0024 0.0132  -0.0450 506 POL A C2   
768 C C2   B POL E .  ? 0.2328 0.2301 0.2076 -0.0081 0.0168  -0.0303 506 POL A C2   
769 C C2   C POL E .  ? 0.2327 0.2561 0.2286 -0.0176 0.0451  0.0000  506 POL A C2   
770 C C2   D POL E .  ? 0.2469 0.2720 0.2280 0.0046  0.0061  -0.0119 506 POL A C2   
771 C C3   A POL E .  ? 0.2877 0.2832 0.2822 -0.0500 0.0237  -0.0312 506 POL A C3   
772 C C3   B POL E .  ? 0.2714 0.2667 0.2305 -0.0334 0.0208  -0.0049 506 POL A C3   
773 C C3   C POL E .  ? 0.1992 0.3149 0.2111 -0.0154 -0.0048 -0.0209 506 POL A C3   
774 C C3   D POL E .  ? 0.2551 0.2766 0.2266 -0.0050 0.0099  -0.0083 506 POL A C3   
775 H HO   A POL E .  ? 0.2879 0.2879 0.2879 0.0000  0.0000  0.0000  506 POL A HO   
776 H HO   B POL E .  ? 0.2931 0.2931 0.2931 0.0000  0.0000  0.0000  506 POL A HO   
777 H HO   C POL E .  ? 0.2352 0.2352 0.2352 0.0000  0.0000  0.0000  506 POL A HO   
778 H HO   D POL E .  ? 0.4187 0.4187 0.4187 0.0000  0.0000  0.0000  506 POL A HO   
779 H H11  A POL E .  ? 0.2624 0.2624 0.2624 0.0000  0.0000  0.0000  506 POL A H11  
780 H H11  B POL E .  ? 0.2732 0.2732 0.2732 0.0000  0.0000  0.0000  506 POL A H11  
781 H H11  C POL E .  ? 0.2808 0.2808 0.2808 0.0000  0.0000  0.0000  506 POL A H11  
782 H H11  D POL E .  ? 0.2997 0.2997 0.2997 0.0000  0.0000  0.0000  506 POL A H11  
783 H H12  A POL E .  ? 0.2624 0.2624 0.2624 0.0000  0.0000  0.0000  506 POL A H12  
784 H H12  B POL E .  ? 0.2732 0.2732 0.2732 0.0000  0.0000  0.0000  506 POL A H12  
785 H H12  C POL E .  ? 0.2808 0.2808 0.2808 0.0000  0.0000  0.0000  506 POL A H12  
786 H H12  D POL E .  ? 0.2997 0.2997 0.2997 0.0000  0.0000  0.0000  506 POL A H12  
787 H H21  A POL E .  ? 0.2658 0.2658 0.2658 0.0000  0.0000  0.0000  506 POL A H21  
788 H H21  B POL E .  ? 0.2682 0.2682 0.2682 0.0000  0.0000  0.0000  506 POL A H21  
789 H H21  C POL E .  ? 0.2869 0.2869 0.2869 0.0000  0.0000  0.0000  506 POL A H21  
790 H H21  D POL E .  ? 0.2988 0.2988 0.2988 0.0000  0.0000  0.0000  506 POL A H21  
791 H H22  A POL E .  ? 0.2658 0.2658 0.2658 0.0000  0.0000  0.0000  506 POL A H22  
792 H H22  B POL E .  ? 0.2682 0.2682 0.2682 0.0000  0.0000  0.0000  506 POL A H22  
793 H H22  C POL E .  ? 0.2869 0.2869 0.2869 0.0000  0.0000  0.0000  506 POL A H22  
794 H H22  D POL E .  ? 0.2988 0.2988 0.2988 0.0000  0.0000  0.0000  506 POL A H22  
795 H H31  A POL E .  ? 0.4266 0.4266 0.4266 0.0000  0.0000  0.0000  506 POL A H31  
796 H H31  B POL E .  ? 0.3843 0.3843 0.3843 0.0000  0.0000  0.0000  506 POL A H31  
797 H H31  C POL E .  ? 0.3626 0.3626 0.3626 0.0000  0.0000  0.0000  506 POL A H31  
798 H H31  D POL E .  ? 0.3791 0.3791 0.3791 0.0000  0.0000  0.0000  506 POL A H31  
799 H H32  A POL E .  ? 0.4266 0.4266 0.4266 0.0000  0.0000  0.0000  506 POL A H32  
800 H H32  B POL E .  ? 0.3843 0.3843 0.3843 0.0000  0.0000  0.0000  506 POL A H32  
801 H H32  C POL E .  ? 0.3626 0.3626 0.3626 0.0000  0.0000  0.0000  506 POL A H32  
802 H H32  D POL E .  ? 0.3791 0.3791 0.3791 0.0000  0.0000  0.0000  506 POL A H32  
803 H H33  A POL E .  ? 0.4266 0.4266 0.4266 0.0000  0.0000  0.0000  506 POL A H33  
804 H H33  B POL E .  ? 0.3843 0.3843 0.3843 0.0000  0.0000  0.0000  506 POL A H33  
805 H H33  C POL E .  ? 0.3626 0.3626 0.3626 0.0000  0.0000  0.0000  506 POL A H33  
806 H H33  D POL E .  ? 0.3791 0.3791 0.3791 0.0000  0.0000  0.0000  506 POL A H33  
807 O O    A POL F .  ? 0.1584 0.1693 0.1337 -0.0191 0.0109  -0.0615 507 POL A O    
808 O O    B POL F .  ? 0.1277 0.1576 0.1287 -0.0242 0.0580  -0.0321 507 POL A O    
809 C C1   A POL F .  ? 0.1280 0.2196 0.1805 -0.0346 0.0253  -0.0221 507 POL A C1   
810 C C1   B POL F .  ? 0.1488 0.2024 0.1620 0.0025  0.0443  -0.0129 507 POL A C1   
811 C C2   A POL F .  ? 0.1615 0.2270 0.1603 0.0105  0.0137  -0.0478 507 POL A C2   
812 C C2   B POL F .  ? 0.1512 0.2162 0.2108 -0.0207 0.0089  -0.0003 507 POL A C2   
813 C C3   A POL F .  ? 0.1511 0.3308 0.2701 0.0550  -0.0260 -0.0745 507 POL A C3   
814 C C3   B POL F .  ? 0.1893 0.2599 0.2649 -0.0169 -0.0380 0.0111  507 POL A C3   
815 H HO   A POL F .  ? 0.2308 0.2308 0.2308 0.0000  0.0000  0.0000  507 POL A HO   
816 H HO   B POL F .  ? 0.2071 0.2071 0.2071 0.0000  0.0000  0.0000  507 POL A HO   
817 H H11  A POL F .  ? 0.2111 0.2111 0.2111 0.0000  0.0000  0.0000  507 POL A H11  
818 H H11  B POL F .  ? 0.2053 0.2053 0.2053 0.0000  0.0000  0.0000  507 POL A H11  
819 H H12  A POL F .  ? 0.2111 0.2111 0.2111 0.0000  0.0000  0.0000  507 POL A H12  
820 H H12  B POL F .  ? 0.2053 0.2053 0.2053 0.0000  0.0000  0.0000  507 POL A H12  
821 H H21  A POL F .  ? 0.2195 0.2195 0.2195 0.0000  0.0000  0.0000  507 POL A H21  
822 H H21  B POL F .  ? 0.2313 0.2313 0.2313 0.0000  0.0000  0.0000  507 POL A H21  
823 H H22  A POL F .  ? 0.2195 0.2195 0.2195 0.0000  0.0000  0.0000  507 POL A H22  
824 H H22  B POL F .  ? 0.2313 0.2313 0.2313 0.0000  0.0000  0.0000  507 POL A H22  
825 H H31  A POL F .  ? 0.3760 0.3760 0.3760 0.0000  0.0000  0.0000  507 POL A H31  
826 H H31  B POL F .  ? 0.3570 0.3570 0.3570 0.0000  0.0000  0.0000  507 POL A H31  
827 H H32  A POL F .  ? 0.3760 0.3760 0.3760 0.0000  0.0000  0.0000  507 POL A H32  
828 H H32  B POL F .  ? 0.3570 0.3570 0.3570 0.0000  0.0000  0.0000  507 POL A H32  
829 H H33  A POL F .  ? 0.3760 0.3760 0.3760 0.0000  0.0000  0.0000  507 POL A H33  
830 H H33  B POL F .  ? 0.3570 0.3570 0.3570 0.0000  0.0000  0.0000  507 POL A H33  
831 O O    A POL G .  ? 0.1043 0.1872 0.1897 -0.0058 -0.0158 -0.0238 508 POL A O    
832 O O    B POL G .  ? 0.2657 0.2919 0.2018 0.0267  0.0470  -0.0155 508 POL A O    
833 C C1   A POL G .  ? 0.2272 0.2109 0.1855 0.0102  0.0093  -0.0235 508 POL A C1   
834 C C1   B POL G .  ? 0.2457 0.2494 0.2094 0.0040  0.0267  -0.0116 508 POL A C1   
835 C C2   A POL G .  ? 0.2616 0.2193 0.1756 0.0132  0.0093  0.0080  508 POL A C2   
836 C C2   B POL G .  ? 0.2876 0.2463 0.2393 0.0204  0.0078  -0.0032 508 POL A C2   
837 C C3   A POL G .  ? 0.3089 0.1523 0.2687 0.0399  -0.1013 0.0111  508 POL A C3   
838 C C3   B POL G .  ? 0.3798 0.2562 0.2298 0.0449  0.0072  -0.0029 508 POL A C3   
839 H HO   A POL G .  ? 0.2405 0.2405 0.2405 0.0000  0.0000  0.0000  508 POL A HO   
840 H HO   B POL G .  ? 0.3797 0.3797 0.3797 0.0000  0.0000  0.0000  508 POL A HO   
841 H H11  A POL G .  ? 0.2495 0.2495 0.2495 0.0000  0.0000  0.0000  508 POL A H11  
842 H H11  B POL G .  ? 0.2818 0.2818 0.2818 0.0000  0.0000  0.0000  508 POL A H11  
843 H H12  A POL G .  ? 0.2495 0.2495 0.2495 0.0000  0.0000  0.0000  508 POL A H12  
844 H H12  B POL G .  ? 0.2818 0.2818 0.2818 0.0000  0.0000  0.0000  508 POL A H12  
845 H H21  A POL G .  ? 0.2625 0.2625 0.2625 0.0000  0.0000  0.0000  508 POL A H21  
846 H H21  B POL G .  ? 0.3093 0.3093 0.3093 0.0000  0.0000  0.0000  508 POL A H21  
847 H H22  A POL G .  ? 0.2625 0.2625 0.2625 0.0000  0.0000  0.0000  508 POL A H22  
848 H H22  B POL G .  ? 0.3093 0.3093 0.3093 0.0000  0.0000  0.0000  508 POL A H22  
849 H H31  A POL G .  ? 0.3649 0.3649 0.3649 0.0000  0.0000  0.0000  508 POL A H31  
850 H H31  B POL G .  ? 0.4329 0.4329 0.4329 0.0000  0.0000  0.0000  508 POL A H31  
851 H H32  A POL G .  ? 0.3649 0.3649 0.3649 0.0000  0.0000  0.0000  508 POL A H32  
852 H H32  B POL G .  ? 0.4329 0.4329 0.4329 0.0000  0.0000  0.0000  508 POL A H32  
853 H H33  A POL G .  ? 0.3649 0.3649 0.3649 0.0000  0.0000  0.0000  508 POL A H33  
854 H H33  B POL G .  ? 0.4329 0.4329 0.4329 0.0000  0.0000  0.0000  508 POL A H33  
855 O O    A POL H .  ? 0.1663 0.2181 0.1649 -0.0523 -0.0154 0.0158  509 POL A O    
856 O O    B POL H .  ? 0.1763 0.2460 0.1756 -0.0393 -0.0292 -0.0124 509 POL A O    
857 C C1   A POL H .  ? 0.1869 0.2642 0.2421 0.0140  0.0296  -0.0059 509 POL A C1   
858 C C1   B POL H .  ? 0.2158 0.2748 0.2549 0.0029  0.0213  -0.0048 509 POL A C1   
859 C C2   A POL H .  ? 0.2534 0.2491 0.2759 0.0332  0.0146  -0.0052 509 POL A C2   
860 C C2   B POL H .  ? 0.2571 0.2729 0.2842 0.0144  0.0111  -0.0013 509 POL A C2   
861 C C3   A POL H .  ? 0.2687 0.2696 0.2771 0.0535  -0.0124 -0.0170 509 POL A C3   
862 C C3   B POL H .  ? 0.3018 0.2927 0.2632 0.0426  -0.0126 -0.0280 509 POL A C3   
863 H HO   A POL H .  ? 0.2747 0.2747 0.2747 0.0000  0.0000  0.0000  509 POL A HO   
864 H HO   B POL H .  ? 0.2990 0.2990 0.2990 0.0000  0.0000  0.0000  509 POL A HO   
865 H H11  A POL H .  ? 0.2772 0.2772 0.2772 0.0000  0.0000  0.0000  509 POL A H11  
866 H H11  B POL H .  ? 0.2981 0.2981 0.2981 0.0000  0.0000  0.0000  509 POL A H11  
867 H H12  A POL H .  ? 0.2772 0.2772 0.2772 0.0000  0.0000  0.0000  509 POL A H12  
868 H H12  B POL H .  ? 0.2981 0.2981 0.2981 0.0000  0.0000  0.0000  509 POL A H12  
869 H H21  A POL H .  ? 0.3113 0.3113 0.3113 0.0000  0.0000  0.0000  509 POL A H21  
870 H H21  B POL H .  ? 0.3256 0.3256 0.3256 0.0000  0.0000  0.0000  509 POL A H21  
871 H H22  A POL H .  ? 0.3113 0.3113 0.3113 0.0000  0.0000  0.0000  509 POL A H22  
872 H H22  B POL H .  ? 0.3256 0.3256 0.3256 0.0000  0.0000  0.0000  509 POL A H22  
873 H H31  A POL H .  ? 0.4077 0.4077 0.4077 0.0000  0.0000  0.0000  509 POL A H31  
874 H H31  B POL H .  ? 0.4288 0.4288 0.4288 0.0000  0.0000  0.0000  509 POL A H31  
875 H H32  A POL H .  ? 0.4077 0.4077 0.4077 0.0000  0.0000  0.0000  509 POL A H32  
876 H H32  B POL H .  ? 0.4288 0.4288 0.4288 0.0000  0.0000  0.0000  509 POL A H32  
877 H H33  A POL H .  ? 0.4077 0.4077 0.4077 0.0000  0.0000  0.0000  509 POL A H33  
878 H H33  B POL H .  ? 0.4288 0.4288 0.4288 0.0000  0.0000  0.0000  509 POL A H33  
879 O O    . POL I .  ? 0.1683 0.2220 0.1798 0.0485  0.0009  -0.0431 501 POL B O    
880 C C1   . POL I .  ? 0.1587 0.2058 0.1810 0.0499  0.0079  -0.0302 501 POL B C1   
881 C C2   . POL I .  ? 0.2371 0.1817 0.1614 0.0529  0.0132  0.0027  501 POL B C2   
882 C C3   . POL I .  ? 0.2603 0.1970 0.2013 0.0282  0.0027  -0.0145 501 POL B C3   
883 H HO   . POL I .  ? 0.2851 0.2851 0.2851 0.0000  0.0000  0.0000  501 POL B HO   
884 H H11  . POL I .  ? 0.2182 0.2182 0.2182 0.0000  0.0000  0.0000  501 POL B H11  
885 H H12  . POL I .  ? 0.2182 0.2182 0.2182 0.0000  0.0000  0.0000  501 POL B H12  
886 H H21  . POL I .  ? 0.2322 0.2322 0.2322 0.0000  0.0000  0.0000  501 POL B H21  
887 H H22  . POL I .  ? 0.2322 0.2322 0.2322 0.0000  0.0000  0.0000  501 POL B H22  
888 H H31  . POL I .  ? 0.3294 0.3294 0.3294 0.0000  0.0000  0.0000  501 POL B H31  
889 H H32  . POL I .  ? 0.3294 0.3294 0.3294 0.0000  0.0000  0.0000  501 POL B H32  
890 H H33  . POL I .  ? 0.3294 0.3294 0.3294 0.0000  0.0000  0.0000  501 POL B H33  
891 O O    A POL J .  ? 0.2474 0.2077 0.2336 0.0280  -0.0168 -0.0420 504 POL B O    
892 O O    B POL J .  ? 0.1081 0.0860 0.1245 0.0329  0.0104  -0.0321 504 POL B O    
893 C C1   A POL J .  ? 0.2206 0.1537 0.1955 0.0240  -0.0199 0.0214  504 POL B C1   
894 C C1   B POL J .  ? 0.1122 0.2001 0.1832 -0.0209 -0.0082 -0.0171 504 POL B C1   
895 C C2   A POL J .  ? 0.2292 0.1344 0.1924 0.0152  -0.0242 0.0149  504 POL B C2   
896 C C2   B POL J .  ? 0.1494 0.1613 0.2007 -0.0358 0.0079  0.0053  504 POL B C2   
897 C C3   A POL J .  ? 0.3088 0.1308 0.2344 -0.0142 -0.0042 -0.0207 504 POL B C3   
898 C C3   B POL J .  ? 0.1292 0.0948 0.2395 -0.0083 0.0131  0.0104  504 POL B C3   
899 H HO   A POL J .  ? 0.3444 0.3444 0.3444 0.0000  0.0000  0.0000  504 POL B HO   
900 H HO   B POL J .  ? 0.1593 0.1593 0.1593 0.0000  0.0000  0.0000  504 POL B HO   
901 H H11  A POL J .  ? 0.2280 0.2280 0.2280 0.0000  0.0000  0.0000  504 POL B H11  
902 H H11  B POL J .  ? 0.1982 0.1982 0.1982 0.0000  0.0000  0.0000  504 POL B H11  
903 H H12  A POL J .  ? 0.2280 0.2280 0.2280 0.0000  0.0000  0.0000  504 POL B H12  
904 H H12  B POL J .  ? 0.1982 0.1982 0.1982 0.0000  0.0000  0.0000  504 POL B H12  
905 H H21  A POL J .  ? 0.2224 0.2224 0.2224 0.0000  0.0000  0.0000  504 POL B H21  
906 H H21  B POL J .  ? 0.2047 0.2047 0.2047 0.0000  0.0000  0.0000  504 POL B H21  
907 H H22  A POL J .  ? 0.2224 0.2224 0.2224 0.0000  0.0000  0.0000  504 POL B H22  
908 H H22  B POL J .  ? 0.2047 0.2047 0.2047 0.0000  0.0000  0.0000  504 POL B H22  
909 H H31  A POL J .  ? 0.3370 0.3370 0.3370 0.0000  0.0000  0.0000  504 POL B H31  
910 H H31  B POL J .  ? 0.2318 0.2318 0.2318 0.0000  0.0000  0.0000  504 POL B H31  
911 H H32  A POL J .  ? 0.3370 0.3370 0.3370 0.0000  0.0000  0.0000  504 POL B H32  
912 H H32  B POL J .  ? 0.2318 0.2318 0.2318 0.0000  0.0000  0.0000  504 POL B H32  
913 H H33  A POL J .  ? 0.3370 0.3370 0.3370 0.0000  0.0000  0.0000  504 POL B H33  
914 H H33  B POL J .  ? 0.2318 0.2318 0.2318 0.0000  0.0000  0.0000  504 POL B H33  
915 O O    A POL K .  ? 0.1683 0.2869 0.1289 -0.0007 -0.0232 -0.0361 505 POL B O    
916 O O    B POL K .  ? 0.2076 0.3176 0.2435 0.0437  0.0195  -0.0146 505 POL B O    
917 C C1   A POL K .  ? 0.1808 0.2158 0.2026 0.0148  0.0120  0.0009  505 POL B C1   
918 C C1   B POL K .  ? 0.2201 0.2318 0.2357 0.0152  0.0083  0.0077  505 POL B C1   
919 C C2   A POL K .  ? 0.2014 0.2110 0.2395 -0.0054 -0.0091 0.0258  505 POL B C2   
920 C C2   B POL K .  ? 0.2320 0.2743 0.2565 -0.0219 -0.0070 0.0104  505 POL B C2   
921 C C3   A POL K .  ? 0.2628 0.2147 0.2129 -0.0375 0.0452  0.0292  505 POL B C3   
922 C C3   B POL K .  ? 0.3895 0.2369 0.3290 0.0087  0.0252  -0.0201 505 POL B C3   
923 H HO   A POL K .  ? 0.2921 0.2921 0.2921 0.0000  0.0000  0.0000  505 POL B HO   
924 H HO   B POL K .  ? 0.3843 0.3843 0.3843 0.0000  0.0000  0.0000  505 POL B HO   
925 H H11  A POL K .  ? 0.2396 0.2396 0.2396 0.0000  0.0000  0.0000  505 POL B H11  
926 H H11  B POL K .  ? 0.2751 0.2751 0.2751 0.0000  0.0000  0.0000  505 POL B H11  
927 H H12  A POL K .  ? 0.2396 0.2396 0.2396 0.0000  0.0000  0.0000  505 POL B H12  
928 H H12  B POL K .  ? 0.2751 0.2751 0.2751 0.0000  0.0000  0.0000  505 POL B H12  
929 H H21  A POL K .  ? 0.2608 0.2608 0.2608 0.0000  0.0000  0.0000  505 POL B H21  
930 H H21  B POL K .  ? 0.3051 0.3051 0.3051 0.0000  0.0000  0.0000  505 POL B H21  
931 H H22  A POL K .  ? 0.2608 0.2608 0.2608 0.0000  0.0000  0.0000  505 POL B H22  
932 H H22  B POL K .  ? 0.3051 0.3051 0.3051 0.0000  0.0000  0.0000  505 POL B H22  
933 H H31  A POL K .  ? 0.3451 0.3451 0.3451 0.0000  0.0000  0.0000  505 POL B H31  
934 H H31  B POL K .  ? 0.4777 0.4777 0.4777 0.0000  0.0000  0.0000  505 POL B H31  
935 H H32  A POL K .  ? 0.3451 0.3451 0.3451 0.0000  0.0000  0.0000  505 POL B H32  
936 H H32  B POL K .  ? 0.4777 0.4777 0.4777 0.0000  0.0000  0.0000  505 POL B H32  
937 H H33  A POL K .  ? 0.3451 0.3451 0.3451 0.0000  0.0000  0.0000  505 POL B H33  
938 H H33  B POL K .  ? 0.4777 0.4777 0.4777 0.0000  0.0000  0.0000  505 POL B H33  
939 O O    A POL L .  ? 0.2838 0.2387 0.3936 -0.0355 -0.0219 -0.0514 510 POL B O    
940 O O    B POL L .  ? 0.3638 0.2799 0.2826 0.0057  -0.0129 0.0754  510 POL B O    
941 C C1   A POL L .  ? 0.1967 0.1040 0.0726 0.0771  -0.0441 0.0025  510 POL B C1   
942 C C1   B POL L .  ? 0.2773 0.1957 0.2334 0.0547  -0.0434 -0.0376 510 POL B C1   
943 C C2   A POL L .  ? 0.3281 0.1115 0.2026 0.0509  -0.0293 -0.0260 510 POL B C2   
944 C C2   B POL L .  ? 0.2841 0.1973 0.1930 0.0218  -0.0045 -0.0501 510 POL B C2   
945 C C3   A POL L .  ? 0.3494 0.1574 0.2203 -0.0057 0.0103  -0.0325 510 POL B C3   
946 C C3   B POL L .  ? 0.1278 0.1188 0.1458 0.0244  0.0271  0.0216  510 POL B C3   
947 H HO   A POL L .  ? 0.4580 0.4580 0.4580 0.0000  0.0000  0.0000  510 POL B HO   
948 H HO   B POL L .  ? 0.4632 0.4632 0.4632 0.0000  0.0000  0.0000  510 POL B HO   
949 H H11  A POL L .  ? 0.1493 0.1493 0.1493 0.0000  0.0000  0.0000  510 POL B H11  
950 H H11  B POL L .  ? 0.2826 0.2826 0.2826 0.0000  0.0000  0.0000  510 POL B H11  
951 H H12  A POL L .  ? 0.1493 0.1493 0.1493 0.0000  0.0000  0.0000  510 POL B H12  
952 H H12  B POL L .  ? 0.2826 0.2826 0.2826 0.0000  0.0000  0.0000  510 POL B H12  
953 H H21  A POL L .  ? 0.2570 0.2570 0.2570 0.0000  0.0000  0.0000  510 POL B H21  
954 H H21  B POL L .  ? 0.2698 0.2698 0.2698 0.0000  0.0000  0.0000  510 POL B H21  
955 H H22  A POL L .  ? 0.2570 0.2570 0.2570 0.0000  0.0000  0.0000  510 POL B H22  
956 H H22  B POL L .  ? 0.2698 0.2698 0.2698 0.0000  0.0000  0.0000  510 POL B H22  
957 H H31  A POL L .  ? 0.3636 0.3636 0.3636 0.0000  0.0000  0.0000  510 POL B H31  
958 H H31  B POL L .  ? 0.1962 0.1962 0.1962 0.0000  0.0000  0.0000  510 POL B H31  
959 H H32  A POL L .  ? 0.3636 0.3636 0.3636 0.0000  0.0000  0.0000  510 POL B H32  
960 H H32  B POL L .  ? 0.1962 0.1962 0.1962 0.0000  0.0000  0.0000  510 POL B H32  
961 H H33  A POL L .  ? 0.3636 0.3636 0.3636 0.0000  0.0000  0.0000  510 POL B H33  
962 H H33  B POL L .  ? 0.1962 0.1962 0.1962 0.0000  0.0000  0.0000  510 POL B H33  
# 
